data_5Z11
# 
_entry.id   5Z11 
# 
_audit_conform.dict_name       mmcif_pdbx.dic 
_audit_conform.dict_version    5.397 
_audit_conform.dict_location   http://mmcif.pdb.org/dictionaries/ascii/mmcif_pdbx.dic 
# 
loop_
_database_2.database_id 
_database_2.database_code 
_database_2.pdbx_database_accession 
_database_2.pdbx_DOI 
PDB   5Z11         pdb_00005z11 10.2210/pdb5z11/pdb 
WWPDB D_1300006236 ?            ?                   
# 
loop_
_pdbx_audit_revision_history.ordinal 
_pdbx_audit_revision_history.data_content_type 
_pdbx_audit_revision_history.major_revision 
_pdbx_audit_revision_history.minor_revision 
_pdbx_audit_revision_history.revision_date 
1 'Structure model' 1 0 2018-04-11 
2 'Structure model' 1 1 2024-10-23 
# 
_pdbx_audit_revision_details.ordinal             1 
_pdbx_audit_revision_details.revision_ordinal    1 
_pdbx_audit_revision_details.data_content_type   'Structure model' 
_pdbx_audit_revision_details.provider            repository 
_pdbx_audit_revision_details.type                'Initial release' 
_pdbx_audit_revision_details.description         ? 
_pdbx_audit_revision_details.details             ? 
# 
loop_
_pdbx_audit_revision_group.ordinal 
_pdbx_audit_revision_group.revision_ordinal 
_pdbx_audit_revision_group.data_content_type 
_pdbx_audit_revision_group.group 
1 2 'Structure model' 'Data collection'     
2 2 'Structure model' 'Database references' 
3 2 'Structure model' 'Structure summary'   
# 
loop_
_pdbx_audit_revision_category.ordinal 
_pdbx_audit_revision_category.revision_ordinal 
_pdbx_audit_revision_category.data_content_type 
_pdbx_audit_revision_category.category 
1 2 'Structure model' chem_comp_atom            
2 2 'Structure model' chem_comp_bond            
3 2 'Structure model' database_2                
4 2 'Structure model' pdbx_entry_details        
5 2 'Structure model' pdbx_modification_feature 
# 
loop_
_pdbx_audit_revision_item.ordinal 
_pdbx_audit_revision_item.revision_ordinal 
_pdbx_audit_revision_item.data_content_type 
_pdbx_audit_revision_item.item 
1 2 'Structure model' '_database_2.pdbx_DOI'                
2 2 'Structure model' '_database_2.pdbx_database_accession' 
# 
_pdbx_database_status.status_code                     REL 
_pdbx_database_status.status_code_sf                  REL 
_pdbx_database_status.status_code_mr                  ? 
_pdbx_database_status.entry_id                        5Z11 
_pdbx_database_status.recvd_initial_deposition_date   2017-12-22 
_pdbx_database_status.SG_entry                        N 
_pdbx_database_status.deposit_site                    PDBJ 
_pdbx_database_status.process_site                    PDBJ 
_pdbx_database_status.status_code_cs                  ? 
_pdbx_database_status.methods_development_category    ? 
_pdbx_database_status.pdb_format_compatible           Y 
_pdbx_database_status.status_code_nmr_data            ? 
# 
_audit_author.name               'Wang, J.' 
_audit_author.pdbx_ordinal       1 
_audit_author.identifier_ORCID   0000-0001-8326-2492 
# 
_citation.abstract                  ? 
_citation.abstract_id_CAS           ? 
_citation.book_id_ISBN              ? 
_citation.book_publisher            ? 
_citation.book_publisher_city       ? 
_citation.book_title                ? 
_citation.coordinate_linkage        ? 
_citation.country                   ? 
_citation.database_id_Medline       ? 
_citation.details                   ? 
_citation.id                        primary 
_citation.journal_abbrev            'To Be Published' 
_citation.journal_id_ASTM           ? 
_citation.journal_id_CSD            0353 
_citation.journal_id_ISSN           ? 
_citation.journal_full              ? 
_citation.journal_issue             ? 
_citation.journal_volume            ? 
_citation.language                  ? 
_citation.page_first                ? 
_citation.page_last                 ? 
_citation.title                     
;Crystal Structure of the Grass Carp CD8 alpha  
alpha Homodimers Indicates a Dramatic Evolution of CD8 from Ectotherms to Endotherms.
;
_citation.year                      ? 
_citation.database_id_CSD           ? 
_citation.pdbx_database_id_DOI      ? 
_citation.pdbx_database_id_PubMed   ? 
_citation.unpublished_flag          ? 
# 
loop_
_citation_author.citation_id 
_citation_author.name 
_citation_author.ordinal 
_citation_author.identifier_ORCID 
primary 'Wang, J.'  1 ? 
primary 'Zhang, L.' 2 ? 
# 
loop_
_entity.id 
_entity.type 
_entity.src_method 
_entity.pdbx_description 
_entity.formula_weight 
_entity.pdbx_number_of_molecules 
_entity.pdbx_ec 
_entity.pdbx_mutation 
_entity.pdbx_fragment 
_entity.details 
1 polymer man 'CD8 alpha chain' 14164.089 2  ? ? ? ? 
2 water   nat water             18.015    38 ? ? ? ? 
# 
_entity_poly.entity_id                      1 
_entity_poly.type                           'polypeptide(L)' 
_entity_poly.nstd_linkage                   no 
_entity_poly.nstd_monomer                   no 
_entity_poly.pdbx_seq_one_letter_code       
;LSLFYGVSARIYKEGEKVQVDCDLKQSGTLTFWFRINSKGADYLFSVKSADIKENDLNSEHYTVNTNSGKVQLDIKSFKK
KTDSGVYVCAAMNSNKLFFGGLTRIEGEPDPTTIPPKIATTKPLPVTA
;
_entity_poly.pdbx_seq_one_letter_code_can   
;LSLFYGVSARIYKEGEKVQVDCDLKQSGTLTFWFRINSKGADYLFSVKSADIKENDLNSEHYTVNTNSGKVQLDIKSFKK
KTDSGVYVCAAMNSNKLFFGGLTRIEGEPDPTTIPPKIATTKPLPVTA
;
_entity_poly.pdbx_strand_id                 A,B 
_entity_poly.pdbx_target_identifier         ? 
# 
_pdbx_entity_nonpoly.entity_id   2 
_pdbx_entity_nonpoly.name        water 
_pdbx_entity_nonpoly.comp_id     HOH 
# 
loop_
_entity_poly_seq.entity_id 
_entity_poly_seq.num 
_entity_poly_seq.mon_id 
_entity_poly_seq.hetero 
1 1   LEU n 
1 2   SER n 
1 3   LEU n 
1 4   PHE n 
1 5   TYR n 
1 6   GLY n 
1 7   VAL n 
1 8   SER n 
1 9   ALA n 
1 10  ARG n 
1 11  ILE n 
1 12  TYR n 
1 13  LYS n 
1 14  GLU n 
1 15  GLY n 
1 16  GLU n 
1 17  LYS n 
1 18  VAL n 
1 19  GLN n 
1 20  VAL n 
1 21  ASP n 
1 22  CYS n 
1 23  ASP n 
1 24  LEU n 
1 25  LYS n 
1 26  GLN n 
1 27  SER n 
1 28  GLY n 
1 29  THR n 
1 30  LEU n 
1 31  THR n 
1 32  PHE n 
1 33  TRP n 
1 34  PHE n 
1 35  ARG n 
1 36  ILE n 
1 37  ASN n 
1 38  SER n 
1 39  LYS n 
1 40  GLY n 
1 41  ALA n 
1 42  ASP n 
1 43  TYR n 
1 44  LEU n 
1 45  PHE n 
1 46  SER n 
1 47  VAL n 
1 48  LYS n 
1 49  SER n 
1 50  ALA n 
1 51  ASP n 
1 52  ILE n 
1 53  LYS n 
1 54  GLU n 
1 55  ASN n 
1 56  ASP n 
1 57  LEU n 
1 58  ASN n 
1 59  SER n 
1 60  GLU n 
1 61  HIS n 
1 62  TYR n 
1 63  THR n 
1 64  VAL n 
1 65  ASN n 
1 66  THR n 
1 67  ASN n 
1 68  SER n 
1 69  GLY n 
1 70  LYS n 
1 71  VAL n 
1 72  GLN n 
1 73  LEU n 
1 74  ASP n 
1 75  ILE n 
1 76  LYS n 
1 77  SER n 
1 78  PHE n 
1 79  LYS n 
1 80  LYS n 
1 81  LYS n 
1 82  THR n 
1 83  ASP n 
1 84  SER n 
1 85  GLY n 
1 86  VAL n 
1 87  TYR n 
1 88  VAL n 
1 89  CYS n 
1 90  ALA n 
1 91  ALA n 
1 92  MET n 
1 93  ASN n 
1 94  SER n 
1 95  ASN n 
1 96  LYS n 
1 97  LEU n 
1 98  PHE n 
1 99  PHE n 
1 100 GLY n 
1 101 GLY n 
1 102 LEU n 
1 103 THR n 
1 104 ARG n 
1 105 ILE n 
1 106 GLU n 
1 107 GLY n 
1 108 GLU n 
1 109 PRO n 
1 110 ASP n 
1 111 PRO n 
1 112 THR n 
1 113 THR n 
1 114 ILE n 
1 115 PRO n 
1 116 PRO n 
1 117 LYS n 
1 118 ILE n 
1 119 ALA n 
1 120 THR n 
1 121 THR n 
1 122 LYS n 
1 123 PRO n 
1 124 LEU n 
1 125 PRO n 
1 126 VAL n 
1 127 THR n 
1 128 ALA n 
# 
_entity_src_gen.entity_id                          1 
_entity_src_gen.pdbx_src_id                        1 
_entity_src_gen.pdbx_alt_source_flag               sample 
_entity_src_gen.pdbx_seq_type                      'Biological sequence' 
_entity_src_gen.pdbx_beg_seq_num                   1 
_entity_src_gen.pdbx_end_seq_num                   128 
_entity_src_gen.gene_src_common_name               'Grass carp' 
_entity_src_gen.gene_src_genus                     ? 
_entity_src_gen.pdbx_gene_src_gene                 ? 
_entity_src_gen.gene_src_species                   ? 
_entity_src_gen.gene_src_strain                    ? 
_entity_src_gen.gene_src_tissue                    ? 
_entity_src_gen.gene_src_tissue_fraction           ? 
_entity_src_gen.gene_src_details                   ? 
_entity_src_gen.pdbx_gene_src_fragment             ? 
_entity_src_gen.pdbx_gene_src_scientific_name      'Ctenopharyngodon idella' 
_entity_src_gen.pdbx_gene_src_ncbi_taxonomy_id     7959 
_entity_src_gen.pdbx_gene_src_variant              ? 
_entity_src_gen.pdbx_gene_src_cell_line            ? 
_entity_src_gen.pdbx_gene_src_atcc                 ? 
_entity_src_gen.pdbx_gene_src_organ                ? 
_entity_src_gen.pdbx_gene_src_organelle            ? 
_entity_src_gen.pdbx_gene_src_cell                 ? 
_entity_src_gen.pdbx_gene_src_cellular_location    ? 
_entity_src_gen.host_org_common_name               ? 
_entity_src_gen.pdbx_host_org_scientific_name      'Escherichia coli' 
_entity_src_gen.pdbx_host_org_ncbi_taxonomy_id     562 
_entity_src_gen.host_org_genus                     ? 
_entity_src_gen.pdbx_host_org_gene                 ? 
_entity_src_gen.pdbx_host_org_organ                ? 
_entity_src_gen.host_org_species                   ? 
_entity_src_gen.pdbx_host_org_tissue               ? 
_entity_src_gen.pdbx_host_org_tissue_fraction      ? 
_entity_src_gen.pdbx_host_org_strain               ? 
_entity_src_gen.pdbx_host_org_variant              ? 
_entity_src_gen.pdbx_host_org_cell_line            ? 
_entity_src_gen.pdbx_host_org_atcc                 ? 
_entity_src_gen.pdbx_host_org_culture_collection   ? 
_entity_src_gen.pdbx_host_org_cell                 ? 
_entity_src_gen.pdbx_host_org_organelle            ? 
_entity_src_gen.pdbx_host_org_cellular_location    ? 
_entity_src_gen.pdbx_host_org_vector_type          ? 
_entity_src_gen.pdbx_host_org_vector               ? 
_entity_src_gen.host_org_details                   ? 
_entity_src_gen.expression_system_id               ? 
_entity_src_gen.plasmid_name                       ? 
_entity_src_gen.plasmid_details                    ? 
_entity_src_gen.pdbx_description                   ? 
# 
loop_
_chem_comp.id 
_chem_comp.type 
_chem_comp.mon_nstd_flag 
_chem_comp.name 
_chem_comp.pdbx_synonyms 
_chem_comp.formula 
_chem_comp.formula_weight 
ALA 'L-peptide linking' y ALANINE         ? 'C3 H7 N O2'     89.093  
ARG 'L-peptide linking' y ARGININE        ? 'C6 H15 N4 O2 1' 175.209 
ASN 'L-peptide linking' y ASPARAGINE      ? 'C4 H8 N2 O3'    132.118 
ASP 'L-peptide linking' y 'ASPARTIC ACID' ? 'C4 H7 N O4'     133.103 
CYS 'L-peptide linking' y CYSTEINE        ? 'C3 H7 N O2 S'   121.158 
GLN 'L-peptide linking' y GLUTAMINE       ? 'C5 H10 N2 O3'   146.144 
GLU 'L-peptide linking' y 'GLUTAMIC ACID' ? 'C5 H9 N O4'     147.129 
GLY 'peptide linking'   y GLYCINE         ? 'C2 H5 N O2'     75.067  
HIS 'L-peptide linking' y HISTIDINE       ? 'C6 H10 N3 O2 1' 156.162 
HOH non-polymer         . WATER           ? 'H2 O'           18.015  
ILE 'L-peptide linking' y ISOLEUCINE      ? 'C6 H13 N O2'    131.173 
LEU 'L-peptide linking' y LEUCINE         ? 'C6 H13 N O2'    131.173 
LYS 'L-peptide linking' y LYSINE          ? 'C6 H15 N2 O2 1' 147.195 
MET 'L-peptide linking' y METHIONINE      ? 'C5 H11 N O2 S'  149.211 
PHE 'L-peptide linking' y PHENYLALANINE   ? 'C9 H11 N O2'    165.189 
PRO 'L-peptide linking' y PROLINE         ? 'C5 H9 N O2'     115.130 
SER 'L-peptide linking' y SERINE          ? 'C3 H7 N O3'     105.093 
THR 'L-peptide linking' y THREONINE       ? 'C4 H9 N O3'     119.119 
TRP 'L-peptide linking' y TRYPTOPHAN      ? 'C11 H12 N2 O2'  204.225 
TYR 'L-peptide linking' y TYROSINE        ? 'C9 H11 N O3'    181.189 
VAL 'L-peptide linking' y VALINE          ? 'C5 H11 N O2'    117.146 
# 
loop_
_pdbx_poly_seq_scheme.asym_id 
_pdbx_poly_seq_scheme.entity_id 
_pdbx_poly_seq_scheme.seq_id 
_pdbx_poly_seq_scheme.mon_id 
_pdbx_poly_seq_scheme.ndb_seq_num 
_pdbx_poly_seq_scheme.pdb_seq_num 
_pdbx_poly_seq_scheme.auth_seq_num 
_pdbx_poly_seq_scheme.pdb_mon_id 
_pdbx_poly_seq_scheme.auth_mon_id 
_pdbx_poly_seq_scheme.pdb_strand_id 
_pdbx_poly_seq_scheme.pdb_ins_code 
_pdbx_poly_seq_scheme.hetero 
A 1 1   LEU 1   2   ?   ?   ?   A . n 
A 1 2   SER 2   3   ?   ?   ?   A . n 
A 1 3   LEU 3   4   ?   ?   ?   A . n 
A 1 4   PHE 4   5   ?   ?   ?   A . n 
A 1 5   TYR 5   6   ?   ?   ?   A . n 
A 1 6   GLY 6   7   7   GLY GLY A . n 
A 1 7   VAL 7   8   8   VAL VAL A . n 
A 1 8   SER 8   9   9   SER SER A . n 
A 1 9   ALA 9   10  10  ALA ALA A . n 
A 1 10  ARG 10  11  11  ARG ARG A . n 
A 1 11  ILE 11  12  12  ILE ILE A . n 
A 1 12  TYR 12  13  13  TYR TYR A . n 
A 1 13  LYS 13  14  14  LYS LYS A . n 
A 1 14  GLU 14  15  15  GLU GLU A . n 
A 1 15  GLY 15  16  16  GLY GLY A . n 
A 1 16  GLU 16  17  17  GLU GLU A . n 
A 1 17  LYS 17  18  18  LYS LYS A . n 
A 1 18  VAL 18  19  19  VAL VAL A . n 
A 1 19  GLN 19  20  20  GLN GLN A . n 
A 1 20  VAL 20  21  21  VAL VAL A . n 
A 1 21  ASP 21  22  22  ASP ASP A . n 
A 1 22  CYS 22  23  23  CYS CYS A . n 
A 1 23  ASP 23  24  24  ASP ASP A . n 
A 1 24  LEU 24  25  25  LEU LEU A . n 
A 1 25  LYS 25  26  26  LYS LYS A . n 
A 1 26  GLN 26  27  27  GLN GLN A . n 
A 1 27  SER 27  28  28  SER SER A . n 
A 1 28  GLY 28  29  29  GLY GLY A . n 
A 1 29  THR 29  30  30  THR THR A . n 
A 1 30  LEU 30  31  31  LEU LEU A . n 
A 1 31  THR 31  32  32  THR THR A . n 
A 1 32  PHE 32  33  33  PHE PHE A . n 
A 1 33  TRP 33  34  34  TRP TRP A . n 
A 1 34  PHE 34  35  35  PHE PHE A . n 
A 1 35  ARG 35  36  36  ARG ARG A . n 
A 1 36  ILE 36  37  37  ILE ILE A . n 
A 1 37  ASN 37  38  38  ASN ASN A . n 
A 1 38  SER 38  39  39  SER SER A . n 
A 1 39  LYS 39  40  40  LYS LYS A . n 
A 1 40  GLY 40  41  41  GLY GLY A . n 
A 1 41  ALA 41  42  42  ALA ALA A . n 
A 1 42  ASP 42  43  43  ASP ASP A . n 
A 1 43  TYR 43  44  44  TYR TYR A . n 
A 1 44  LEU 44  45  45  LEU LEU A . n 
A 1 45  PHE 45  46  46  PHE PHE A . n 
A 1 46  SER 46  47  47  SER SER A . n 
A 1 47  VAL 47  48  48  VAL VAL A . n 
A 1 48  LYS 48  49  49  LYS LYS A . n 
A 1 49  SER 49  50  50  SER SER A . n 
A 1 50  ALA 50  51  51  ALA ALA A . n 
A 1 51  ASP 51  52  52  ASP ASP A . n 
A 1 52  ILE 52  53  53  ILE ILE A . n 
A 1 53  LYS 53  54  54  LYS LYS A . n 
A 1 54  GLU 54  55  55  GLU GLU A . n 
A 1 55  ASN 55  56  56  ASN ASN A . n 
A 1 56  ASP 56  57  57  ASP ASP A . n 
A 1 57  LEU 57  58  58  LEU LEU A . n 
A 1 58  ASN 58  59  59  ASN ASN A . n 
A 1 59  SER 59  60  60  SER SER A . n 
A 1 60  GLU 60  61  61  GLU GLU A . n 
A 1 61  HIS 61  62  62  HIS HIS A . n 
A 1 62  TYR 62  63  63  TYR TYR A . n 
A 1 63  THR 63  64  64  THR THR A . n 
A 1 64  VAL 64  65  65  VAL VAL A . n 
A 1 65  ASN 65  66  66  ASN ASN A . n 
A 1 66  THR 66  67  67  THR THR A . n 
A 1 67  ASN 67  68  68  ASN ASN A . n 
A 1 68  SER 68  69  69  SER SER A . n 
A 1 69  GLY 69  70  70  GLY GLY A . n 
A 1 70  LYS 70  71  71  LYS LYS A . n 
A 1 71  VAL 71  72  72  VAL VAL A . n 
A 1 72  GLN 72  73  73  GLN GLN A . n 
A 1 73  LEU 73  74  74  LEU LEU A . n 
A 1 74  ASP 74  75  75  ASP ASP A . n 
A 1 75  ILE 75  76  76  ILE ILE A . n 
A 1 76  LYS 76  77  77  LYS LYS A . n 
A 1 77  SER 77  78  78  SER SER A . n 
A 1 78  PHE 78  79  79  PHE PHE A . n 
A 1 79  LYS 79  80  80  LYS LYS A . n 
A 1 80  LYS 80  81  81  LYS LYS A . n 
A 1 81  LYS 81  82  82  LYS LYS A . n 
A 1 82  THR 82  83  83  THR THR A . n 
A 1 83  ASP 83  84  84  ASP ASP A . n 
A 1 84  SER 84  85  85  SER SER A . n 
A 1 85  GLY 85  86  86  GLY GLY A . n 
A 1 86  VAL 86  87  87  VAL VAL A . n 
A 1 87  TYR 87  88  88  TYR TYR A . n 
A 1 88  VAL 88  89  89  VAL VAL A . n 
A 1 89  CYS 89  90  90  CYS CYS A . n 
A 1 90  ALA 90  91  91  ALA ALA A . n 
A 1 91  ALA 91  92  92  ALA ALA A . n 
A 1 92  MET 92  93  93  MET MET A . n 
A 1 93  ASN 93  94  94  ASN ASN A . n 
A 1 94  SER 94  95  95  SER SER A . n 
A 1 95  ASN 95  96  96  ASN ASN A . n 
A 1 96  LYS 96  97  97  LYS LYS A . n 
A 1 97  LEU 97  98  98  LEU LEU A . n 
A 1 98  PHE 98  99  99  PHE PHE A . n 
A 1 99  PHE 99  100 100 PHE PHE A . n 
A 1 100 GLY 100 101 101 GLY GLY A . n 
A 1 101 GLY 101 102 102 GLY GLY A . n 
A 1 102 LEU 102 103 103 LEU LEU A . n 
A 1 103 THR 103 104 104 THR THR A . n 
A 1 104 ARG 104 105 105 ARG ARG A . n 
A 1 105 ILE 105 106 106 ILE ILE A . n 
A 1 106 GLU 106 107 107 GLU GLU A . n 
A 1 107 GLY 107 108 108 GLY GLY A . n 
A 1 108 GLU 108 109 109 GLU GLU A . n 
A 1 109 PRO 109 110 110 PRO PRO A . n 
A 1 110 ASP 110 111 ?   ?   ?   A . n 
A 1 111 PRO 111 112 ?   ?   ?   A . n 
A 1 112 THR 112 113 ?   ?   ?   A . n 
A 1 113 THR 113 114 ?   ?   ?   A . n 
A 1 114 ILE 114 115 ?   ?   ?   A . n 
A 1 115 PRO 115 116 ?   ?   ?   A . n 
A 1 116 PRO 116 117 ?   ?   ?   A . n 
A 1 117 LYS 117 118 ?   ?   ?   A . n 
A 1 118 ILE 118 119 ?   ?   ?   A . n 
A 1 119 ALA 119 120 ?   ?   ?   A . n 
A 1 120 THR 120 121 ?   ?   ?   A . n 
A 1 121 THR 121 122 ?   ?   ?   A . n 
A 1 122 LYS 122 123 ?   ?   ?   A . n 
A 1 123 PRO 123 124 ?   ?   ?   A . n 
A 1 124 LEU 124 125 ?   ?   ?   A . n 
A 1 125 PRO 125 126 ?   ?   ?   A . n 
A 1 126 VAL 126 127 ?   ?   ?   A . n 
A 1 127 THR 127 128 ?   ?   ?   A . n 
A 1 128 ALA 128 129 ?   ?   ?   A . n 
B 1 1   LEU 1   2   ?   ?   ?   B . n 
B 1 2   SER 2   3   ?   ?   ?   B . n 
B 1 3   LEU 3   4   ?   ?   ?   B . n 
B 1 4   PHE 4   5   ?   ?   ?   B . n 
B 1 5   TYR 5   6   ?   ?   ?   B . n 
B 1 6   GLY 6   7   ?   ?   ?   B . n 
B 1 7   VAL 7   8   ?   ?   ?   B . n 
B 1 8   SER 8   9   ?   ?   ?   B . n 
B 1 9   ALA 9   10  10  ALA ALA B . n 
B 1 10  ARG 10  11  11  ARG ARG B . n 
B 1 11  ILE 11  12  12  ILE ILE B . n 
B 1 12  TYR 12  13  13  TYR TYR B . n 
B 1 13  LYS 13  14  14  LYS LYS B . n 
B 1 14  GLU 14  15  15  GLU GLU B . n 
B 1 15  GLY 15  16  16  GLY GLY B . n 
B 1 16  GLU 16  17  17  GLU GLU B . n 
B 1 17  LYS 17  18  18  LYS LYS B . n 
B 1 18  VAL 18  19  19  VAL VAL B . n 
B 1 19  GLN 19  20  20  GLN GLN B . n 
B 1 20  VAL 20  21  21  VAL VAL B . n 
B 1 21  ASP 21  22  22  ASP ASP B . n 
B 1 22  CYS 22  23  23  CYS CYS B . n 
B 1 23  ASP 23  24  24  ASP ASP B . n 
B 1 24  LEU 24  25  25  LEU LEU B . n 
B 1 25  LYS 25  26  26  LYS LYS B . n 
B 1 26  GLN 26  27  27  GLN GLN B . n 
B 1 27  SER 27  28  28  SER SER B . n 
B 1 28  GLY 28  29  29  GLY GLY B . n 
B 1 29  THR 29  30  30  THR THR B . n 
B 1 30  LEU 30  31  31  LEU LEU B . n 
B 1 31  THR 31  32  32  THR THR B . n 
B 1 32  PHE 32  33  33  PHE PHE B . n 
B 1 33  TRP 33  34  34  TRP TRP B . n 
B 1 34  PHE 34  35  35  PHE PHE B . n 
B 1 35  ARG 35  36  36  ARG ARG B . n 
B 1 36  ILE 36  37  37  ILE ILE B . n 
B 1 37  ASN 37  38  38  ASN ASN B . n 
B 1 38  SER 38  39  39  SER SER B . n 
B 1 39  LYS 39  40  40  LYS LYS B . n 
B 1 40  GLY 40  41  41  GLY GLY B . n 
B 1 41  ALA 41  42  42  ALA ALA B . n 
B 1 42  ASP 42  43  43  ASP ASP B . n 
B 1 43  TYR 43  44  44  TYR TYR B . n 
B 1 44  LEU 44  45  45  LEU LEU B . n 
B 1 45  PHE 45  46  46  PHE PHE B . n 
B 1 46  SER 46  47  47  SER SER B . n 
B 1 47  VAL 47  48  48  VAL VAL B . n 
B 1 48  LYS 48  49  49  LYS LYS B . n 
B 1 49  SER 49  50  50  SER SER B . n 
B 1 50  ALA 50  51  51  ALA ALA B . n 
B 1 51  ASP 51  52  52  ASP ASP B . n 
B 1 52  ILE 52  53  53  ILE ILE B . n 
B 1 53  LYS 53  54  54  LYS LYS B . n 
B 1 54  GLU 54  55  55  GLU GLU B . n 
B 1 55  ASN 55  56  56  ASN ASN B . n 
B 1 56  ASP 56  57  57  ASP ASP B . n 
B 1 57  LEU 57  58  58  LEU LEU B . n 
B 1 58  ASN 58  59  59  ASN ASN B . n 
B 1 59  SER 59  60  60  SER SER B . n 
B 1 60  GLU 60  61  61  GLU GLU B . n 
B 1 61  HIS 61  62  62  HIS HIS B . n 
B 1 62  TYR 62  63  63  TYR TYR B . n 
B 1 63  THR 63  64  64  THR THR B . n 
B 1 64  VAL 64  65  65  VAL VAL B . n 
B 1 65  ASN 65  66  66  ASN ASN B . n 
B 1 66  THR 66  67  67  THR THR B . n 
B 1 67  ASN 67  68  68  ASN ASN B . n 
B 1 68  SER 68  69  69  SER SER B . n 
B 1 69  GLY 69  70  70  GLY GLY B . n 
B 1 70  LYS 70  71  71  LYS LYS B . n 
B 1 71  VAL 71  72  72  VAL VAL B . n 
B 1 72  GLN 72  73  73  GLN GLN B . n 
B 1 73  LEU 73  74  74  LEU LEU B . n 
B 1 74  ASP 74  75  75  ASP ASP B . n 
B 1 75  ILE 75  76  76  ILE ILE B . n 
B 1 76  LYS 76  77  77  LYS LYS B . n 
B 1 77  SER 77  78  78  SER SER B . n 
B 1 78  PHE 78  79  79  PHE PHE B . n 
B 1 79  LYS 79  80  80  LYS LYS B . n 
B 1 80  LYS 80  81  81  LYS LYS B . n 
B 1 81  LYS 81  82  82  LYS LYS B . n 
B 1 82  THR 82  83  83  THR THR B . n 
B 1 83  ASP 83  84  84  ASP ASP B . n 
B 1 84  SER 84  85  85  SER SER B . n 
B 1 85  GLY 85  86  86  GLY GLY B . n 
B 1 86  VAL 86  87  87  VAL VAL B . n 
B 1 87  TYR 87  88  88  TYR TYR B . n 
B 1 88  VAL 88  89  89  VAL VAL B . n 
B 1 89  CYS 89  90  90  CYS CYS B . n 
B 1 90  ALA 90  91  91  ALA ALA B . n 
B 1 91  ALA 91  92  92  ALA ALA B . n 
B 1 92  MET 92  93  93  MET MET B . n 
B 1 93  ASN 93  94  94  ASN ASN B . n 
B 1 94  SER 94  95  95  SER SER B . n 
B 1 95  ASN 95  96  96  ASN ASN B . n 
B 1 96  LYS 96  97  97  LYS LYS B . n 
B 1 97  LEU 97  98  98  LEU LEU B . n 
B 1 98  PHE 98  99  99  PHE PHE B . n 
B 1 99  PHE 99  100 100 PHE PHE B . n 
B 1 100 GLY 100 101 101 GLY GLY B . n 
B 1 101 GLY 101 102 102 GLY GLY B . n 
B 1 102 LEU 102 103 103 LEU LEU B . n 
B 1 103 THR 103 104 104 THR THR B . n 
B 1 104 ARG 104 105 105 ARG ARG B . n 
B 1 105 ILE 105 106 106 ILE ILE B . n 
B 1 106 GLU 106 107 107 GLU GLU B . n 
B 1 107 GLY 107 108 108 GLY GLY B . n 
B 1 108 GLU 108 109 109 GLU GLU B . n 
B 1 109 PRO 109 110 ?   ?   ?   B . n 
B 1 110 ASP 110 111 ?   ?   ?   B . n 
B 1 111 PRO 111 112 ?   ?   ?   B . n 
B 1 112 THR 112 113 ?   ?   ?   B . n 
B 1 113 THR 113 114 ?   ?   ?   B . n 
B 1 114 ILE 114 115 ?   ?   ?   B . n 
B 1 115 PRO 115 116 ?   ?   ?   B . n 
B 1 116 PRO 116 117 ?   ?   ?   B . n 
B 1 117 LYS 117 118 ?   ?   ?   B . n 
B 1 118 ILE 118 119 ?   ?   ?   B . n 
B 1 119 ALA 119 120 ?   ?   ?   B . n 
B 1 120 THR 120 121 ?   ?   ?   B . n 
B 1 121 THR 121 122 ?   ?   ?   B . n 
B 1 122 LYS 122 123 ?   ?   ?   B . n 
B 1 123 PRO 123 124 ?   ?   ?   B . n 
B 1 124 LEU 124 125 ?   ?   ?   B . n 
B 1 125 PRO 125 126 ?   ?   ?   B . n 
B 1 126 VAL 126 127 ?   ?   ?   B . n 
B 1 127 THR 127 128 ?   ?   ?   B . n 
B 1 128 ALA 128 129 ?   ?   ?   B . n 
# 
loop_
_pdbx_nonpoly_scheme.asym_id 
_pdbx_nonpoly_scheme.entity_id 
_pdbx_nonpoly_scheme.mon_id 
_pdbx_nonpoly_scheme.ndb_seq_num 
_pdbx_nonpoly_scheme.pdb_seq_num 
_pdbx_nonpoly_scheme.auth_seq_num 
_pdbx_nonpoly_scheme.pdb_mon_id 
_pdbx_nonpoly_scheme.auth_mon_id 
_pdbx_nonpoly_scheme.pdb_strand_id 
_pdbx_nonpoly_scheme.pdb_ins_code 
C 2 HOH 1  201 27 HOH HOH A . 
C 2 HOH 2  202 24 HOH HOH A . 
C 2 HOH 3  203 30 HOH HOH A . 
C 2 HOH 4  204 37 HOH HOH A . 
C 2 HOH 5  205 9  HOH HOH A . 
C 2 HOH 6  206 5  HOH HOH A . 
C 2 HOH 7  207 4  HOH HOH A . 
C 2 HOH 8  208 8  HOH HOH A . 
C 2 HOH 9  209 11 HOH HOH A . 
C 2 HOH 10 210 38 HOH HOH A . 
C 2 HOH 11 211 22 HOH HOH A . 
C 2 HOH 12 212 7  HOH HOH A . 
C 2 HOH 13 213 20 HOH HOH A . 
C 2 HOH 14 214 13 HOH HOH A . 
D 2 HOH 1  201 1  HOH HOH B . 
D 2 HOH 2  202 36 HOH HOH B . 
D 2 HOH 3  203 16 HOH HOH B . 
D 2 HOH 4  204 18 HOH HOH B . 
D 2 HOH 5  205 32 HOH HOH B . 
D 2 HOH 6  206 28 HOH HOH B . 
D 2 HOH 7  207 34 HOH HOH B . 
D 2 HOH 8  208 15 HOH HOH B . 
D 2 HOH 9  209 25 HOH HOH B . 
D 2 HOH 10 210 33 HOH HOH B . 
D 2 HOH 11 211 12 HOH HOH B . 
D 2 HOH 12 212 17 HOH HOH B . 
D 2 HOH 13 213 14 HOH HOH B . 
D 2 HOH 14 214 26 HOH HOH B . 
D 2 HOH 15 215 29 HOH HOH B . 
D 2 HOH 16 216 21 HOH HOH B . 
D 2 HOH 17 217 3  HOH HOH B . 
D 2 HOH 18 218 19 HOH HOH B . 
D 2 HOH 19 219 31 HOH HOH B . 
D 2 HOH 20 220 23 HOH HOH B . 
D 2 HOH 21 221 10 HOH HOH B . 
D 2 HOH 22 222 6  HOH HOH B . 
D 2 HOH 23 223 2  HOH HOH B . 
D 2 HOH 24 224 35 HOH HOH B . 
# 
loop_
_software.citation_id 
_software.classification 
_software.compiler_name 
_software.compiler_version 
_software.contact_author 
_software.contact_author_email 
_software.date 
_software.description 
_software.dependencies 
_software.hardware 
_software.language 
_software.location 
_software.mods 
_software.name 
_software.os 
_software.os_version 
_software.type 
_software.version 
_software.pdbx_ordinal 
? refinement       ? ? ? ? ? ? ? ? ? ? ? REFMAC   ? ? ? 5.8.0189 1 
? 'data reduction' ? ? ? ? ? ? ? ? ? ? ? HKL-2000 ? ? ? .        2 
? 'data scaling'   ? ? ? ? ? ? ? ? ? ? ? HKL-2000 ? ? ? .        3 
? phasing          ? ? ? ? ? ? ? ? ? ? ? PHASER   ? ? ? .        4 
# 
_cell.angle_alpha                  90.00 
_cell.angle_alpha_esd              ? 
_cell.angle_beta                   90.00 
_cell.angle_beta_esd               ? 
_cell.angle_gamma                  90.00 
_cell.angle_gamma_esd              ? 
_cell.entry_id                     5Z11 
_cell.details                      ? 
_cell.formula_units_Z              ? 
_cell.length_a                     47.910 
_cell.length_a_esd                 ? 
_cell.length_b                     47.910 
_cell.length_b_esd                 ? 
_cell.length_c                     242.970 
_cell.length_c_esd                 ? 
_cell.volume                       ? 
_cell.volume_esd                   ? 
_cell.Z_PDB                        16 
_cell.reciprocal_angle_alpha       ? 
_cell.reciprocal_angle_beta        ? 
_cell.reciprocal_angle_gamma       ? 
_cell.reciprocal_angle_alpha_esd   ? 
_cell.reciprocal_angle_beta_esd    ? 
_cell.reciprocal_angle_gamma_esd   ? 
_cell.reciprocal_length_a          ? 
_cell.reciprocal_length_b          ? 
_cell.reciprocal_length_c          ? 
_cell.reciprocal_length_a_esd      ? 
_cell.reciprocal_length_b_esd      ? 
_cell.reciprocal_length_c_esd      ? 
_cell.pdbx_unique_axis             ? 
# 
_symmetry.entry_id                         5Z11 
_symmetry.cell_setting                     ? 
_symmetry.Int_Tables_number                92 
_symmetry.space_group_name_Hall            ? 
_symmetry.space_group_name_H-M             'P 41 21 2' 
_symmetry.pdbx_full_space_group_name_H-M   ? 
# 
_exptl.absorpt_coefficient_mu     ? 
_exptl.absorpt_correction_T_max   ? 
_exptl.absorpt_correction_T_min   ? 
_exptl.absorpt_correction_type    ? 
_exptl.absorpt_process_details    ? 
_exptl.entry_id                   5Z11 
_exptl.crystals_number            1 
_exptl.details                    ? 
_exptl.method                     'X-RAY DIFFRACTION' 
_exptl.method_details             ? 
# 
_exptl_crystal.colour                      ? 
_exptl_crystal.density_diffrn              ? 
_exptl_crystal.density_Matthews            2.46 
_exptl_crystal.density_method              ? 
_exptl_crystal.density_percent_sol         50.02 
_exptl_crystal.description                 ? 
_exptl_crystal.F_000                       ? 
_exptl_crystal.id                          1 
_exptl_crystal.preparation                 ? 
_exptl_crystal.size_max                    ? 
_exptl_crystal.size_mid                    ? 
_exptl_crystal.size_min                    ? 
_exptl_crystal.size_rad                    ? 
_exptl_crystal.colour_lustre               ? 
_exptl_crystal.colour_modifier             ? 
_exptl_crystal.colour_primary              ? 
_exptl_crystal.density_meas                ? 
_exptl_crystal.density_meas_esd            ? 
_exptl_crystal.density_meas_gt             ? 
_exptl_crystal.density_meas_lt             ? 
_exptl_crystal.density_meas_temp           ? 
_exptl_crystal.density_meas_temp_esd       ? 
_exptl_crystal.density_meas_temp_gt        ? 
_exptl_crystal.density_meas_temp_lt        ? 
_exptl_crystal.pdbx_crystal_image_url      ? 
_exptl_crystal.pdbx_crystal_image_format   ? 
_exptl_crystal.pdbx_mosaicity              ? 
_exptl_crystal.pdbx_mosaicity_esd          ? 
# 
_exptl_crystal_grow.apparatus       ? 
_exptl_crystal_grow.atmosphere      ? 
_exptl_crystal_grow.crystal_id      1 
_exptl_crystal_grow.details         ? 
_exptl_crystal_grow.method          'VAPOR DIFFUSION, HANGING DROP' 
_exptl_crystal_grow.method_ref      ? 
_exptl_crystal_grow.pH              ? 
_exptl_crystal_grow.pressure        ? 
_exptl_crystal_grow.pressure_esd    ? 
_exptl_crystal_grow.seeding         ? 
_exptl_crystal_grow.seeding_ref     ? 
_exptl_crystal_grow.temp            291 
_exptl_crystal_grow.temp_details    ? 
_exptl_crystal_grow.temp_esd        ? 
_exptl_crystal_grow.time            ? 
_exptl_crystal_grow.pdbx_details    '0.2M Ammonium phosphate monobasic, 20%(w/v) Polyethylene glycol 3,350' 
_exptl_crystal_grow.pdbx_pH_range   ? 
# 
_diffrn.ambient_environment    ? 
_diffrn.ambient_temp           100 
_diffrn.ambient_temp_details   ? 
_diffrn.ambient_temp_esd       ? 
_diffrn.crystal_id             1 
_diffrn.crystal_support        ? 
_diffrn.crystal_treatment      ? 
_diffrn.details                ? 
_diffrn.id                     1 
_diffrn.ambient_pressure       ? 
_diffrn.ambient_pressure_esd   ? 
_diffrn.ambient_pressure_gt    ? 
_diffrn.ambient_pressure_lt    ? 
_diffrn.ambient_temp_gt        ? 
_diffrn.ambient_temp_lt        ? 
# 
_diffrn_detector.details                      ? 
_diffrn_detector.detector                     CCD 
_diffrn_detector.diffrn_id                    1 
_diffrn_detector.type                         'Nonius Kappa CCD' 
_diffrn_detector.area_resol_mean              ? 
_diffrn_detector.dtime                        ? 
_diffrn_detector.pdbx_frames_total            ? 
_diffrn_detector.pdbx_collection_time_total   ? 
_diffrn_detector.pdbx_collection_date         2016-07-19 
# 
_diffrn_radiation.collimation                      ? 
_diffrn_radiation.diffrn_id                        1 
_diffrn_radiation.filter_edge                      ? 
_diffrn_radiation.inhomogeneity                    ? 
_diffrn_radiation.monochromator                    ? 
_diffrn_radiation.polarisn_norm                    ? 
_diffrn_radiation.polarisn_ratio                   ? 
_diffrn_radiation.probe                            ? 
_diffrn_radiation.type                             ? 
_diffrn_radiation.xray_symbol                      ? 
_diffrn_radiation.wavelength_id                    1 
_diffrn_radiation.pdbx_monochromatic_or_laue_m_l   M 
_diffrn_radiation.pdbx_wavelength_list             ? 
_diffrn_radiation.pdbx_wavelength                  ? 
_diffrn_radiation.pdbx_diffrn_protocol             'SINGLE WAVELENGTH' 
_diffrn_radiation.pdbx_analyzer                    ? 
_diffrn_radiation.pdbx_scattering_type             x-ray 
# 
_diffrn_radiation_wavelength.id           1 
_diffrn_radiation_wavelength.wavelength   0.987 
_diffrn_radiation_wavelength.wt           1.0 
# 
_diffrn_source.current                     ? 
_diffrn_source.details                     ? 
_diffrn_source.diffrn_id                   1 
_diffrn_source.power                       ? 
_diffrn_source.size                        ? 
_diffrn_source.source                      'ROTATING ANODE' 
_diffrn_source.target                      ? 
_diffrn_source.type                        RIGAKU 
_diffrn_source.voltage                     ? 
_diffrn_source.take-off_angle              ? 
_diffrn_source.pdbx_wavelength_list        0.987 
_diffrn_source.pdbx_wavelength             ? 
_diffrn_source.pdbx_synchrotron_beamline   ? 
_diffrn_source.pdbx_synchrotron_site       ? 
# 
_reflns.B_iso_Wilson_estimate            ? 
_reflns.entry_id                         5Z11 
_reflns.data_reduction_details           ? 
_reflns.data_reduction_method            ? 
_reflns.d_resolution_high                2.35 
_reflns.d_resolution_low                 50 
_reflns.details                          ? 
_reflns.limit_h_max                      ? 
_reflns.limit_h_min                      ? 
_reflns.limit_k_max                      ? 
_reflns.limit_k_min                      ? 
_reflns.limit_l_max                      ? 
_reflns.limit_l_min                      ? 
_reflns.number_all                       ? 
_reflns.number_obs                       12041 
_reflns.observed_criterion               ? 
_reflns.observed_criterion_F_max         ? 
_reflns.observed_criterion_F_min         ? 
_reflns.observed_criterion_I_max         ? 
_reflns.observed_criterion_I_min         ? 
_reflns.observed_criterion_sigma_F       ? 
_reflns.observed_criterion_sigma_I       ? 
_reflns.percent_possible_obs             99.8 
_reflns.R_free_details                   ? 
_reflns.Rmerge_F_all                     ? 
_reflns.Rmerge_F_obs                     ? 
_reflns.Friedel_coverage                 ? 
_reflns.number_gt                        ? 
_reflns.threshold_expression             ? 
_reflns.pdbx_redundancy                  12.4 
_reflns.pdbx_Rmerge_I_obs                ? 
_reflns.pdbx_Rmerge_I_all                ? 
_reflns.pdbx_Rsym_value                  ? 
_reflns.pdbx_netI_over_av_sigmaI         ? 
_reflns.pdbx_netI_over_sigmaI            5.4 
_reflns.pdbx_res_netI_over_av_sigmaI_2   ? 
_reflns.pdbx_res_netI_over_sigmaI_2      ? 
_reflns.pdbx_chi_squared                 ? 
_reflns.pdbx_scaling_rejects             ? 
_reflns.pdbx_d_res_high_opt              ? 
_reflns.pdbx_d_res_low_opt               ? 
_reflns.pdbx_d_res_opt_method            ? 
_reflns.phase_calculation_details        ? 
_reflns.pdbx_Rrim_I_all                  ? 
_reflns.pdbx_Rpim_I_all                  ? 
_reflns.pdbx_d_opt                       ? 
_reflns.pdbx_number_measured_all         ? 
_reflns.pdbx_diffrn_id                   1 
_reflns.pdbx_ordinal                     1 
_reflns.pdbx_CC_half                     ? 
_reflns.pdbx_R_split                     ? 
# 
_reflns_shell.d_res_high                  2.35 
_reflns_shell.d_res_low                   2.48 
_reflns_shell.meanI_over_sigI_all         ? 
_reflns_shell.meanI_over_sigI_obs         ? 
_reflns_shell.number_measured_all         ? 
_reflns_shell.number_measured_obs         ? 
_reflns_shell.number_possible             ? 
_reflns_shell.number_unique_all           ? 
_reflns_shell.number_unique_obs           ? 
_reflns_shell.percent_possible_all        99.8 
_reflns_shell.percent_possible_obs        ? 
_reflns_shell.Rmerge_F_all                ? 
_reflns_shell.Rmerge_F_obs                ? 
_reflns_shell.Rmerge_I_all                ? 
_reflns_shell.Rmerge_I_obs                ? 
_reflns_shell.meanI_over_sigI_gt          ? 
_reflns_shell.meanI_over_uI_all           ? 
_reflns_shell.meanI_over_uI_gt            ? 
_reflns_shell.number_measured_gt          ? 
_reflns_shell.number_unique_gt            ? 
_reflns_shell.percent_possible_gt         ? 
_reflns_shell.Rmerge_F_gt                 ? 
_reflns_shell.Rmerge_I_gt                 ? 
_reflns_shell.pdbx_redundancy             ? 
_reflns_shell.pdbx_Rsym_value             ? 
_reflns_shell.pdbx_chi_squared            ? 
_reflns_shell.pdbx_netI_over_sigmaI_all   ? 
_reflns_shell.pdbx_netI_over_sigmaI_obs   ? 
_reflns_shell.pdbx_Rrim_I_all             ? 
_reflns_shell.pdbx_Rpim_I_all             ? 
_reflns_shell.pdbx_rejects                ? 
_reflns_shell.pdbx_ordinal                1 
_reflns_shell.pdbx_diffrn_id              1 
_reflns_shell.pdbx_CC_half                ? 
_reflns_shell.pdbx_R_split                ? 
# 
_refine.aniso_B[1][1]                            0.00 
_refine.aniso_B[1][2]                            0.00 
_refine.aniso_B[1][3]                            -0.00 
_refine.aniso_B[2][2]                            0.00 
_refine.aniso_B[2][3]                            -0.00 
_refine.aniso_B[3][3]                            -0.00 
_refine.B_iso_max                                ? 
_refine.B_iso_mean                               51.679 
_refine.B_iso_min                                ? 
_refine.correlation_coeff_Fo_to_Fc               0.948 
_refine.correlation_coeff_Fo_to_Fc_free          0.916 
_refine.details                                  'HYDROGENS HAVE BEEN ADDED IN THE RIDING POSITIONS' 
_refine.diff_density_max                         ? 
_refine.diff_density_max_esd                     ? 
_refine.diff_density_min                         ? 
_refine.diff_density_min_esd                     ? 
_refine.diff_density_rms                         ? 
_refine.diff_density_rms_esd                     ? 
_refine.entry_id                                 5Z11 
_refine.pdbx_refine_id                           'X-RAY DIFFRACTION' 
_refine.ls_abs_structure_details                 ? 
_refine.ls_abs_structure_Flack                   ? 
_refine.ls_abs_structure_Flack_esd               ? 
_refine.ls_abs_structure_Rogers                  ? 
_refine.ls_abs_structure_Rogers_esd              ? 
_refine.ls_d_res_high                            2.35 
_refine.ls_d_res_low                             47.00 
_refine.ls_extinction_coef                       ? 
_refine.ls_extinction_coef_esd                   ? 
_refine.ls_extinction_expression                 ? 
_refine.ls_extinction_method                     ? 
_refine.ls_goodness_of_fit_all                   ? 
_refine.ls_goodness_of_fit_all_esd               ? 
_refine.ls_goodness_of_fit_obs                   ? 
_refine.ls_goodness_of_fit_obs_esd               ? 
_refine.ls_hydrogen_treatment                    ? 
_refine.ls_matrix_type                           ? 
_refine.ls_number_constraints                    ? 
_refine.ls_number_parameters                     ? 
_refine.ls_number_reflns_all                     ? 
_refine.ls_number_reflns_obs                     12041 
_refine.ls_number_reflns_R_free                  612 
_refine.ls_number_reflns_R_work                  ? 
_refine.ls_number_restraints                     ? 
_refine.ls_percent_reflns_obs                    99.45 
_refine.ls_percent_reflns_R_free                 4.8 
_refine.ls_R_factor_all                          ? 
_refine.ls_R_factor_obs                          0.20308 
_refine.ls_R_factor_R_free                       0.25804 
_refine.ls_R_factor_R_free_error                 ? 
_refine.ls_R_factor_R_free_error_details         ? 
_refine.ls_R_factor_R_work                       0.20027 
_refine.ls_R_Fsqd_factor_obs                     ? 
_refine.ls_R_I_factor_obs                        ? 
_refine.ls_redundancy_reflns_all                 ? 
_refine.ls_redundancy_reflns_obs                 ? 
_refine.ls_restrained_S_all                      ? 
_refine.ls_restrained_S_obs                      ? 
_refine.ls_shift_over_esd_max                    ? 
_refine.ls_shift_over_esd_mean                   ? 
_refine.ls_structure_factor_coef                 ? 
_refine.ls_weighting_details                     ? 
_refine.ls_weighting_scheme                      ? 
_refine.ls_wR_factor_all                         ? 
_refine.ls_wR_factor_obs                         ? 
_refine.ls_wR_factor_R_free                      ? 
_refine.ls_wR_factor_R_work                      ? 
_refine.occupancy_max                            ? 
_refine.occupancy_min                            ? 
_refine.solvent_model_details                    ? 
_refine.solvent_model_param_bsol                 ? 
_refine.solvent_model_param_ksol                 ? 
_refine.ls_R_factor_gt                           ? 
_refine.ls_goodness_of_fit_gt                    ? 
_refine.ls_goodness_of_fit_ref                   ? 
_refine.ls_shift_over_su_max                     ? 
_refine.ls_shift_over_su_max_lt                  ? 
_refine.ls_shift_over_su_mean                    ? 
_refine.ls_shift_over_su_mean_lt                 ? 
_refine.pdbx_ls_sigma_I                          ? 
_refine.pdbx_ls_sigma_F                          ? 
_refine.pdbx_ls_sigma_Fsqd                       ? 
_refine.pdbx_data_cutoff_high_absF               ? 
_refine.pdbx_data_cutoff_high_rms_absF           ? 
_refine.pdbx_data_cutoff_low_absF                ? 
_refine.pdbx_isotropic_thermal_model             ? 
_refine.pdbx_ls_cross_valid_method               THROUGHOUT 
_refine.pdbx_method_to_determine_struct          SAD 
_refine.pdbx_starting_model                      ? 
_refine.pdbx_stereochemistry_target_values       ? 
_refine.pdbx_R_Free_selection_details            RANDOM 
_refine.pdbx_stereochem_target_val_spec_case     ? 
_refine.pdbx_overall_ESU_R                       0.264 
_refine.pdbx_overall_ESU_R_Free                  0.229 
_refine.pdbx_solvent_vdw_probe_radii             1.20 
_refine.pdbx_solvent_ion_probe_radii             0.80 
_refine.pdbx_solvent_shrinkage_radii             0.80 
_refine.pdbx_real_space_R                        ? 
_refine.pdbx_density_correlation                 ? 
_refine.pdbx_pd_number_of_powder_patterns        ? 
_refine.pdbx_pd_number_of_points                 ? 
_refine.pdbx_pd_meas_number_of_points            ? 
_refine.pdbx_pd_proc_ls_prof_R_factor            ? 
_refine.pdbx_pd_proc_ls_prof_wR_factor           ? 
_refine.pdbx_pd_Marquardt_correlation_coeff      ? 
_refine.pdbx_pd_Fsqrd_R_factor                   ? 
_refine.pdbx_pd_ls_matrix_band_width             ? 
_refine.pdbx_overall_phase_error                 ? 
_refine.pdbx_overall_SU_R_free_Cruickshank_DPI   ? 
_refine.pdbx_overall_SU_R_free_Blow_DPI          ? 
_refine.pdbx_overall_SU_R_Blow_DPI               ? 
_refine.pdbx_TLS_residual_ADP_flag               ? 
_refine.pdbx_diffrn_id                           1 
_refine.overall_SU_B                             6.422 
_refine.overall_SU_ML                            0.155 
_refine.overall_SU_R_Cruickshank_DPI             ? 
_refine.overall_SU_R_free                        ? 
_refine.overall_FOM_free_R_set                   ? 
_refine.overall_FOM_work_R_set                   ? 
_refine.pdbx_average_fsc_overall                 ? 
_refine.pdbx_average_fsc_work                    ? 
_refine.pdbx_average_fsc_free                    ? 
# 
_refine_hist.pdbx_refine_id                   'X-RAY DIFFRACTION' 
_refine_hist.cycle_id                         1 
_refine_hist.pdbx_number_atoms_protein        1604 
_refine_hist.pdbx_number_atoms_nucleic_acid   0 
_refine_hist.pdbx_number_atoms_ligand         0 
_refine_hist.number_atoms_solvent             38 
_refine_hist.number_atoms_total               1642 
_refine_hist.d_res_high                       2.35 
_refine_hist.d_res_low                        47.00 
# 
loop_
_refine_ls_restr.pdbx_refine_id 
_refine_ls_restr.criterion 
_refine_ls_restr.dev_ideal 
_refine_ls_restr.dev_ideal_target 
_refine_ls_restr.number 
_refine_ls_restr.rejects 
_refine_ls_restr.type 
_refine_ls_restr.weight 
_refine_ls_restr.pdbx_restraint_function 
'X-RAY DIFFRACTION' ? 0.018  0.020  1641 ? r_bond_refined_d             ? ? 
'X-RAY DIFFRACTION' ? 0.002  0.020  1519 ? r_bond_other_d               ? ? 
'X-RAY DIFFRACTION' ? 1.903  1.946  2205 ? r_angle_refined_deg          ? ? 
'X-RAY DIFFRACTION' ? 0.981  3.003  3537 ? r_angle_other_deg            ? ? 
'X-RAY DIFFRACTION' ? 7.352  5.000  206  ? r_dihedral_angle_1_deg       ? ? 
'X-RAY DIFFRACTION' ? 36.834 25.263 76   ? r_dihedral_angle_2_deg       ? ? 
'X-RAY DIFFRACTION' ? 15.353 15.000 308  ? r_dihedral_angle_3_deg       ? ? 
'X-RAY DIFFRACTION' ? 29.286 15.000 6    ? r_dihedral_angle_4_deg       ? ? 
'X-RAY DIFFRACTION' ? 0.110  0.200  240  ? r_chiral_restr               ? ? 
'X-RAY DIFFRACTION' ? 0.008  0.020  1823 ? r_gen_planes_refined         ? ? 
'X-RAY DIFFRACTION' ? 0.001  0.020  335  ? r_gen_planes_other           ? ? 
'X-RAY DIFFRACTION' ? ?      ?      ?    ? r_nbd_refined                ? ? 
'X-RAY DIFFRACTION' ? ?      ?      ?    ? r_nbd_other                  ? ? 
'X-RAY DIFFRACTION' ? ?      ?      ?    ? r_nbtor_refined              ? ? 
'X-RAY DIFFRACTION' ? ?      ?      ?    ? r_nbtor_other                ? ? 
'X-RAY DIFFRACTION' ? ?      ?      ?    ? r_xyhbond_nbd_refined        ? ? 
'X-RAY DIFFRACTION' ? ?      ?      ?    ? r_xyhbond_nbd_other          ? ? 
'X-RAY DIFFRACTION' ? ?      ?      ?    ? r_metal_ion_refined          ? ? 
'X-RAY DIFFRACTION' ? ?      ?      ?    ? r_metal_ion_other            ? ? 
'X-RAY DIFFRACTION' ? ?      ?      ?    ? r_symmetry_vdw_refined       ? ? 
'X-RAY DIFFRACTION' ? ?      ?      ?    ? r_symmetry_vdw_other         ? ? 
'X-RAY DIFFRACTION' ? ?      ?      ?    ? r_symmetry_hbond_refined     ? ? 
'X-RAY DIFFRACTION' ? ?      ?      ?    ? r_symmetry_hbond_other       ? ? 
'X-RAY DIFFRACTION' ? ?      ?      ?    ? r_symmetry_metal_ion_refined ? ? 
'X-RAY DIFFRACTION' ? ?      ?      ?    ? r_symmetry_metal_ion_other   ? ? 
'X-RAY DIFFRACTION' ? 4.436  4.768  818  ? r_mcbond_it                  ? ? 
'X-RAY DIFFRACTION' ? 4.433  4.763  817  ? r_mcbond_other               ? ? 
'X-RAY DIFFRACTION' ? 6.185  7.127  1020 ? r_mcangle_it                 ? ? 
'X-RAY DIFFRACTION' ? 6.183  7.133  1021 ? r_mcangle_other              ? ? 
'X-RAY DIFFRACTION' ? 6.200  5.469  823  ? r_scbond_it                  ? ? 
'X-RAY DIFFRACTION' ? 6.199  5.460  821  ? r_scbond_other               ? ? 
'X-RAY DIFFRACTION' ? ?      ?      ?    ? r_scangle_it                 ? ? 
'X-RAY DIFFRACTION' ? 9.327  7.826  1183 ? r_scangle_other              ? ? 
'X-RAY DIFFRACTION' ? 11.207 53.705 1703 ? r_long_range_B_refined       ? ? 
'X-RAY DIFFRACTION' ? 11.214 53.716 1700 ? r_long_range_B_other         ? ? 
'X-RAY DIFFRACTION' ? ?      ?      ?    ? r_rigid_bond_restr           ? ? 
'X-RAY DIFFRACTION' ? ?      ?      ?    ? r_sphericity_free            ? ? 
'X-RAY DIFFRACTION' ? ?      ?      ?    ? r_sphericity_bonded          ? ? 
# 
_refine_ls_shell.pdbx_refine_id                   'X-RAY DIFFRACTION' 
_refine_ls_shell.d_res_high                       2.350 
_refine_ls_shell.d_res_low                        2.411 
_refine_ls_shell.number_reflns_all                ? 
_refine_ls_shell.number_reflns_obs                ? 
_refine_ls_shell.number_reflns_R_free             48 
_refine_ls_shell.number_reflns_R_work             882 
_refine_ls_shell.percent_reflns_obs               99.89 
_refine_ls_shell.percent_reflns_R_free            ? 
_refine_ls_shell.R_factor_all                     ? 
_refine_ls_shell.R_factor_obs                     ? 
_refine_ls_shell.R_factor_R_free                  0.422 
_refine_ls_shell.R_factor_R_free_error            ? 
_refine_ls_shell.R_factor_R_work                  0.261 
_refine_ls_shell.redundancy_reflns_all            ? 
_refine_ls_shell.redundancy_reflns_obs            ? 
_refine_ls_shell.wR_factor_all                    ? 
_refine_ls_shell.wR_factor_obs                    ? 
_refine_ls_shell.wR_factor_R_free                 ? 
_refine_ls_shell.wR_factor_R_work                 ? 
_refine_ls_shell.pdbx_total_number_of_bins_used   20 
_refine_ls_shell.pdbx_phase_error                 ? 
_refine_ls_shell.pdbx_fsc_work                    ? 
_refine_ls_shell.pdbx_fsc_free                    ? 
# 
_struct.entry_id                     5Z11 
_struct.title                        'Crystal Structure of Grass Carp CD8 alpha alpha Homodimers' 
_struct.pdbx_model_details           ? 
_struct.pdbx_formula_weight          ? 
_struct.pdbx_formula_weight_method   ? 
_struct.pdbx_model_type_details      ? 
_struct.pdbx_CASP_flag               N 
# 
_struct_keywords.entry_id        5Z11 
_struct_keywords.text            'Grass carp; CD8 alpha; crystal structure; MHC; evolution., IMMUNE SYSTEM' 
_struct_keywords.pdbx_keywords   'IMMUNE SYSTEM' 
# 
loop_
_struct_asym.id 
_struct_asym.pdbx_blank_PDB_chainid_flag 
_struct_asym.pdbx_modified 
_struct_asym.entity_id 
_struct_asym.details 
A N N 1 ? 
B N N 1 ? 
C N N 2 ? 
D N N 2 ? 
# 
_struct_ref.id                         1 
_struct_ref.db_name                    UNP 
_struct_ref.db_code                    C7FF18_CTEID 
_struct_ref.pdbx_db_accession          C7FF18 
_struct_ref.pdbx_db_isoform            ? 
_struct_ref.entity_id                  1 
_struct_ref.pdbx_seq_one_letter_code   
;LSLFYGVSARIYKEGEKVQVDCDLKQSGTLTFWFRINSKGADYLFSVKSADIKENDLNSEHYTVNTNSGKVQLDIKSFKK
KTDSGVYVCAAMNSNKLFFGGLTRIEGEPDPTTIPPKIATTKPLPVTA
;
_struct_ref.pdbx_align_begin           12 
# 
loop_
_struct_ref_seq.align_id 
_struct_ref_seq.ref_id 
_struct_ref_seq.pdbx_PDB_id_code 
_struct_ref_seq.pdbx_strand_id 
_struct_ref_seq.seq_align_beg 
_struct_ref_seq.pdbx_seq_align_beg_ins_code 
_struct_ref_seq.seq_align_end 
_struct_ref_seq.pdbx_seq_align_end_ins_code 
_struct_ref_seq.pdbx_db_accession 
_struct_ref_seq.db_align_beg 
_struct_ref_seq.pdbx_db_align_beg_ins_code 
_struct_ref_seq.db_align_end 
_struct_ref_seq.pdbx_db_align_end_ins_code 
_struct_ref_seq.pdbx_auth_seq_align_beg 
_struct_ref_seq.pdbx_auth_seq_align_end 
1 1 5Z11 A 1 ? 128 ? C7FF18 12 ? 139 ? 2 129 
2 1 5Z11 B 1 ? 128 ? C7FF18 12 ? 139 ? 2 129 
# 
_pdbx_struct_assembly.id                   1 
_pdbx_struct_assembly.details              author_and_software_defined_assembly 
_pdbx_struct_assembly.method_details       PISA 
_pdbx_struct_assembly.oligomeric_details   dimeric 
_pdbx_struct_assembly.oligomeric_count     2 
# 
loop_
_pdbx_struct_assembly_prop.biol_id 
_pdbx_struct_assembly_prop.type 
_pdbx_struct_assembly_prop.value 
_pdbx_struct_assembly_prop.details 
1 'ABSA (A^2)' 1810  ? 
1 MORE         -19   ? 
1 'SSA (A^2)'  11160 ? 
# 
_pdbx_struct_assembly_gen.assembly_id       1 
_pdbx_struct_assembly_gen.oper_expression   1 
_pdbx_struct_assembly_gen.asym_id_list      A,B,C,D 
# 
_pdbx_struct_assembly_auth_evidence.id                     1 
_pdbx_struct_assembly_auth_evidence.assembly_id            1 
_pdbx_struct_assembly_auth_evidence.experimental_support   'gel filtration' 
_pdbx_struct_assembly_auth_evidence.details                ? 
# 
_pdbx_struct_oper_list.id                   1 
_pdbx_struct_oper_list.type                 'identity operation' 
_pdbx_struct_oper_list.name                 1_555 
_pdbx_struct_oper_list.symmetry_operation   x,y,z 
_pdbx_struct_oper_list.matrix[1][1]         1.0000000000 
_pdbx_struct_oper_list.matrix[1][2]         0.0000000000 
_pdbx_struct_oper_list.matrix[1][3]         0.0000000000 
_pdbx_struct_oper_list.vector[1]            0.0000000000 
_pdbx_struct_oper_list.matrix[2][1]         0.0000000000 
_pdbx_struct_oper_list.matrix[2][2]         1.0000000000 
_pdbx_struct_oper_list.matrix[2][3]         0.0000000000 
_pdbx_struct_oper_list.vector[2]            0.0000000000 
_pdbx_struct_oper_list.matrix[3][1]         0.0000000000 
_pdbx_struct_oper_list.matrix[3][2]         0.0000000000 
_pdbx_struct_oper_list.matrix[3][3]         1.0000000000 
_pdbx_struct_oper_list.vector[3]            0.0000000000 
# 
loop_
_struct_conf.conf_type_id 
_struct_conf.id 
_struct_conf.pdbx_PDB_helix_id 
_struct_conf.beg_label_comp_id 
_struct_conf.beg_label_asym_id 
_struct_conf.beg_label_seq_id 
_struct_conf.pdbx_beg_PDB_ins_code 
_struct_conf.end_label_comp_id 
_struct_conf.end_label_asym_id 
_struct_conf.end_label_seq_id 
_struct_conf.pdbx_end_PDB_ins_code 
_struct_conf.beg_auth_comp_id 
_struct_conf.beg_auth_asym_id 
_struct_conf.beg_auth_seq_id 
_struct_conf.end_auth_comp_id 
_struct_conf.end_auth_asym_id 
_struct_conf.end_auth_seq_id 
_struct_conf.pdbx_PDB_helix_class 
_struct_conf.details 
_struct_conf.pdbx_PDB_helix_length 
HELX_P HELX_P1 AA1 THR A 66 ? LYS A 70 ? THR A 67 LYS A 71 5 ? 5 
HELX_P HELX_P2 AA2 LYS A 79 ? SER A 84 ? LYS A 80 SER A 85 1 ? 6 
HELX_P HELX_P3 AA3 THR B 66 ? LYS B 70 ? THR B 67 LYS B 71 5 ? 5 
HELX_P HELX_P4 AA4 LYS B 79 ? SER B 84 ? LYS B 80 SER B 85 1 ? 6 
# 
_struct_conf_type.id          HELX_P 
_struct_conf_type.criteria    ? 
_struct_conf_type.reference   ? 
# 
loop_
_struct_conn.id 
_struct_conn.conn_type_id 
_struct_conn.pdbx_leaving_atom_flag 
_struct_conn.pdbx_PDB_id 
_struct_conn.ptnr1_label_asym_id 
_struct_conn.ptnr1_label_comp_id 
_struct_conn.ptnr1_label_seq_id 
_struct_conn.ptnr1_label_atom_id 
_struct_conn.pdbx_ptnr1_label_alt_id 
_struct_conn.pdbx_ptnr1_PDB_ins_code 
_struct_conn.pdbx_ptnr1_standard_comp_id 
_struct_conn.ptnr1_symmetry 
_struct_conn.ptnr2_label_asym_id 
_struct_conn.ptnr2_label_comp_id 
_struct_conn.ptnr2_label_seq_id 
_struct_conn.ptnr2_label_atom_id 
_struct_conn.pdbx_ptnr2_label_alt_id 
_struct_conn.pdbx_ptnr2_PDB_ins_code 
_struct_conn.ptnr1_auth_asym_id 
_struct_conn.ptnr1_auth_comp_id 
_struct_conn.ptnr1_auth_seq_id 
_struct_conn.ptnr2_auth_asym_id 
_struct_conn.ptnr2_auth_comp_id 
_struct_conn.ptnr2_auth_seq_id 
_struct_conn.ptnr2_symmetry 
_struct_conn.pdbx_ptnr3_label_atom_id 
_struct_conn.pdbx_ptnr3_label_seq_id 
_struct_conn.pdbx_ptnr3_label_comp_id 
_struct_conn.pdbx_ptnr3_label_asym_id 
_struct_conn.pdbx_ptnr3_label_alt_id 
_struct_conn.pdbx_ptnr3_PDB_ins_code 
_struct_conn.details 
_struct_conn.pdbx_dist_value 
_struct_conn.pdbx_value_order 
_struct_conn.pdbx_role 
disulf1 disulf ? ? A CYS 22 SG ? ? ? 1_555 A CYS 89 SG A ? A CYS 23 A CYS 90 1_555 ? ? ? ? ? ? ? 2.081 ? ? 
disulf2 disulf ? ? A CYS 22 SG ? ? ? 1_555 A CYS 89 SG B ? A CYS 23 A CYS 90 1_555 ? ? ? ? ? ? ? 2.093 ? ? 
disulf3 disulf ? ? B CYS 22 SG ? ? ? 1_555 B CYS 89 SG A ? B CYS 23 B CYS 90 1_555 ? ? ? ? ? ? ? 2.100 ? ? 
disulf4 disulf ? ? B CYS 22 SG ? ? ? 1_555 B CYS 89 SG B ? B CYS 23 B CYS 90 1_555 ? ? ? ? ? ? ? 2.100 ? ? 
# 
_struct_conn_type.id          disulf 
_struct_conn_type.criteria    ? 
_struct_conn_type.reference   ? 
# 
loop_
_pdbx_modification_feature.ordinal 
_pdbx_modification_feature.label_comp_id 
_pdbx_modification_feature.label_asym_id 
_pdbx_modification_feature.label_seq_id 
_pdbx_modification_feature.label_alt_id 
_pdbx_modification_feature.modified_residue_label_comp_id 
_pdbx_modification_feature.modified_residue_label_asym_id 
_pdbx_modification_feature.modified_residue_label_seq_id 
_pdbx_modification_feature.modified_residue_label_alt_id 
_pdbx_modification_feature.auth_comp_id 
_pdbx_modification_feature.auth_asym_id 
_pdbx_modification_feature.auth_seq_id 
_pdbx_modification_feature.PDB_ins_code 
_pdbx_modification_feature.symmetry 
_pdbx_modification_feature.modified_residue_auth_comp_id 
_pdbx_modification_feature.modified_residue_auth_asym_id 
_pdbx_modification_feature.modified_residue_auth_seq_id 
_pdbx_modification_feature.modified_residue_PDB_ins_code 
_pdbx_modification_feature.modified_residue_symmetry 
_pdbx_modification_feature.comp_id_linking_atom 
_pdbx_modification_feature.modified_residue_id_linking_atom 
_pdbx_modification_feature.modified_residue_id 
_pdbx_modification_feature.ref_pcm_id 
_pdbx_modification_feature.ref_comp_id 
_pdbx_modification_feature.type 
_pdbx_modification_feature.category 
1 CYS A 22 ? CYS A 89 A CYS A 23 ? 1_555 CYS A 90 ? 1_555 SG SG . . . None 'Disulfide bridge' 
2 CYS A 22 ? CYS A 89 B CYS A 23 ? 1_555 CYS A 90 ? 1_555 SG SG . . . None 'Disulfide bridge' 
3 CYS B 22 ? CYS B 89 A CYS B 23 ? 1_555 CYS B 90 ? 1_555 SG SG . . . None 'Disulfide bridge' 
4 CYS B 22 ? CYS B 89 B CYS B 23 ? 1_555 CYS B 90 ? 1_555 SG SG . . . None 'Disulfide bridge' 
# 
loop_
_struct_sheet.id 
_struct_sheet.type 
_struct_sheet.number_strands 
_struct_sheet.details 
AA1 ? 6 ? 
AA2 ? 4 ? 
AA3 ? 3 ? 
AA4 ? 6 ? 
AA5 ? 4 ? 
AA6 ? 3 ? 
# 
loop_
_struct_sheet_order.sheet_id 
_struct_sheet_order.range_id_1 
_struct_sheet_order.range_id_2 
_struct_sheet_order.offset 
_struct_sheet_order.sense 
AA1 1 2 ? parallel      
AA1 2 3 ? anti-parallel 
AA1 3 4 ? anti-parallel 
AA1 4 5 ? anti-parallel 
AA1 5 6 ? anti-parallel 
AA2 1 2 ? parallel      
AA2 2 3 ? anti-parallel 
AA2 3 4 ? anti-parallel 
AA3 1 2 ? anti-parallel 
AA3 2 3 ? anti-parallel 
AA4 1 2 ? parallel      
AA4 2 3 ? anti-parallel 
AA4 3 4 ? anti-parallel 
AA4 4 5 ? anti-parallel 
AA4 5 6 ? anti-parallel 
AA5 1 2 ? parallel      
AA5 2 3 ? anti-parallel 
AA5 3 4 ? anti-parallel 
AA6 1 2 ? anti-parallel 
AA6 2 3 ? anti-parallel 
# 
loop_
_struct_sheet_range.sheet_id 
_struct_sheet_range.id 
_struct_sheet_range.beg_label_comp_id 
_struct_sheet_range.beg_label_asym_id 
_struct_sheet_range.beg_label_seq_id 
_struct_sheet_range.pdbx_beg_PDB_ins_code 
_struct_sheet_range.end_label_comp_id 
_struct_sheet_range.end_label_asym_id 
_struct_sheet_range.end_label_seq_id 
_struct_sheet_range.pdbx_end_PDB_ins_code 
_struct_sheet_range.beg_auth_comp_id 
_struct_sheet_range.beg_auth_asym_id 
_struct_sheet_range.beg_auth_seq_id 
_struct_sheet_range.end_auth_comp_id 
_struct_sheet_range.end_auth_asym_id 
_struct_sheet_range.end_auth_seq_id 
AA1 1 ARG A 10  ? TYR A 12  ? ARG A 11  TYR A 13  
AA1 2 THR A 103 ? GLY A 107 ? THR A 104 GLY A 108 
AA1 3 GLY A 85  ? ASN A 93  ? GLY A 86  ASN A 94  
AA1 4 THR A 31  ? ASN A 37  ? THR A 32  ASN A 38  
AA1 5 GLY A 40  ? LYS A 48  ? GLY A 41  LYS A 49  
AA1 6 ASP A 51  ? ASN A 55  ? ASP A 52  ASN A 56  
AA2 1 ARG A 10  ? TYR A 12  ? ARG A 11  TYR A 13  
AA2 2 THR A 103 ? GLY A 107 ? THR A 104 GLY A 108 
AA2 3 GLY A 85  ? ASN A 93  ? GLY A 86  ASN A 94  
AA2 4 LYS A 96  ? PHE A 99  ? LYS A 97  PHE A 100 
AA3 1 VAL A 18  ? VAL A 20  ? VAL A 19  VAL A 21  
AA3 2 GLN A 72  ? ILE A 75  ? GLN A 73  ILE A 76  
AA3 3 TYR A 62  ? ASN A 65  ? TYR A 63  ASN A 66  
AA4 1 ARG B 10  ? ILE B 11  ? ARG B 11  ILE B 12  
AA4 2 THR B 103 ? GLU B 106 ? THR B 104 GLU B 107 
AA4 3 GLY B 85  ? ASN B 93  ? GLY B 86  ASN B 94  
AA4 4 THR B 31  ? ASN B 37  ? THR B 32  ASN B 38  
AA4 5 GLY B 40  ? LYS B 48  ? GLY B 41  LYS B 49  
AA4 6 ASP B 51  ? ASN B 55  ? ASP B 52  ASN B 56  
AA5 1 ARG B 10  ? ILE B 11  ? ARG B 11  ILE B 12  
AA5 2 THR B 103 ? GLU B 106 ? THR B 104 GLU B 107 
AA5 3 GLY B 85  ? ASN B 93  ? GLY B 86  ASN B 94  
AA5 4 LYS B 96  ? PHE B 99  ? LYS B 97  PHE B 100 
AA6 1 VAL B 18  ? VAL B 20  ? VAL B 19  VAL B 21  
AA6 2 GLN B 72  ? ILE B 75  ? GLN B 73  ILE B 76  
AA6 3 TYR B 62  ? ASN B 65  ? TYR B 63  ASN B 66  
# 
loop_
_pdbx_struct_sheet_hbond.sheet_id 
_pdbx_struct_sheet_hbond.range_id_1 
_pdbx_struct_sheet_hbond.range_id_2 
_pdbx_struct_sheet_hbond.range_1_label_atom_id 
_pdbx_struct_sheet_hbond.range_1_label_comp_id 
_pdbx_struct_sheet_hbond.range_1_label_asym_id 
_pdbx_struct_sheet_hbond.range_1_label_seq_id 
_pdbx_struct_sheet_hbond.range_1_PDB_ins_code 
_pdbx_struct_sheet_hbond.range_1_auth_atom_id 
_pdbx_struct_sheet_hbond.range_1_auth_comp_id 
_pdbx_struct_sheet_hbond.range_1_auth_asym_id 
_pdbx_struct_sheet_hbond.range_1_auth_seq_id 
_pdbx_struct_sheet_hbond.range_2_label_atom_id 
_pdbx_struct_sheet_hbond.range_2_label_comp_id 
_pdbx_struct_sheet_hbond.range_2_label_asym_id 
_pdbx_struct_sheet_hbond.range_2_label_seq_id 
_pdbx_struct_sheet_hbond.range_2_PDB_ins_code 
_pdbx_struct_sheet_hbond.range_2_auth_atom_id 
_pdbx_struct_sheet_hbond.range_2_auth_comp_id 
_pdbx_struct_sheet_hbond.range_2_auth_asym_id 
_pdbx_struct_sheet_hbond.range_2_auth_seq_id 
AA1 1 2 N ARG A 10  ? N ARG A 11  O GLU A 106 ? O GLU A 107 
AA1 2 3 O THR A 103 ? O THR A 104 N TYR A 87  ? N TYR A 88  
AA1 3 4 O VAL A 88  ? O VAL A 89  N PHE A 34  ? N PHE A 35  
AA1 4 5 N ARG A 35  ? N ARG A 36  O ASP A 42  ? O ASP A 43  
AA1 5 6 N SER A 46  ? N SER A 47  O GLU A 54  ? O GLU A 55  
AA2 1 2 N ARG A 10  ? N ARG A 11  O GLU A 106 ? O GLU A 107 
AA2 2 3 O THR A 103 ? O THR A 104 N TYR A 87  ? N TYR A 88  
AA2 3 4 N ALA A 91  ? N ALA A 92  O PHE A 98  ? O PHE A 99  
AA3 1 2 N VAL A 18  ? N VAL A 19  O ILE A 75  ? O ILE A 76  
AA3 2 3 O ASP A 74  ? O ASP A 75  N THR A 63  ? N THR A 64  
AA4 1 2 N ARG B 10  ? N ARG B 11  O GLU B 106 ? O GLU B 107 
AA4 2 3 O THR B 103 ? O THR B 104 N TYR B 87  ? N TYR B 88  
AA4 3 4 O VAL B 86  ? O VAL B 87  N ILE B 36  ? N ILE B 37  
AA4 4 5 N ARG B 35  ? N ARG B 36  O ASP B 42  ? O ASP B 43  
AA4 5 6 N SER B 46  ? N SER B 47  O GLU B 54  ? O GLU B 55  
AA5 1 2 N ARG B 10  ? N ARG B 11  O GLU B 106 ? O GLU B 107 
AA5 2 3 O THR B 103 ? O THR B 104 N TYR B 87  ? N TYR B 88  
AA5 3 4 N ALA B 91  ? N ALA B 92  O PHE B 98  ? O PHE B 99  
AA6 1 2 N VAL B 18  ? N VAL B 19  O ILE B 75  ? O ILE B 76  
AA6 2 3 O ASP B 74  ? O ASP B 75  N THR B 63  ? N THR B 64  
# 
_pdbx_entry_details.entry_id                   5Z11 
_pdbx_entry_details.compound_details           ? 
_pdbx_entry_details.source_details             ? 
_pdbx_entry_details.nonpolymer_details         ? 
_pdbx_entry_details.sequence_details           ? 
_pdbx_entry_details.has_ligand_of_interest     ? 
_pdbx_entry_details.has_protein_modification   Y 
# 
_pdbx_validate_rmsd_bond.id                        1 
_pdbx_validate_rmsd_bond.PDB_model_num             1 
_pdbx_validate_rmsd_bond.auth_atom_id_1            CB 
_pdbx_validate_rmsd_bond.auth_asym_id_1            A 
_pdbx_validate_rmsd_bond.auth_comp_id_1            SER 
_pdbx_validate_rmsd_bond.auth_seq_id_1             47 
_pdbx_validate_rmsd_bond.PDB_ins_code_1            ? 
_pdbx_validate_rmsd_bond.label_alt_id_1            ? 
_pdbx_validate_rmsd_bond.auth_atom_id_2            OG 
_pdbx_validate_rmsd_bond.auth_asym_id_2            A 
_pdbx_validate_rmsd_bond.auth_comp_id_2            SER 
_pdbx_validate_rmsd_bond.auth_seq_id_2             47 
_pdbx_validate_rmsd_bond.PDB_ins_code_2            ? 
_pdbx_validate_rmsd_bond.label_alt_id_2            ? 
_pdbx_validate_rmsd_bond.bond_value                1.337 
_pdbx_validate_rmsd_bond.bond_target_value         1.418 
_pdbx_validate_rmsd_bond.bond_deviation            -0.081 
_pdbx_validate_rmsd_bond.bond_standard_deviation   0.013 
_pdbx_validate_rmsd_bond.linker_flag               N 
# 
loop_
_pdbx_validate_torsion.id 
_pdbx_validate_torsion.PDB_model_num 
_pdbx_validate_torsion.auth_comp_id 
_pdbx_validate_torsion.auth_asym_id 
_pdbx_validate_torsion.auth_seq_id 
_pdbx_validate_torsion.PDB_ins_code 
_pdbx_validate_torsion.label_alt_id 
_pdbx_validate_torsion.phi 
_pdbx_validate_torsion.psi 
1 1 LEU A 45 ? ? -111.67 -72.84  
2 1 SER A 50 ? ? 55.39   -115.17 
3 1 SER A 69 ? ? 81.25   -0.59   
4 1 SER B 50 ? ? 51.88   -122.50 
# 
loop_
_pdbx_unobs_or_zero_occ_residues.id 
_pdbx_unobs_or_zero_occ_residues.PDB_model_num 
_pdbx_unobs_or_zero_occ_residues.polymer_flag 
_pdbx_unobs_or_zero_occ_residues.occupancy_flag 
_pdbx_unobs_or_zero_occ_residues.auth_asym_id 
_pdbx_unobs_or_zero_occ_residues.auth_comp_id 
_pdbx_unobs_or_zero_occ_residues.auth_seq_id 
_pdbx_unobs_or_zero_occ_residues.PDB_ins_code 
_pdbx_unobs_or_zero_occ_residues.label_asym_id 
_pdbx_unobs_or_zero_occ_residues.label_comp_id 
_pdbx_unobs_or_zero_occ_residues.label_seq_id 
1  1 Y 1 A LEU 2   ? A LEU 1   
2  1 Y 1 A SER 3   ? A SER 2   
3  1 Y 1 A LEU 4   ? A LEU 3   
4  1 Y 1 A PHE 5   ? A PHE 4   
5  1 Y 1 A TYR 6   ? A TYR 5   
6  1 Y 1 A ASP 111 ? A ASP 110 
7  1 Y 1 A PRO 112 ? A PRO 111 
8  1 Y 1 A THR 113 ? A THR 112 
9  1 Y 1 A THR 114 ? A THR 113 
10 1 Y 1 A ILE 115 ? A ILE 114 
11 1 Y 1 A PRO 116 ? A PRO 115 
12 1 Y 1 A PRO 117 ? A PRO 116 
13 1 Y 1 A LYS 118 ? A LYS 117 
14 1 Y 1 A ILE 119 ? A ILE 118 
15 1 Y 1 A ALA 120 ? A ALA 119 
16 1 Y 1 A THR 121 ? A THR 120 
17 1 Y 1 A THR 122 ? A THR 121 
18 1 Y 1 A LYS 123 ? A LYS 122 
19 1 Y 1 A PRO 124 ? A PRO 123 
20 1 Y 1 A LEU 125 ? A LEU 124 
21 1 Y 1 A PRO 126 ? A PRO 125 
22 1 Y 1 A VAL 127 ? A VAL 126 
23 1 Y 1 A THR 128 ? A THR 127 
24 1 Y 1 A ALA 129 ? A ALA 128 
25 1 Y 1 B LEU 2   ? B LEU 1   
26 1 Y 1 B SER 3   ? B SER 2   
27 1 Y 1 B LEU 4   ? B LEU 3   
28 1 Y 1 B PHE 5   ? B PHE 4   
29 1 Y 1 B TYR 6   ? B TYR 5   
30 1 Y 1 B GLY 7   ? B GLY 6   
31 1 Y 1 B VAL 8   ? B VAL 7   
32 1 Y 1 B SER 9   ? B SER 8   
33 1 Y 1 B PRO 110 ? B PRO 109 
34 1 Y 1 B ASP 111 ? B ASP 110 
35 1 Y 1 B PRO 112 ? B PRO 111 
36 1 Y 1 B THR 113 ? B THR 112 
37 1 Y 1 B THR 114 ? B THR 113 
38 1 Y 1 B ILE 115 ? B ILE 114 
39 1 Y 1 B PRO 116 ? B PRO 115 
40 1 Y 1 B PRO 117 ? B PRO 116 
41 1 Y 1 B LYS 118 ? B LYS 117 
42 1 Y 1 B ILE 119 ? B ILE 118 
43 1 Y 1 B ALA 120 ? B ALA 119 
44 1 Y 1 B THR 121 ? B THR 120 
45 1 Y 1 B THR 122 ? B THR 121 
46 1 Y 1 B LYS 123 ? B LYS 122 
47 1 Y 1 B PRO 124 ? B PRO 123 
48 1 Y 1 B LEU 125 ? B LEU 124 
49 1 Y 1 B PRO 126 ? B PRO 125 
50 1 Y 1 B VAL 127 ? B VAL 126 
51 1 Y 1 B THR 128 ? B THR 127 
52 1 Y 1 B ALA 129 ? B ALA 128 
# 
loop_
_chem_comp_atom.comp_id 
_chem_comp_atom.atom_id 
_chem_comp_atom.type_symbol 
_chem_comp_atom.pdbx_aromatic_flag 
_chem_comp_atom.pdbx_stereo_config 
_chem_comp_atom.pdbx_ordinal 
ALA N    N N N 1   
ALA CA   C N S 2   
ALA C    C N N 3   
ALA O    O N N 4   
ALA CB   C N N 5   
ALA OXT  O N N 6   
ALA H    H N N 7   
ALA H2   H N N 8   
ALA HA   H N N 9   
ALA HB1  H N N 10  
ALA HB2  H N N 11  
ALA HB3  H N N 12  
ALA HXT  H N N 13  
ARG N    N N N 14  
ARG CA   C N S 15  
ARG C    C N N 16  
ARG O    O N N 17  
ARG CB   C N N 18  
ARG CG   C N N 19  
ARG CD   C N N 20  
ARG NE   N N N 21  
ARG CZ   C N N 22  
ARG NH1  N N N 23  
ARG NH2  N N N 24  
ARG OXT  O N N 25  
ARG H    H N N 26  
ARG H2   H N N 27  
ARG HA   H N N 28  
ARG HB2  H N N 29  
ARG HB3  H N N 30  
ARG HG2  H N N 31  
ARG HG3  H N N 32  
ARG HD2  H N N 33  
ARG HD3  H N N 34  
ARG HE   H N N 35  
ARG HH11 H N N 36  
ARG HH12 H N N 37  
ARG HH21 H N N 38  
ARG HH22 H N N 39  
ARG HXT  H N N 40  
ASN N    N N N 41  
ASN CA   C N S 42  
ASN C    C N N 43  
ASN O    O N N 44  
ASN CB   C N N 45  
ASN CG   C N N 46  
ASN OD1  O N N 47  
ASN ND2  N N N 48  
ASN OXT  O N N 49  
ASN H    H N N 50  
ASN H2   H N N 51  
ASN HA   H N N 52  
ASN HB2  H N N 53  
ASN HB3  H N N 54  
ASN HD21 H N N 55  
ASN HD22 H N N 56  
ASN HXT  H N N 57  
ASP N    N N N 58  
ASP CA   C N S 59  
ASP C    C N N 60  
ASP O    O N N 61  
ASP CB   C N N 62  
ASP CG   C N N 63  
ASP OD1  O N N 64  
ASP OD2  O N N 65  
ASP OXT  O N N 66  
ASP H    H N N 67  
ASP H2   H N N 68  
ASP HA   H N N 69  
ASP HB2  H N N 70  
ASP HB3  H N N 71  
ASP HD2  H N N 72  
ASP HXT  H N N 73  
CYS N    N N N 74  
CYS CA   C N R 75  
CYS C    C N N 76  
CYS O    O N N 77  
CYS CB   C N N 78  
CYS SG   S N N 79  
CYS OXT  O N N 80  
CYS H    H N N 81  
CYS H2   H N N 82  
CYS HA   H N N 83  
CYS HB2  H N N 84  
CYS HB3  H N N 85  
CYS HG   H N N 86  
CYS HXT  H N N 87  
GLN N    N N N 88  
GLN CA   C N S 89  
GLN C    C N N 90  
GLN O    O N N 91  
GLN CB   C N N 92  
GLN CG   C N N 93  
GLN CD   C N N 94  
GLN OE1  O N N 95  
GLN NE2  N N N 96  
GLN OXT  O N N 97  
GLN H    H N N 98  
GLN H2   H N N 99  
GLN HA   H N N 100 
GLN HB2  H N N 101 
GLN HB3  H N N 102 
GLN HG2  H N N 103 
GLN HG3  H N N 104 
GLN HE21 H N N 105 
GLN HE22 H N N 106 
GLN HXT  H N N 107 
GLU N    N N N 108 
GLU CA   C N S 109 
GLU C    C N N 110 
GLU O    O N N 111 
GLU CB   C N N 112 
GLU CG   C N N 113 
GLU CD   C N N 114 
GLU OE1  O N N 115 
GLU OE2  O N N 116 
GLU OXT  O N N 117 
GLU H    H N N 118 
GLU H2   H N N 119 
GLU HA   H N N 120 
GLU HB2  H N N 121 
GLU HB3  H N N 122 
GLU HG2  H N N 123 
GLU HG3  H N N 124 
GLU HE2  H N N 125 
GLU HXT  H N N 126 
GLY N    N N N 127 
GLY CA   C N N 128 
GLY C    C N N 129 
GLY O    O N N 130 
GLY OXT  O N N 131 
GLY H    H N N 132 
GLY H2   H N N 133 
GLY HA2  H N N 134 
GLY HA3  H N N 135 
GLY HXT  H N N 136 
HIS N    N N N 137 
HIS CA   C N S 138 
HIS C    C N N 139 
HIS O    O N N 140 
HIS CB   C N N 141 
HIS CG   C Y N 142 
HIS ND1  N Y N 143 
HIS CD2  C Y N 144 
HIS CE1  C Y N 145 
HIS NE2  N Y N 146 
HIS OXT  O N N 147 
HIS H    H N N 148 
HIS H2   H N N 149 
HIS HA   H N N 150 
HIS HB2  H N N 151 
HIS HB3  H N N 152 
HIS HD1  H N N 153 
HIS HD2  H N N 154 
HIS HE1  H N N 155 
HIS HE2  H N N 156 
HIS HXT  H N N 157 
HOH O    O N N 158 
HOH H1   H N N 159 
HOH H2   H N N 160 
ILE N    N N N 161 
ILE CA   C N S 162 
ILE C    C N N 163 
ILE O    O N N 164 
ILE CB   C N S 165 
ILE CG1  C N N 166 
ILE CG2  C N N 167 
ILE CD1  C N N 168 
ILE OXT  O N N 169 
ILE H    H N N 170 
ILE H2   H N N 171 
ILE HA   H N N 172 
ILE HB   H N N 173 
ILE HG12 H N N 174 
ILE HG13 H N N 175 
ILE HG21 H N N 176 
ILE HG22 H N N 177 
ILE HG23 H N N 178 
ILE HD11 H N N 179 
ILE HD12 H N N 180 
ILE HD13 H N N 181 
ILE HXT  H N N 182 
LEU N    N N N 183 
LEU CA   C N S 184 
LEU C    C N N 185 
LEU O    O N N 186 
LEU CB   C N N 187 
LEU CG   C N N 188 
LEU CD1  C N N 189 
LEU CD2  C N N 190 
LEU OXT  O N N 191 
LEU H    H N N 192 
LEU H2   H N N 193 
LEU HA   H N N 194 
LEU HB2  H N N 195 
LEU HB3  H N N 196 
LEU HG   H N N 197 
LEU HD11 H N N 198 
LEU HD12 H N N 199 
LEU HD13 H N N 200 
LEU HD21 H N N 201 
LEU HD22 H N N 202 
LEU HD23 H N N 203 
LEU HXT  H N N 204 
LYS N    N N N 205 
LYS CA   C N S 206 
LYS C    C N N 207 
LYS O    O N N 208 
LYS CB   C N N 209 
LYS CG   C N N 210 
LYS CD   C N N 211 
LYS CE   C N N 212 
LYS NZ   N N N 213 
LYS OXT  O N N 214 
LYS H    H N N 215 
LYS H2   H N N 216 
LYS HA   H N N 217 
LYS HB2  H N N 218 
LYS HB3  H N N 219 
LYS HG2  H N N 220 
LYS HG3  H N N 221 
LYS HD2  H N N 222 
LYS HD3  H N N 223 
LYS HE2  H N N 224 
LYS HE3  H N N 225 
LYS HZ1  H N N 226 
LYS HZ2  H N N 227 
LYS HZ3  H N N 228 
LYS HXT  H N N 229 
MET N    N N N 230 
MET CA   C N S 231 
MET C    C N N 232 
MET O    O N N 233 
MET CB   C N N 234 
MET CG   C N N 235 
MET SD   S N N 236 
MET CE   C N N 237 
MET OXT  O N N 238 
MET H    H N N 239 
MET H2   H N N 240 
MET HA   H N N 241 
MET HB2  H N N 242 
MET HB3  H N N 243 
MET HG2  H N N 244 
MET HG3  H N N 245 
MET HE1  H N N 246 
MET HE2  H N N 247 
MET HE3  H N N 248 
MET HXT  H N N 249 
PHE N    N N N 250 
PHE CA   C N S 251 
PHE C    C N N 252 
PHE O    O N N 253 
PHE CB   C N N 254 
PHE CG   C Y N 255 
PHE CD1  C Y N 256 
PHE CD2  C Y N 257 
PHE CE1  C Y N 258 
PHE CE2  C Y N 259 
PHE CZ   C Y N 260 
PHE OXT  O N N 261 
PHE H    H N N 262 
PHE H2   H N N 263 
PHE HA   H N N 264 
PHE HB2  H N N 265 
PHE HB3  H N N 266 
PHE HD1  H N N 267 
PHE HD2  H N N 268 
PHE HE1  H N N 269 
PHE HE2  H N N 270 
PHE HZ   H N N 271 
PHE HXT  H N N 272 
PRO N    N N N 273 
PRO CA   C N S 274 
PRO C    C N N 275 
PRO O    O N N 276 
PRO CB   C N N 277 
PRO CG   C N N 278 
PRO CD   C N N 279 
PRO OXT  O N N 280 
PRO H    H N N 281 
PRO HA   H N N 282 
PRO HB2  H N N 283 
PRO HB3  H N N 284 
PRO HG2  H N N 285 
PRO HG3  H N N 286 
PRO HD2  H N N 287 
PRO HD3  H N N 288 
PRO HXT  H N N 289 
SER N    N N N 290 
SER CA   C N S 291 
SER C    C N N 292 
SER O    O N N 293 
SER CB   C N N 294 
SER OG   O N N 295 
SER OXT  O N N 296 
SER H    H N N 297 
SER H2   H N N 298 
SER HA   H N N 299 
SER HB2  H N N 300 
SER HB3  H N N 301 
SER HG   H N N 302 
SER HXT  H N N 303 
THR N    N N N 304 
THR CA   C N S 305 
THR C    C N N 306 
THR O    O N N 307 
THR CB   C N R 308 
THR OG1  O N N 309 
THR CG2  C N N 310 
THR OXT  O N N 311 
THR H    H N N 312 
THR H2   H N N 313 
THR HA   H N N 314 
THR HB   H N N 315 
THR HG1  H N N 316 
THR HG21 H N N 317 
THR HG22 H N N 318 
THR HG23 H N N 319 
THR HXT  H N N 320 
TRP N    N N N 321 
TRP CA   C N S 322 
TRP C    C N N 323 
TRP O    O N N 324 
TRP CB   C N N 325 
TRP CG   C Y N 326 
TRP CD1  C Y N 327 
TRP CD2  C Y N 328 
TRP NE1  N Y N 329 
TRP CE2  C Y N 330 
TRP CE3  C Y N 331 
TRP CZ2  C Y N 332 
TRP CZ3  C Y N 333 
TRP CH2  C Y N 334 
TRP OXT  O N N 335 
TRP H    H N N 336 
TRP H2   H N N 337 
TRP HA   H N N 338 
TRP HB2  H N N 339 
TRP HB3  H N N 340 
TRP HD1  H N N 341 
TRP HE1  H N N 342 
TRP HE3  H N N 343 
TRP HZ2  H N N 344 
TRP HZ3  H N N 345 
TRP HH2  H N N 346 
TRP HXT  H N N 347 
TYR N    N N N 348 
TYR CA   C N S 349 
TYR C    C N N 350 
TYR O    O N N 351 
TYR CB   C N N 352 
TYR CG   C Y N 353 
TYR CD1  C Y N 354 
TYR CD2  C Y N 355 
TYR CE1  C Y N 356 
TYR CE2  C Y N 357 
TYR CZ   C Y N 358 
TYR OH   O N N 359 
TYR OXT  O N N 360 
TYR H    H N N 361 
TYR H2   H N N 362 
TYR HA   H N N 363 
TYR HB2  H N N 364 
TYR HB3  H N N 365 
TYR HD1  H N N 366 
TYR HD2  H N N 367 
TYR HE1  H N N 368 
TYR HE2  H N N 369 
TYR HH   H N N 370 
TYR HXT  H N N 371 
VAL N    N N N 372 
VAL CA   C N S 373 
VAL C    C N N 374 
VAL O    O N N 375 
VAL CB   C N N 376 
VAL CG1  C N N 377 
VAL CG2  C N N 378 
VAL OXT  O N N 379 
VAL H    H N N 380 
VAL H2   H N N 381 
VAL HA   H N N 382 
VAL HB   H N N 383 
VAL HG11 H N N 384 
VAL HG12 H N N 385 
VAL HG13 H N N 386 
VAL HG21 H N N 387 
VAL HG22 H N N 388 
VAL HG23 H N N 389 
VAL HXT  H N N 390 
# 
loop_
_chem_comp_bond.comp_id 
_chem_comp_bond.atom_id_1 
_chem_comp_bond.atom_id_2 
_chem_comp_bond.value_order 
_chem_comp_bond.pdbx_aromatic_flag 
_chem_comp_bond.pdbx_stereo_config 
_chem_comp_bond.pdbx_ordinal 
ALA N   CA   sing N N 1   
ALA N   H    sing N N 2   
ALA N   H2   sing N N 3   
ALA CA  C    sing N N 4   
ALA CA  CB   sing N N 5   
ALA CA  HA   sing N N 6   
ALA C   O    doub N N 7   
ALA C   OXT  sing N N 8   
ALA CB  HB1  sing N N 9   
ALA CB  HB2  sing N N 10  
ALA CB  HB3  sing N N 11  
ALA OXT HXT  sing N N 12  
ARG N   CA   sing N N 13  
ARG N   H    sing N N 14  
ARG N   H2   sing N N 15  
ARG CA  C    sing N N 16  
ARG CA  CB   sing N N 17  
ARG CA  HA   sing N N 18  
ARG C   O    doub N N 19  
ARG C   OXT  sing N N 20  
ARG CB  CG   sing N N 21  
ARG CB  HB2  sing N N 22  
ARG CB  HB3  sing N N 23  
ARG CG  CD   sing N N 24  
ARG CG  HG2  sing N N 25  
ARG CG  HG3  sing N N 26  
ARG CD  NE   sing N N 27  
ARG CD  HD2  sing N N 28  
ARG CD  HD3  sing N N 29  
ARG NE  CZ   sing N N 30  
ARG NE  HE   sing N N 31  
ARG CZ  NH1  sing N N 32  
ARG CZ  NH2  doub N N 33  
ARG NH1 HH11 sing N N 34  
ARG NH1 HH12 sing N N 35  
ARG NH2 HH21 sing N N 36  
ARG NH2 HH22 sing N N 37  
ARG OXT HXT  sing N N 38  
ASN N   CA   sing N N 39  
ASN N   H    sing N N 40  
ASN N   H2   sing N N 41  
ASN CA  C    sing N N 42  
ASN CA  CB   sing N N 43  
ASN CA  HA   sing N N 44  
ASN C   O    doub N N 45  
ASN C   OXT  sing N N 46  
ASN CB  CG   sing N N 47  
ASN CB  HB2  sing N N 48  
ASN CB  HB3  sing N N 49  
ASN CG  OD1  doub N N 50  
ASN CG  ND2  sing N N 51  
ASN ND2 HD21 sing N N 52  
ASN ND2 HD22 sing N N 53  
ASN OXT HXT  sing N N 54  
ASP N   CA   sing N N 55  
ASP N   H    sing N N 56  
ASP N   H2   sing N N 57  
ASP CA  C    sing N N 58  
ASP CA  CB   sing N N 59  
ASP CA  HA   sing N N 60  
ASP C   O    doub N N 61  
ASP C   OXT  sing N N 62  
ASP CB  CG   sing N N 63  
ASP CB  HB2  sing N N 64  
ASP CB  HB3  sing N N 65  
ASP CG  OD1  doub N N 66  
ASP CG  OD2  sing N N 67  
ASP OD2 HD2  sing N N 68  
ASP OXT HXT  sing N N 69  
CYS N   CA   sing N N 70  
CYS N   H    sing N N 71  
CYS N   H2   sing N N 72  
CYS CA  C    sing N N 73  
CYS CA  CB   sing N N 74  
CYS CA  HA   sing N N 75  
CYS C   O    doub N N 76  
CYS C   OXT  sing N N 77  
CYS CB  SG   sing N N 78  
CYS CB  HB2  sing N N 79  
CYS CB  HB3  sing N N 80  
CYS SG  HG   sing N N 81  
CYS OXT HXT  sing N N 82  
GLN N   CA   sing N N 83  
GLN N   H    sing N N 84  
GLN N   H2   sing N N 85  
GLN CA  C    sing N N 86  
GLN CA  CB   sing N N 87  
GLN CA  HA   sing N N 88  
GLN C   O    doub N N 89  
GLN C   OXT  sing N N 90  
GLN CB  CG   sing N N 91  
GLN CB  HB2  sing N N 92  
GLN CB  HB3  sing N N 93  
GLN CG  CD   sing N N 94  
GLN CG  HG2  sing N N 95  
GLN CG  HG3  sing N N 96  
GLN CD  OE1  doub N N 97  
GLN CD  NE2  sing N N 98  
GLN NE2 HE21 sing N N 99  
GLN NE2 HE22 sing N N 100 
GLN OXT HXT  sing N N 101 
GLU N   CA   sing N N 102 
GLU N   H    sing N N 103 
GLU N   H2   sing N N 104 
GLU CA  C    sing N N 105 
GLU CA  CB   sing N N 106 
GLU CA  HA   sing N N 107 
GLU C   O    doub N N 108 
GLU C   OXT  sing N N 109 
GLU CB  CG   sing N N 110 
GLU CB  HB2  sing N N 111 
GLU CB  HB3  sing N N 112 
GLU CG  CD   sing N N 113 
GLU CG  HG2  sing N N 114 
GLU CG  HG3  sing N N 115 
GLU CD  OE1  doub N N 116 
GLU CD  OE2  sing N N 117 
GLU OE2 HE2  sing N N 118 
GLU OXT HXT  sing N N 119 
GLY N   CA   sing N N 120 
GLY N   H    sing N N 121 
GLY N   H2   sing N N 122 
GLY CA  C    sing N N 123 
GLY CA  HA2  sing N N 124 
GLY CA  HA3  sing N N 125 
GLY C   O    doub N N 126 
GLY C   OXT  sing N N 127 
GLY OXT HXT  sing N N 128 
HIS N   CA   sing N N 129 
HIS N   H    sing N N 130 
HIS N   H2   sing N N 131 
HIS CA  C    sing N N 132 
HIS CA  CB   sing N N 133 
HIS CA  HA   sing N N 134 
HIS C   O    doub N N 135 
HIS C   OXT  sing N N 136 
HIS CB  CG   sing N N 137 
HIS CB  HB2  sing N N 138 
HIS CB  HB3  sing N N 139 
HIS CG  ND1  sing Y N 140 
HIS CG  CD2  doub Y N 141 
HIS ND1 CE1  doub Y N 142 
HIS ND1 HD1  sing N N 143 
HIS CD2 NE2  sing Y N 144 
HIS CD2 HD2  sing N N 145 
HIS CE1 NE2  sing Y N 146 
HIS CE1 HE1  sing N N 147 
HIS NE2 HE2  sing N N 148 
HIS OXT HXT  sing N N 149 
HOH O   H1   sing N N 150 
HOH O   H2   sing N N 151 
ILE N   CA   sing N N 152 
ILE N   H    sing N N 153 
ILE N   H2   sing N N 154 
ILE CA  C    sing N N 155 
ILE CA  CB   sing N N 156 
ILE CA  HA   sing N N 157 
ILE C   O    doub N N 158 
ILE C   OXT  sing N N 159 
ILE CB  CG1  sing N N 160 
ILE CB  CG2  sing N N 161 
ILE CB  HB   sing N N 162 
ILE CG1 CD1  sing N N 163 
ILE CG1 HG12 sing N N 164 
ILE CG1 HG13 sing N N 165 
ILE CG2 HG21 sing N N 166 
ILE CG2 HG22 sing N N 167 
ILE CG2 HG23 sing N N 168 
ILE CD1 HD11 sing N N 169 
ILE CD1 HD12 sing N N 170 
ILE CD1 HD13 sing N N 171 
ILE OXT HXT  sing N N 172 
LEU N   CA   sing N N 173 
LEU N   H    sing N N 174 
LEU N   H2   sing N N 175 
LEU CA  C    sing N N 176 
LEU CA  CB   sing N N 177 
LEU CA  HA   sing N N 178 
LEU C   O    doub N N 179 
LEU C   OXT  sing N N 180 
LEU CB  CG   sing N N 181 
LEU CB  HB2  sing N N 182 
LEU CB  HB3  sing N N 183 
LEU CG  CD1  sing N N 184 
LEU CG  CD2  sing N N 185 
LEU CG  HG   sing N N 186 
LEU CD1 HD11 sing N N 187 
LEU CD1 HD12 sing N N 188 
LEU CD1 HD13 sing N N 189 
LEU CD2 HD21 sing N N 190 
LEU CD2 HD22 sing N N 191 
LEU CD2 HD23 sing N N 192 
LEU OXT HXT  sing N N 193 
LYS N   CA   sing N N 194 
LYS N   H    sing N N 195 
LYS N   H2   sing N N 196 
LYS CA  C    sing N N 197 
LYS CA  CB   sing N N 198 
LYS CA  HA   sing N N 199 
LYS C   O    doub N N 200 
LYS C   OXT  sing N N 201 
LYS CB  CG   sing N N 202 
LYS CB  HB2  sing N N 203 
LYS CB  HB3  sing N N 204 
LYS CG  CD   sing N N 205 
LYS CG  HG2  sing N N 206 
LYS CG  HG3  sing N N 207 
LYS CD  CE   sing N N 208 
LYS CD  HD2  sing N N 209 
LYS CD  HD3  sing N N 210 
LYS CE  NZ   sing N N 211 
LYS CE  HE2  sing N N 212 
LYS CE  HE3  sing N N 213 
LYS NZ  HZ1  sing N N 214 
LYS NZ  HZ2  sing N N 215 
LYS NZ  HZ3  sing N N 216 
LYS OXT HXT  sing N N 217 
MET N   CA   sing N N 218 
MET N   H    sing N N 219 
MET N   H2   sing N N 220 
MET CA  C    sing N N 221 
MET CA  CB   sing N N 222 
MET CA  HA   sing N N 223 
MET C   O    doub N N 224 
MET C   OXT  sing N N 225 
MET CB  CG   sing N N 226 
MET CB  HB2  sing N N 227 
MET CB  HB3  sing N N 228 
MET CG  SD   sing N N 229 
MET CG  HG2  sing N N 230 
MET CG  HG3  sing N N 231 
MET SD  CE   sing N N 232 
MET CE  HE1  sing N N 233 
MET CE  HE2  sing N N 234 
MET CE  HE3  sing N N 235 
MET OXT HXT  sing N N 236 
PHE N   CA   sing N N 237 
PHE N   H    sing N N 238 
PHE N   H2   sing N N 239 
PHE CA  C    sing N N 240 
PHE CA  CB   sing N N 241 
PHE CA  HA   sing N N 242 
PHE C   O    doub N N 243 
PHE C   OXT  sing N N 244 
PHE CB  CG   sing N N 245 
PHE CB  HB2  sing N N 246 
PHE CB  HB3  sing N N 247 
PHE CG  CD1  doub Y N 248 
PHE CG  CD2  sing Y N 249 
PHE CD1 CE1  sing Y N 250 
PHE CD1 HD1  sing N N 251 
PHE CD2 CE2  doub Y N 252 
PHE CD2 HD2  sing N N 253 
PHE CE1 CZ   doub Y N 254 
PHE CE1 HE1  sing N N 255 
PHE CE2 CZ   sing Y N 256 
PHE CE2 HE2  sing N N 257 
PHE CZ  HZ   sing N N 258 
PHE OXT HXT  sing N N 259 
PRO N   CA   sing N N 260 
PRO N   CD   sing N N 261 
PRO N   H    sing N N 262 
PRO CA  C    sing N N 263 
PRO CA  CB   sing N N 264 
PRO CA  HA   sing N N 265 
PRO C   O    doub N N 266 
PRO C   OXT  sing N N 267 
PRO CB  CG   sing N N 268 
PRO CB  HB2  sing N N 269 
PRO CB  HB3  sing N N 270 
PRO CG  CD   sing N N 271 
PRO CG  HG2  sing N N 272 
PRO CG  HG3  sing N N 273 
PRO CD  HD2  sing N N 274 
PRO CD  HD3  sing N N 275 
PRO OXT HXT  sing N N 276 
SER N   CA   sing N N 277 
SER N   H    sing N N 278 
SER N   H2   sing N N 279 
SER CA  C    sing N N 280 
SER CA  CB   sing N N 281 
SER CA  HA   sing N N 282 
SER C   O    doub N N 283 
SER C   OXT  sing N N 284 
SER CB  OG   sing N N 285 
SER CB  HB2  sing N N 286 
SER CB  HB3  sing N N 287 
SER OG  HG   sing N N 288 
SER OXT HXT  sing N N 289 
THR N   CA   sing N N 290 
THR N   H    sing N N 291 
THR N   H2   sing N N 292 
THR CA  C    sing N N 293 
THR CA  CB   sing N N 294 
THR CA  HA   sing N N 295 
THR C   O    doub N N 296 
THR C   OXT  sing N N 297 
THR CB  OG1  sing N N 298 
THR CB  CG2  sing N N 299 
THR CB  HB   sing N N 300 
THR OG1 HG1  sing N N 301 
THR CG2 HG21 sing N N 302 
THR CG2 HG22 sing N N 303 
THR CG2 HG23 sing N N 304 
THR OXT HXT  sing N N 305 
TRP N   CA   sing N N 306 
TRP N   H    sing N N 307 
TRP N   H2   sing N N 308 
TRP CA  C    sing N N 309 
TRP CA  CB   sing N N 310 
TRP CA  HA   sing N N 311 
TRP C   O    doub N N 312 
TRP C   OXT  sing N N 313 
TRP CB  CG   sing N N 314 
TRP CB  HB2  sing N N 315 
TRP CB  HB3  sing N N 316 
TRP CG  CD1  doub Y N 317 
TRP CG  CD2  sing Y N 318 
TRP CD1 NE1  sing Y N 319 
TRP CD1 HD1  sing N N 320 
TRP CD2 CE2  doub Y N 321 
TRP CD2 CE3  sing Y N 322 
TRP NE1 CE2  sing Y N 323 
TRP NE1 HE1  sing N N 324 
TRP CE2 CZ2  sing Y N 325 
TRP CE3 CZ3  doub Y N 326 
TRP CE3 HE3  sing N N 327 
TRP CZ2 CH2  doub Y N 328 
TRP CZ2 HZ2  sing N N 329 
TRP CZ3 CH2  sing Y N 330 
TRP CZ3 HZ3  sing N N 331 
TRP CH2 HH2  sing N N 332 
TRP OXT HXT  sing N N 333 
TYR N   CA   sing N N 334 
TYR N   H    sing N N 335 
TYR N   H2   sing N N 336 
TYR CA  C    sing N N 337 
TYR CA  CB   sing N N 338 
TYR CA  HA   sing N N 339 
TYR C   O    doub N N 340 
TYR C   OXT  sing N N 341 
TYR CB  CG   sing N N 342 
TYR CB  HB2  sing N N 343 
TYR CB  HB3  sing N N 344 
TYR CG  CD1  doub Y N 345 
TYR CG  CD2  sing Y N 346 
TYR CD1 CE1  sing Y N 347 
TYR CD1 HD1  sing N N 348 
TYR CD2 CE2  doub Y N 349 
TYR CD2 HD2  sing N N 350 
TYR CE1 CZ   doub Y N 351 
TYR CE1 HE1  sing N N 352 
TYR CE2 CZ   sing Y N 353 
TYR CE2 HE2  sing N N 354 
TYR CZ  OH   sing N N 355 
TYR OH  HH   sing N N 356 
TYR OXT HXT  sing N N 357 
VAL N   CA   sing N N 358 
VAL N   H    sing N N 359 
VAL N   H2   sing N N 360 
VAL CA  C    sing N N 361 
VAL CA  CB   sing N N 362 
VAL CA  HA   sing N N 363 
VAL C   O    doub N N 364 
VAL C   OXT  sing N N 365 
VAL CB  CG1  sing N N 366 
VAL CB  CG2  sing N N 367 
VAL CB  HB   sing N N 368 
VAL CG1 HG11 sing N N 369 
VAL CG1 HG12 sing N N 370 
VAL CG1 HG13 sing N N 371 
VAL CG2 HG21 sing N N 372 
VAL CG2 HG22 sing N N 373 
VAL CG2 HG23 sing N N 374 
VAL OXT HXT  sing N N 375 
# 
_pdbx_audit_support.funding_organization   'National Natural Science Foundation of China' 
_pdbx_audit_support.country                China 
_pdbx_audit_support.grant_number           NO.31230074 
_pdbx_audit_support.ordinal                1 
# 
_atom_sites.entry_id                    5Z11 
_atom_sites.fract_transf_matrix[1][1]   -0.01234270 
_atom_sites.fract_transf_matrix[1][2]   -0.01433718 
_atom_sites.fract_transf_matrix[1][3]   -0.00881722 
_atom_sites.fract_transf_matrix[2][1]   0.01498964 
_atom_sites.fract_transf_matrix[2][2]   -0.00438996 
_atom_sites.fract_transf_matrix[2][3]   -0.01384483 
_atom_sites.fract_transf_matrix[3][1]   0.00150971 
_atom_sites.fract_transf_matrix[3][2]   -0.00286326 
_atom_sites.fract_transf_matrix[3][3]   0.00254243 
_atom_sites.fract_transf_vector[1]      0.092654 
_atom_sites.fract_transf_vector[2]      0.088845 
_atom_sites.fract_transf_vector[3]      0.081148 
# 
loop_
_atom_type.symbol 
C 
N 
O 
S 
# 
loop_
_atom_site.group_PDB 
_atom_site.id 
_atom_site.type_symbol 
_atom_site.label_atom_id 
_atom_site.label_alt_id 
_atom_site.label_comp_id 
_atom_site.label_asym_id 
_atom_site.label_entity_id 
_atom_site.label_seq_id 
_atom_site.pdbx_PDB_ins_code 
_atom_site.Cartn_x 
_atom_site.Cartn_y 
_atom_site.Cartn_z 
_atom_site.occupancy 
_atom_site.B_iso_or_equiv 
_atom_site.pdbx_formal_charge 
_atom_site.auth_seq_id 
_atom_site.auth_comp_id 
_atom_site.auth_asym_id 
_atom_site.auth_atom_id 
_atom_site.pdbx_PDB_model_num 
ATOM   1    N N   . GLY A 1 6   ? 3.558   14.829  -14.156 1.00 63.56  ? 7   GLY A N   1 
ATOM   2    C CA  . GLY A 1 6   ? 2.280   14.871  -13.338 1.00 67.14  ? 7   GLY A CA  1 
ATOM   3    C C   . GLY A 1 6   ? 1.746   13.514  -12.871 1.00 66.92  ? 7   GLY A C   1 
ATOM   4    O O   . GLY A 1 6   ? 2.481   12.520  -12.903 1.00 72.33  ? 7   GLY A O   1 
ATOM   5    N N   . VAL A 1 7   ? 0.477   13.474  -12.431 1.00 61.35  ? 8   VAL A N   1 
ATOM   6    C CA  . VAL A 1 7   ? -0.183  12.246  -11.918 1.00 55.25  ? 8   VAL A CA  1 
ATOM   7    C C   . VAL A 1 7   ? -1.658  12.197  -12.310 1.00 49.02  ? 8   VAL A C   1 
ATOM   8    O O   . VAL A 1 7   ? -2.403  13.113  -11.965 1.00 48.69  ? 8   VAL A O   1 
ATOM   9    C CB  . VAL A 1 7   ? -0.104  12.226  -10.363 1.00 62.73  ? 8   VAL A CB  1 
ATOM   10   C CG1 . VAL A 1 7   ? -0.885  11.075  -9.789  1.00 64.09  ? 8   VAL A CG1 1 
ATOM   11   C CG2 . VAL A 1 7   ? 1.349   12.178  -9.857  1.00 65.06  ? 8   VAL A CG2 1 
ATOM   12   N N   . SER A 1 8   ? -2.133  11.149  -12.981 1.00 50.45  ? 9   SER A N   1 
ATOM   13   C CA  . SER A 1 8   ? -3.556  11.152  -13.390 1.00 54.95  ? 9   SER A CA  1 
ATOM   14   C C   . SER A 1 8   ? -4.477  10.777  -12.233 1.00 52.27  ? 9   SER A C   1 
ATOM   15   O O   . SER A 1 8   ? -4.099  10.034  -11.366 1.00 54.14  ? 9   SER A O   1 
ATOM   16   C CB  . SER A 1 8   ? -3.831  10.313  -14.620 1.00 57.81  ? 9   SER A CB  1 
ATOM   17   O OG  . SER A 1 8   ? -3.509  8.989   -14.391 1.00 60.72  ? 9   SER A OG  1 
ATOM   18   N N   . ALA A 1 9   ? -5.656  11.383  -12.214 1.00 47.38  ? 10  ALA A N   1 
ATOM   19   C CA  . ALA A 1 9   ? -6.646  11.246  -11.146 1.00 43.31  ? 10  ALA A CA  1 
ATOM   20   C C   . ALA A 1 9   ? -8.074  11.469  -11.683 1.00 47.87  ? 10  ALA A C   1 
ATOM   21   O O   . ALA A 1 9   ? -8.268  12.005  -12.781 1.00 50.07  ? 10  ALA A O   1 
ATOM   22   C CB  . ALA A 1 9   ? -6.351  12.226  -10.030 1.00 42.91  ? 10  ALA A CB  1 
ATOM   23   N N   . ARG A 1 10  ? -9.065  11.046  -10.909 1.00 45.96  ? 11  ARG A N   1 
ATOM   24   C CA  . ARG A 1 10  ? -10.463 11.321  -11.168 1.00 45.19  ? 11  ARG A CA  1 
ATOM   25   C C   . ARG A 1 10  ? -11.078 12.211  -10.098 1.00 46.60  ? 11  ARG A C   1 
ATOM   26   O O   . ARG A 1 10  ? -10.832 12.048  -8.899  1.00 38.19  ? 11  ARG A O   1 
ATOM   27   C CB  . ARG A 1 10  ? -11.244 10.042  -11.303 1.00 52.03  ? 11  ARG A CB  1 
ATOM   28   C CG  . ARG A 1 10  ? -10.608 9.137   -12.341 1.00 61.56  ? 11  ARG A CG  1 
ATOM   29   C CD  . ARG A 1 10  ? -11.648 8.287   -13.032 1.00 66.09  ? 11  ARG A CD  1 
ATOM   30   N NE  . ARG A 1 10  ? -12.242 9.054   -14.120 1.00 77.13  ? 11  ARG A NE  1 
ATOM   31   C CZ  . ARG A 1 10  ? -13.535 9.126   -14.410 1.00 86.21  ? 11  ARG A CZ  1 
ATOM   32   N NH1 . ARG A 1 10  ? -13.919 9.862   -15.461 1.00 86.49  ? 11  ARG A NH1 1 
ATOM   33   N NH2 . ARG A 1 10  ? -14.456 8.492   -13.668 1.00 93.21  ? 11  ARG A NH2 1 
ATOM   34   N N   . ILE A 1 11  ? -11.878 13.169  -10.568 1.00 47.75  ? 12  ILE A N   1 
ATOM   35   C CA  . ILE A 1 11  ? -12.451 14.206  -9.738  1.00 49.09  ? 12  ILE A CA  1 
ATOM   36   C C   . ILE A 1 11  ? -13.905 13.895  -9.640  1.00 44.92  ? 12  ILE A C   1 
ATOM   37   O O   . ILE A 1 11  ? -14.527 13.534  -10.640 1.00 45.00  ? 12  ILE A O   1 
ATOM   38   C CB  . ILE A 1 11  ? -12.283 15.609  -10.338 1.00 56.76  ? 12  ILE A CB  1 
ATOM   39   C CG1 . ILE A 1 11  ? -10.871 15.794  -10.855 1.00 57.48  ? 12  ILE A CG1 1 
ATOM   40   C CG2 . ILE A 1 11  ? -12.589 16.679  -9.280  1.00 56.71  ? 12  ILE A CG2 1 
ATOM   41   C CD1 . ILE A 1 11  ? -9.832  15.905  -9.758  1.00 63.20  ? 12  ILE A CD1 1 
ATOM   42   N N   . TYR A 1 12  ? -14.423 13.991  -8.408  1.00 50.10  ? 13  TYR A N   1 
ATOM   43   C CA  . TYR A 1 12  ? -15.819 13.639  -8.079  1.00 44.62  ? 13  TYR A CA  1 
ATOM   44   C C   . TYR A 1 12  ? -16.429 14.781  -7.273  1.00 44.14  ? 13  TYR A C   1 
ATOM   45   O O   . TYR A 1 12  ? -15.766 15.389  -6.418  1.00 48.73  ? 13  TYR A O   1 
ATOM   46   C CB  . TYR A 1 12  ? -15.862 12.322  -7.264  1.00 44.58  ? 13  TYR A CB  1 
ATOM   47   C CG  . TYR A 1 12  ? -15.440 11.128  -8.075  1.00 45.84  ? 13  TYR A CG  1 
ATOM   48   C CD1 . TYR A 1 12  ? -16.320 10.544  -8.945  1.00 45.94  ? 13  TYR A CD1 1 
ATOM   49   C CD2 . TYR A 1 12  ? -14.130 10.588  -8.009  1.00 43.61  ? 13  TYR A CD2 1 
ATOM   50   C CE1 . TYR A 1 12  ? -15.967 9.436   -9.702  1.00 45.82  ? 13  TYR A CE1 1 
ATOM   51   C CE2 . TYR A 1 12  ? -13.771 9.487   -8.787  1.00 41.53  ? 13  TYR A CE2 1 
ATOM   52   C CZ  . TYR A 1 12  ? -14.681 8.923   -9.628  1.00 42.08  ? 13  TYR A CZ  1 
ATOM   53   O OH  . TYR A 1 12  ? -14.369 7.855   -10.452 1.00 45.16  ? 13  TYR A OH  1 
ATOM   54   N N   . LYS A 1 13  ? -17.714 15.045  -7.507  1.00 55.93  ? 14  LYS A N   1 
ATOM   55   C CA  . LYS A 1 13  ? -18.488 15.987  -6.696  1.00 58.96  ? 14  LYS A CA  1 
ATOM   56   C C   . LYS A 1 13  ? -19.021 15.218  -5.505  1.00 59.75  ? 14  LYS A C   1 
ATOM   57   O O   . LYS A 1 13  ? -19.183 13.991  -5.593  1.00 56.20  ? 14  LYS A O   1 
ATOM   58   C CB  . LYS A 1 13  ? -19.669 16.536  -7.492  1.00 69.58  ? 14  LYS A CB  1 
ATOM   59   C CG  . LYS A 1 13  ? -19.300 17.293  -8.762  1.00 77.88  ? 14  LYS A CG  1 
ATOM   60   C CD  . LYS A 1 13  ? -20.511 17.570  -9.667  1.00 87.63  ? 14  LYS A CD  1 
ATOM   61   C CE  . LYS A 1 13  ? -21.003 16.338  -10.450 1.00 97.50  ? 14  LYS A CE  1 
ATOM   62   N NZ  . LYS A 1 13  ? -22.161 15.592  -9.837  1.00 99.20  ? 14  LYS A NZ  1 
ATOM   63   N N   . GLU A 1 14  ? -19.313 15.939  -4.416  1.00 52.73  ? 15  GLU A N   1 
ATOM   64   C CA  . GLU A 1 14  ? -19.910 15.359  -3.242  1.00 55.79  ? 15  GLU A CA  1 
ATOM   65   C C   . GLU A 1 14  ? -21.154 14.642  -3.658  1.00 52.08  ? 15  GLU A C   1 
ATOM   66   O O   . GLU A 1 14  ? -21.867 15.141  -4.494  1.00 50.53  ? 15  GLU A O   1 
ATOM   67   C CB  . GLU A 1 14  ? -20.251 16.418  -2.202  1.00 59.99  ? 15  GLU A CB  1 
ATOM   68   C CG  . GLU A 1 14  ? -19.045 17.166  -1.600  1.00 61.67  ? 15  GLU A CG  1 
ATOM   69   C CD  . GLU A 1 14  ? -17.966 16.258  -0.977  1.00 69.20  ? 15  GLU A CD  1 
ATOM   70   O OE1 . GLU A 1 14  ? -17.976 16.067  0.263   1.00 68.27  ? 15  GLU A OE1 1 
ATOM   71   O OE2 . GLU A 1 14  ? -17.085 15.736  -1.718  1.00 73.77  ? 15  GLU A OE2 1 
ATOM   72   N N   . GLY A 1 15  ? -21.371 13.427  -3.153  1.00 57.44  ? 16  GLY A N   1 
ATOM   73   C CA  . GLY A 1 15  ? -22.608 12.661  -3.441  1.00 49.81  ? 16  GLY A CA  1 
ATOM   74   C C   . GLY A 1 15  ? -22.594 11.841  -4.717  1.00 55.48  ? 16  GLY A C   1 
ATOM   75   O O   . GLY A 1 15  ? -23.536 11.056  -4.962  1.00 47.91  ? 16  GLY A O   1 
ATOM   76   N N   . GLU A 1 16  ? -21.560 11.969  -5.556  1.00 50.69  ? 17  GLU A N   1 
ATOM   77   C CA  . GLU A 1 16  ? -21.469 11.061  -6.719  1.00 53.53  ? 17  GLU A CA  1 
ATOM   78   C C   . GLU A 1 16  ? -21.133 9.586   -6.256  1.00 49.36  ? 17  GLU A C   1 
ATOM   79   O O   . GLU A 1 16  ? -20.416 9.387   -5.267  1.00 44.25  ? 17  GLU A O   1 
ATOM   80   C CB  . GLU A 1 16  ? -20.380 11.565  -7.706  1.00 67.33  ? 17  GLU A CB  1 
ATOM   81   C CG  . GLU A 1 16  ? -20.829 12.181  -9.038  1.00 76.03  ? 17  GLU A CG  1 
ATOM   82   C CD  . GLU A 1 16  ? -19.632 12.669  -9.899  1.00 71.45  ? 17  GLU A CD  1 
ATOM   83   O OE1 . GLU A 1 16  ? -19.359 12.107  -10.989 1.00 73.08  ? 17  GLU A OE1 1 
ATOM   84   O OE2 . GLU A 1 16  ? -18.929 13.612  -9.479  1.00 60.64  ? 17  GLU A OE2 1 
ATOM   85   N N   . LYS A 1 17  ? -21.647 8.592   -6.983  1.00 56.53  ? 18  LYS A N   1 
ATOM   86   C CA  . LYS A 1 17  ? -21.183 7.203   -6.943  1.00 59.04  ? 18  LYS A CA  1 
ATOM   87   C C   . LYS A 1 17  ? -19.745 7.150   -7.485  1.00 62.02  ? 18  LYS A C   1 
ATOM   88   O O   . LYS A 1 17  ? -19.431 7.856   -8.434  1.00 59.63  ? 18  LYS A O   1 
ATOM   89   C CB  . LYS A 1 17  ? -21.994 6.265   -7.868  1.00 60.35  ? 18  LYS A CB  1 
ATOM   90   C CG  . LYS A 1 17  ? -23.498 6.176   -7.626  1.00 81.46  ? 18  LYS A CG  1 
ATOM   91   C CD  . LYS A 1 17  ? -23.882 5.185   -6.530  1.00 92.96  ? 18  LYS A CD  1 
ATOM   92   C CE  . LYS A 1 17  ? -25.337 5.340   -6.086  1.00 91.24  ? 18  LYS A CE  1 
ATOM   93   N NZ  . LYS A 1 17  ? -25.529 4.897   -4.670  1.00 87.28  ? 18  LYS A NZ  1 
ATOM   94   N N   . VAL A 1 18  ? -18.909 6.285   -6.898  1.00 53.08  ? 19  VAL A N   1 
ATOM   95   C CA  . VAL A 1 18  ? -17.585 5.979   -7.393  1.00 46.12  ? 19  VAL A CA  1 
ATOM   96   C C   . VAL A 1 18  ? -17.432 4.479   -7.490  1.00 42.53  ? 19  VAL A C   1 
ATOM   97   O O   . VAL A 1 18  ? -17.775 3.774   -6.576  1.00 44.70  ? 19  VAL A O   1 
ATOM   98   C CB  . VAL A 1 18  ? -16.526 6.516   -6.424  1.00 51.23  ? 19  VAL A CB  1 
ATOM   99   C CG1 . VAL A 1 18  ? -15.096 6.247   -6.924  1.00 50.91  ? 19  VAL A CG1 1 
ATOM   100  C CG2 . VAL A 1 18  ? -16.746 7.999   -6.165  1.00 50.10  ? 19  VAL A CG2 1 
ATOM   101  N N   . GLN A 1 19  ? -16.896 3.990   -8.583  1.00 42.94  ? 20  GLN A N   1 
ATOM   102  C CA  . GLN A 1 19  ? -16.583 2.571   -8.728  1.00 51.18  ? 20  GLN A CA  1 
ATOM   103  C C   . GLN A 1 19  ? -15.072 2.529   -8.784  1.00 52.23  ? 20  GLN A C   1 
ATOM   104  O O   . GLN A 1 19  ? -14.514 3.173   -9.677  1.00 49.50  ? 20  GLN A O   1 
ATOM   105  C CB  . GLN A 1 19  ? -17.081 2.006   -10.056 1.00 56.63  ? 20  GLN A CB  1 
ATOM   106  C CG  . GLN A 1 19  ? -18.477 1.414   -10.045 1.00 73.72  ? 20  GLN A CG  1 
ATOM   107  C CD  . GLN A 1 19  ? -19.134 1.404   -11.424 1.00 76.80  ? 20  GLN A CD  1 
ATOM   108  O OE1 . GLN A 1 19  ? -18.456 1.298   -12.455 1.00 69.28  ? 20  GLN A OE1 1 
ATOM   109  N NE2 . GLN A 1 19  ? -20.464 1.502   -11.444 1.00 70.45  ? 20  GLN A NE2 1 
ATOM   110  N N   . VAL A 1 20  ? -14.427 1.756   -7.894  1.00 44.80  ? 21  VAL A N   1 
ATOM   111  C CA  . VAL A 1 20  ? -12.963 1.513   -7.956  1.00 40.35  ? 21  VAL A CA  1 
ATOM   112  C C   . VAL A 1 20  ? -12.666 0.123   -8.448  1.00 37.51  ? 21  VAL A C   1 
ATOM   113  O O   . VAL A 1 20  ? -13.115 -0.877  -7.850  1.00 36.24  ? 21  VAL A O   1 
ATOM   114  C CB  . VAL A 1 20  ? -12.325 1.692   -6.578  1.00 40.84  ? 21  VAL A CB  1 
ATOM   115  C CG1 . VAL A 1 20  ? -10.800 1.432   -6.631  1.00 47.36  ? 21  VAL A CG1 1 
ATOM   116  C CG2 . VAL A 1 20  ? -12.619 3.089   -6.099  1.00 39.67  ? 21  VAL A CG2 1 
ATOM   117  N N   . ASP A 1 21  ? -11.888 0.035   -9.509  1.00 37.84  ? 22  ASP A N   1 
ATOM   118  C CA  . ASP A 1 21  ? -11.485 -1.270  -10.074 1.00 44.91  ? 22  ASP A CA  1 
ATOM   119  C C   . ASP A 1 21  ? -10.041 -1.715  -9.700  1.00 44.01  ? 22  ASP A C   1 
ATOM   120  O O   . ASP A 1 21  ? -9.271  -0.970  -9.140  1.00 42.81  ? 22  ASP A O   1 
ATOM   121  C CB  . ASP A 1 21  ? -11.651 -1.253  -11.598 1.00 47.98  ? 22  ASP A CB  1 
ATOM   122  C CG  . ASP A 1 21  ? -13.129 -1.155  -12.029 1.00 56.68  ? 22  ASP A CG  1 
ATOM   123  O OD1 . ASP A 1 21  ? -13.944 -2.001  -11.633 1.00 52.13  ? 22  ASP A OD1 1 
ATOM   124  O OD2 . ASP A 1 21  ? -13.475 -0.233  -12.774 1.00 65.24  ? 22  ASP A OD2 1 
ATOM   125  N N   . CYS A 1 22  ? -9.723  -2.946  -10.069 1.00 49.80  ? 23  CYS A N   1 
ATOM   126  C CA  . CYS A 1 22  ? -8.444  -3.573  -9.865  1.00 49.51  ? 23  CYS A CA  1 
ATOM   127  C C   . CYS A 1 22  ? -8.033  -4.269  -11.167 1.00 50.02  ? 23  CYS A C   1 
ATOM   128  O O   . CYS A 1 22  ? -8.666  -5.240  -11.577 1.00 42.93  ? 23  CYS A O   1 
ATOM   129  C CB  . CYS A 1 22  ? -8.559  -4.589  -8.709  1.00 46.56  ? 23  CYS A CB  1 
ATOM   130  S SG  . CYS A 1 22  ? -7.003  -5.429  -8.222  1.00 54.16  ? 23  CYS A SG  1 
ATOM   131  N N   . ASP A 1 23  ? -6.933  -3.814  -11.776 1.00 49.34  ? 24  ASP A N   1 
ATOM   132  C CA  . ASP A 1 23  ? -6.430  -4.421  -13.036 1.00 48.06  ? 24  ASP A CA  1 
ATOM   133  C C   . ASP A 1 23  ? -5.500  -5.623  -12.850 1.00 50.62  ? 24  ASP A C   1 
ATOM   134  O O   . ASP A 1 23  ? -4.837  -6.043  -13.798 1.00 55.01  ? 24  ASP A O   1 
ATOM   135  C CB  . ASP A 1 23  ? -5.747  -3.347  -13.903 1.00 53.70  ? 24  ASP A CB  1 
ATOM   136  C CG  . ASP A 1 23  ? -4.527  -2.706  -13.219 1.00 57.91  ? 24  ASP A CG  1 
ATOM   137  O OD1 . ASP A 1 23  ? -3.940  -3.294  -12.275 1.00 61.38  ? 24  ASP A OD1 1 
ATOM   138  O OD2 . ASP A 1 23  ? -4.148  -1.591  -13.613 1.00 61.90  ? 24  ASP A OD2 1 
ATOM   139  N N   . LEU A 1 24  ? -5.385  -6.158  -11.638 1.00 47.16  ? 25  LEU A N   1 
ATOM   140  C CA  . LEU A 1 24  ? -4.643  -7.389  -11.463 1.00 51.99  ? 25  LEU A CA  1 
ATOM   141  C C   . LEU A 1 24  ? -5.315  -8.535  -12.267 1.00 55.26  ? 25  LEU A C   1 
ATOM   142  O O   . LEU A 1 24  ? -6.536  -8.660  -12.322 1.00 49.91  ? 25  LEU A O   1 
ATOM   143  C CB  . LEU A 1 24  ? -4.541  -7.769  -9.971  1.00 50.03  ? 25  LEU A CB  1 
ATOM   144  C CG  . LEU A 1 24  ? -3.524  -6.983  -9.088  1.00 54.22  ? 25  LEU A CG  1 
ATOM   145  C CD1 . LEU A 1 24  ? -3.844  -7.158  -7.610  1.00 51.98  ? 25  LEU A CD1 1 
ATOM   146  C CD2 . LEU A 1 24  ? -2.058  -7.401  -9.308  1.00 47.43  ? 25  LEU A CD2 1 
ATOM   147  N N   . LYS A 1 25  ? -4.503  -9.374  -12.879 1.00 62.16  ? 26  LYS A N   1 
ATOM   148  C CA  . LYS A 1 25  ? -5.003  -10.554 -13.560 1.00 62.63  ? 26  LYS A CA  1 
ATOM   149  C C   . LYS A 1 25  ? -5.726  -11.378 -12.512 1.00 63.31  ? 26  LYS A C   1 
ATOM   150  O O   . LYS A 1 25  ? -5.234  -11.531 -11.406 1.00 57.11  ? 26  LYS A O   1 
ATOM   151  C CB  . LYS A 1 25  ? -3.853  -11.338 -14.215 1.00 71.58  ? 26  LYS A CB  1 
ATOM   152  C CG  . LYS A 1 25  ? -4.204  -11.971 -15.576 1.00 93.69  ? 26  LYS A CG  1 
ATOM   153  C CD  . LYS A 1 25  ? -3.095  -11.860 -16.655 1.00 102.99 ? 26  LYS A CD  1 
ATOM   154  C CE  . LYS A 1 25  ? -1.814  -12.654 -16.360 1.00 102.08 ? 26  LYS A CE  1 
ATOM   155  N NZ  . LYS A 1 25  ? -2.072  -14.096 -16.068 1.00 104.80 ? 26  LYS A NZ  1 
ATOM   156  N N   . GLN A 1 26  ? -6.917  -11.874 -12.829 1.00 68.70  ? 27  GLN A N   1 
ATOM   157  C CA  . GLN A 1 26  ? -7.676  -12.693 -11.865 1.00 71.84  ? 27  GLN A CA  1 
ATOM   158  C C   . GLN A 1 26  ? -6.967  -14.048 -11.757 1.00 62.47  ? 27  GLN A C   1 
ATOM   159  O O   . GLN A 1 26  ? -6.711  -14.698 -12.748 1.00 70.72  ? 27  GLN A O   1 
ATOM   160  C CB  . GLN A 1 26  ? -9.180  -12.799 -12.249 1.00 71.49  ? 27  GLN A CB  1 
ATOM   161  C CG  . GLN A 1 26  ? -10.139 -13.476 -11.241 1.00 80.63  ? 27  GLN A CG  1 
ATOM   162  C CD  . GLN A 1 26  ? -10.070 -13.004 -9.757  1.00 83.65  ? 27  GLN A CD  1 
ATOM   163  O OE1 . GLN A 1 26  ? -10.343 -11.842 -9.406  1.00 73.34  ? 27  GLN A OE1 1 
ATOM   164  N NE2 . GLN A 1 26  ? -9.771  -13.947 -8.881  1.00 79.93  ? 27  GLN A NE2 1 
ATOM   165  N N   . SER A 1 27  ? -6.515  -14.346 -10.556 1.00 57.35  ? 28  SER A N   1 
ATOM   166  C CA  . SER A 1 27  ? -6.114  -15.661 -10.107 1.00 63.53  ? 28  SER A CA  1 
ATOM   167  C C   . SER A 1 27  ? -6.952  -15.832 -8.837  1.00 60.42  ? 28  SER A C   1 
ATOM   168  O O   . SER A 1 27  ? -7.825  -15.009 -8.540  1.00 70.68  ? 28  SER A O   1 
ATOM   169  C CB  . SER A 1 27  ? -4.609  -15.701 -9.816  1.00 71.75  ? 28  SER A CB  1 
ATOM   170  O OG  . SER A 1 27  ? -4.198  -14.629 -8.973  1.00 67.68  ? 28  SER A OG  1 
ATOM   171  N N   . GLY A 1 28  ? -6.712  -16.855 -8.059  1.00 52.86  ? 29  GLY A N   1 
ATOM   172  C CA  . GLY A 1 28  ? -7.584  -17.062 -6.877  1.00 51.35  ? 29  GLY A CA  1 
ATOM   173  C C   . GLY A 1 28  ? -6.774  -16.804 -5.623  1.00 49.27  ? 29  GLY A C   1 
ATOM   174  O O   . GLY A 1 28  ? -6.887  -17.523 -4.640  1.00 48.25  ? 29  GLY A O   1 
ATOM   175  N N   . THR A 1 29  ? -5.969  -15.754 -5.680  1.00 44.84  ? 30  THR A N   1 
ATOM   176  C CA  . THR A 1 29  ? -5.042  -15.398 -4.629  1.00 46.32  ? 30  THR A CA  1 
ATOM   177  C C   . THR A 1 29  ? -5.666  -14.312 -3.773  1.00 38.54  ? 30  THR A C   1 
ATOM   178  O O   . THR A 1 29  ? -6.357  -13.385 -4.246  1.00 34.38  ? 30  THR A O   1 
ATOM   179  C CB  . THR A 1 29  ? -3.771  -14.879 -5.271  1.00 55.73  ? 30  THR A CB  1 
ATOM   180  O OG1 . THR A 1 29  ? -3.331  -15.844 -6.240  1.00 59.11  ? 30  THR A OG1 1 
ATOM   181  C CG2 . THR A 1 29  ? -2.728  -14.711 -4.247  1.00 60.52  ? 30  THR A CG2 1 
ATOM   182  N N   . LEU A 1 30  ? -5.490  -14.447 -2.489  1.00 36.22  ? 31  LEU A N   1 
ATOM   183  C CA  . LEU A 1 30  ? -5.997  -13.434 -1.572  1.00 33.66  ? 31  LEU A CA  1 
ATOM   184  C C   . LEU A 1 30  ? -5.480  -12.041 -1.934  1.00 32.90  ? 31  LEU A C   1 
ATOM   185  O O   . LEU A 1 30  ? -4.309  -11.887 -2.241  1.00 31.29  ? 31  LEU A O   1 
ATOM   186  C CB  . LEU A 1 30  ? -5.530  -13.790 -0.181  1.00 40.13  ? 31  LEU A CB  1 
ATOM   187  C CG  . LEU A 1 30  ? -5.920  -12.899 0.989   1.00 38.21  ? 31  LEU A CG  1 
ATOM   188  C CD1 . LEU A 1 30  ? -7.403  -13.062 1.218   1.00 36.78  ? 31  LEU A CD1 1 
ATOM   189  C CD2 . LEU A 1 30  ? -5.167  -13.411 2.217   1.00 39.79  ? 31  LEU A CD2 1 
ATOM   190  N N   . THR A 1 31  ? -6.363  -11.049 -1.940  1.00 32.45  ? 32  THR A N   1 
ATOM   191  C CA  . THR A 1 31  ? -6.074  -9.742  -2.504  1.00 34.66  ? 32  THR A CA  1 
ATOM   192  C C   . THR A 1 31  ? -6.573  -8.692  -1.523  1.00 38.07  ? 32  THR A C   1 
ATOM   193  O O   . THR A 1 31  ? -7.739  -8.737  -1.126  1.00 33.12  ? 32  THR A O   1 
ATOM   194  C CB  . THR A 1 31  ? -6.767  -9.619  -3.879  1.00 33.75  ? 32  THR A CB  1 
ATOM   195  O OG1 . THR A 1 31  ? -6.283  -10.665 -4.709  1.00 38.73  ? 32  THR A OG1 1 
ATOM   196  C CG2 . THR A 1 31  ? -6.466  -8.386  -4.589  1.00 31.61  ? 32  THR A CG2 1 
ATOM   197  N N   . PHE A 1 32  ? -5.663  -7.799  -1.100  1.00 34.23  ? 33  PHE A N   1 
ATOM   198  C CA  . PHE A 1 32  ? -5.955  -6.811  -0.055  1.00 31.76  ? 33  PHE A CA  1 
ATOM   199  C C   . PHE A 1 32  ? -6.263  -5.532  -0.742  1.00 30.43  ? 33  PHE A C   1 
ATOM   200  O O   . PHE A 1 32  ? -5.516  -5.142  -1.640  1.00 34.69  ? 33  PHE A O   1 
ATOM   201  C CB  . PHE A 1 32  ? -4.743  -6.584  0.839   1.00 33.39  ? 33  PHE A CB  1 
ATOM   202  C CG  . PHE A 1 32  ? -4.242  -7.829  1.507   1.00 37.09  ? 33  PHE A CG  1 
ATOM   203  C CD1 . PHE A 1 32  ? -5.035  -8.518  2.422   1.00 33.36  ? 33  PHE A CD1 1 
ATOM   204  C CD2 . PHE A 1 32  ? -3.009  -8.350  1.183   1.00 41.84  ? 33  PHE A CD2 1 
ATOM   205  C CE1 . PHE A 1 32  ? -4.574  -9.645  3.045   1.00 38.56  ? 33  PHE A CE1 1 
ATOM   206  C CE2 . PHE A 1 32  ? -2.554  -9.546  1.770   1.00 37.63  ? 33  PHE A CE2 1 
ATOM   207  C CZ  . PHE A 1 32  ? -3.330  -10.184 2.698   1.00 34.97  ? 33  PHE A CZ  1 
ATOM   208  N N   . TRP A 1 33  ? -7.343  -4.867  -0.337  1.00 28.93  ? 34  TRP A N   1 
ATOM   209  C CA  . TRP A 1 33  ? -7.690  -3.576  -0.895  1.00 32.24  ? 34  TRP A CA  1 
ATOM   210  C C   . TRP A 1 33  ? -7.533  -2.529  0.206   1.00 31.36  ? 34  TRP A C   1 
ATOM   211  O O   . TRP A 1 33  ? -7.976  -2.767  1.323   1.00 31.04  ? 34  TRP A O   1 
ATOM   212  C CB  . TRP A 1 33  ? -9.136  -3.578  -1.369  1.00 34.52  ? 34  TRP A CB  1 
ATOM   213  C CG  . TRP A 1 33  ? -9.409  -4.320  -2.596  1.00 32.21  ? 34  TRP A CG  1 
ATOM   214  C CD1 . TRP A 1 33  ? -9.192  -5.624  -2.830  1.00 30.94  ? 34  TRP A CD1 1 
ATOM   215  C CD2 . TRP A 1 33  ? -10.017 -3.793  -3.746  1.00 32.23  ? 34  TRP A CD2 1 
ATOM   216  N NE1 . TRP A 1 33  ? -9.620  -5.960  -4.078  1.00 35.41  ? 34  TRP A NE1 1 
ATOM   217  C CE2 . TRP A 1 33  ? -10.157 -4.853  -4.661  1.00 33.06  ? 34  TRP A CE2 1 
ATOM   218  C CE3 . TRP A 1 33  ? -10.493 -2.524  -4.088  1.00 34.91  ? 34  TRP A CE3 1 
ATOM   219  C CZ2 . TRP A 1 33  ? -10.714 -4.691  -5.912  1.00 35.51  ? 34  TRP A CZ2 1 
ATOM   220  C CZ3 . TRP A 1 33  ? -11.045 -2.355  -5.328  1.00 36.42  ? 34  TRP A CZ3 1 
ATOM   221  C CH2 . TRP A 1 33  ? -11.160 -3.444  -6.236  1.00 37.75  ? 34  TRP A CH2 1 
ATOM   222  N N   . PHE A 1 34  ? -6.836  -1.438  -0.106  1.00 31.09  ? 35  PHE A N   1 
ATOM   223  C CA  . PHE A 1 34  ? -6.651  -0.351  0.851   1.00 33.35  ? 35  PHE A CA  1 
ATOM   224  C C   . PHE A 1 34  ? -6.448  0.971   0.150   1.00 33.05  ? 35  PHE A C   1 
ATOM   225  O O   . PHE A 1 34  ? -6.374  1.050   -1.076  1.00 31.52  ? 35  PHE A O   1 
ATOM   226  C CB  . PHE A 1 34  ? -5.485  -0.649  1.824   1.00 35.66  ? 35  PHE A CB  1 
ATOM   227  C CG  . PHE A 1 34  ? -4.179  -0.884  1.154   1.00 36.22  ? 35  PHE A CG  1 
ATOM   228  C CD1 . PHE A 1 34  ? -3.870  -2.134  0.627   1.00 35.56  ? 35  PHE A CD1 1 
ATOM   229  C CD2 . PHE A 1 34  ? -3.250  0.128   1.046   1.00 37.12  ? 35  PHE A CD2 1 
ATOM   230  C CE1 . PHE A 1 34  ? -2.653  -2.360  0.018   1.00 35.41  ? 35  PHE A CE1 1 
ATOM   231  C CE2 . PHE A 1 34  ? -2.018  -0.093  0.416   1.00 39.97  ? 35  PHE A CE2 1 
ATOM   232  C CZ  . PHE A 1 34  ? -1.727  -1.347  -0.094  1.00 36.72  ? 35  PHE A CZ  1 
ATOM   233  N N   . ARG A 1 35  ? -6.450  2.033   0.942   1.00 34.52  ? 36  ARG A N   1 
ATOM   234  C CA  . ARG A 1 35  ? -6.254  3.353   0.424   1.00 37.70  ? 36  ARG A CA  1 
ATOM   235  C C   . ARG A 1 35  ? -5.300  4.152   1.280   1.00 37.94  ? 36  ARG A C   1 
ATOM   236  O O   . ARG A 1 35  ? -5.253  3.949   2.471   1.00 39.31  ? 36  ARG A O   1 
ATOM   237  C CB  . ARG A 1 35  ? -7.582  4.092   0.327   1.00 44.18  ? 36  ARG A CB  1 
ATOM   238  C CG  . ARG A 1 35  ? -8.221  4.500   1.640   1.00 43.66  ? 36  ARG A CG  1 
ATOM   239  C CD  . ARG A 1 35  ? -9.462  5.315   1.412   1.00 45.77  ? 36  ARG A CD  1 
ATOM   240  N NE  . ARG A 1 35  ? -10.330 5.283   2.608   1.00 45.85  ? 36  ARG A NE  1 
ATOM   241  C CZ  . ARG A 1 35  ? -11.656 5.408   2.586   1.00 44.67  ? 36  ARG A CZ  1 
ATOM   242  N NH1 . ARG A 1 35  ? -12.349 5.560   1.441   1.00 51.53  ? 36  ARG A NH1 1 
ATOM   243  N NH2 . ARG A 1 35  ? -12.317 5.333   3.709   1.00 51.86  ? 36  ARG A NH2 1 
ATOM   244  N N   . ILE A 1 36  ? -4.524  5.025   0.640   1.00 39.77  ? 37  ILE A N   1 
ATOM   245  C CA  . ILE A 1 36  ? -3.628  5.937   1.314   1.00 41.63  ? 37  ILE A CA  1 
ATOM   246  C C   . ILE A 1 36  ? -4.114  7.395   1.101   1.00 45.86  ? 37  ILE A C   1 
ATOM   247  O O   . ILE A 1 36  ? -4.372  7.807   -0.031  1.00 50.02  ? 37  ILE A O   1 
ATOM   248  C CB  . ILE A 1 36  ? -2.198  5.695   0.778   1.00 50.88  ? 37  ILE A CB  1 
ATOM   249  C CG1 . ILE A 1 36  ? -1.727  4.306   1.213   1.00 50.37  ? 37  ILE A CG1 1 
ATOM   250  C CG2 . ILE A 1 36  ? -1.209  6.731   1.329   1.00 50.95  ? 37  ILE A CG2 1 
ATOM   251  C CD1 . ILE A 1 36  ? -0.651  3.752   0.345   1.00 55.56  ? 37  ILE A CD1 1 
ATOM   252  N N   . ASN A 1 37  ? -4.258  8.144   2.189   1.00 49.26  ? 38  ASN A N   1 
ATOM   253  C CA  . ASN A 1 37  ? -4.620  9.576   2.185   1.00 52.84  ? 38  ASN A CA  1 
ATOM   254  C C   . ASN A 1 37  ? -3.579  10.281  3.077   1.00 60.92  ? 38  ASN A C   1 
ATOM   255  O O   . ASN A 1 37  ? -2.604  9.663   3.451   1.00 58.33  ? 38  ASN A O   1 
ATOM   256  C CB  . ASN A 1 37  ? -6.067  9.773   2.675   1.00 50.53  ? 38  ASN A CB  1 
ATOM   257  C CG  . ASN A 1 37  ? -6.346  9.081   3.996   1.00 64.66  ? 38  ASN A CG  1 
ATOM   258  O OD1 . ASN A 1 37  ? -5.621  9.285   4.957   1.00 66.87  ? 38  ASN A OD1 1 
ATOM   259  N ND2 . ASN A 1 37  ? -7.388  8.224   4.039   1.00 65.52  ? 38  ASN A ND2 1 
ATOM   260  N N   . SER A 1 38  ? -3.742  11.560  3.405   1.00 71.98  ? 39  SER A N   1 
ATOM   261  C CA  . SER A 1 38  ? -2.760  12.248  4.276   1.00 74.12  ? 39  SER A CA  1 
ATOM   262  C C   . SER A 1 38  ? -2.867  11.900  5.788   1.00 68.22  ? 39  SER A C   1 
ATOM   263  O O   . SER A 1 38  ? -1.948  12.224  6.565   1.00 69.12  ? 39  SER A O   1 
ATOM   264  C CB  . SER A 1 38  ? -2.778  13.764  4.038   1.00 73.40  ? 39  SER A CB  1 
ATOM   265  O OG  . SER A 1 38  ? -4.102  14.239  4.081   1.00 80.22  ? 39  SER A OG  1 
ATOM   266  N N   . LYS A 1 39  ? -3.934  11.203  6.188   1.00 69.88  ? 40  LYS A N   1 
ATOM   267  C CA  . LYS A 1 39  ? -4.050  10.634  7.553   1.00 70.33  ? 40  LYS A CA  1 
ATOM   268  C C   . LYS A 1 39  ? -3.305  9.311   7.742   1.00 63.54  ? 40  LYS A C   1 
ATOM   269  O O   . LYS A 1 39  ? -3.236  8.838   8.858   1.00 71.08  ? 40  LYS A O   1 
ATOM   270  C CB  . LYS A 1 39  ? -5.499  10.347  7.955   1.00 82.75  ? 40  LYS A CB  1 
ATOM   271  C CG  . LYS A 1 39  ? -6.517  11.444  7.667   1.00 107.97 ? 40  LYS A CG  1 
ATOM   272  C CD  . LYS A 1 39  ? -7.921  10.985  8.062   1.00 115.64 ? 40  LYS A CD  1 
ATOM   273  C CE  . LYS A 1 39  ? -8.989  11.960  7.574   1.00 118.83 ? 40  LYS A CE  1 
ATOM   274  N NZ  . LYS A 1 39  ? -8.808  13.324  8.154   1.00 121.26 ? 40  LYS A NZ  1 
ATOM   275  N N   . GLY A 1 40  ? -2.813  8.680   6.677   1.00 54.44  ? 41  GLY A N   1 
ATOM   276  C CA  . GLY A 1 40  ? -2.298  7.304   6.777   1.00 53.11  ? 41  GLY A CA  1 
ATOM   277  C C   . GLY A 1 40  ? -2.821  6.331   5.726   1.00 48.52  ? 41  GLY A C   1 
ATOM   278  O O   . GLY A 1 40  ? -3.402  6.702   4.717   1.00 39.52  ? 41  GLY A O   1 
ATOM   279  N N   . ALA A 1 41  ? -2.537  5.056   5.943   1.00 49.55  ? 42  ALA A N   1 
ATOM   280  C CA  . ALA A 1 41  ? -3.072  3.997   5.132   1.00 42.11  ? 42  ALA A CA  1 
ATOM   281  C C   . ALA A 1 41  ? -4.285  3.448   5.858   1.00 42.56  ? 42  ALA A C   1 
ATOM   282  O O   . ALA A 1 41  ? -4.275  3.306   7.053   1.00 49.35  ? 42  ALA A O   1 
ATOM   283  C CB  . ALA A 1 41  ? -2.010  2.940   4.922   1.00 47.42  ? 42  ALA A CB  1 
ATOM   284  N N   . ASP A 1 42  ? -5.347  3.179   5.135   1.00 42.60  ? 43  ASP A N   1 
ATOM   285  C CA  . ASP A 1 42  ? -6.602  2.738   5.711   1.00 43.88  ? 43  ASP A CA  1 
ATOM   286  C C   . ASP A 1 42  ? -6.989  1.413   4.946   1.00 40.42  ? 43  ASP A C   1 
ATOM   287  O O   . ASP A 1 42  ? -7.172  1.370   3.732   1.00 34.70  ? 43  ASP A O   1 
ATOM   288  C CB  . ASP A 1 42  ? -7.614  3.867   5.550   1.00 47.92  ? 43  ASP A CB  1 
ATOM   289  C CG  . ASP A 1 42  ? -9.039  3.496   5.978   1.00 56.25  ? 43  ASP A CG  1 
ATOM   290  O OD1 . ASP A 1 42  ? -9.271  2.625   6.848   1.00 64.91  ? 43  ASP A OD1 1 
ATOM   291  O OD2 . ASP A 1 42  ? -9.980  4.128   5.455   1.00 65.18  ? 43  ASP A OD2 1 
ATOM   292  N N   . TYR A 1 43  ? -7.036  0.343   5.691   1.00 35.07  ? 44  TYR A N   1 
ATOM   293  C CA  . TYR A 1 43  ? -7.455  -0.936  5.202   1.00 42.40  ? 44  TYR A CA  1 
ATOM   294  C C   . TYR A 1 43  ? -8.957  -0.943  4.879   1.00 38.59  ? 44  TYR A C   1 
ATOM   295  O O   . TYR A 1 43  ? -9.719  -0.373  5.610   1.00 34.72  ? 44  TYR A O   1 
ATOM   296  C CB  . TYR A 1 43  ? -7.164  -2.008  6.231   1.00 37.69  ? 44  TYR A CB  1 
ATOM   297  C CG  . TYR A 1 43  ? -7.543  -3.326  5.726   1.00 40.48  ? 44  TYR A CG  1 
ATOM   298  C CD1 . TYR A 1 43  ? -6.847  -3.929  4.682   1.00 35.68  ? 44  TYR A CD1 1 
ATOM   299  C CD2 . TYR A 1 43  ? -8.620  -3.978  6.265   1.00 41.55  ? 44  TYR A CD2 1 
ATOM   300  C CE1 . TYR A 1 43  ? -7.237  -5.169  4.211   1.00 39.82  ? 44  TYR A CE1 1 
ATOM   301  C CE2 . TYR A 1 43  ? -9.025  -5.194  5.785   1.00 39.32  ? 44  TYR A CE2 1 
ATOM   302  C CZ  . TYR A 1 43  ? -8.342  -5.793  4.782   1.00 39.61  ? 44  TYR A CZ  1 
ATOM   303  O OH  . TYR A 1 43  ? -8.772  -7.073  4.434   1.00 52.09  ? 44  TYR A OH  1 
ATOM   304  N N   . LEU A 1 44  ? -9.326  -1.563  3.759   1.00 30.59  ? 45  LEU A N   1 
ATOM   305  C CA  . LEU A 1 44  ? -10.690 -1.608  3.353   1.00 32.93  ? 45  LEU A CA  1 
ATOM   306  C C   . LEU A 1 44  ? -11.259 -3.012  3.439   1.00 34.65  ? 45  LEU A C   1 
ATOM   307  O O   . LEU A 1 44  ? -12.079 -3.257  4.305   1.00 31.93  ? 45  LEU A O   1 
ATOM   308  C CB  . LEU A 1 44  ? -10.867 -1.033  1.944   1.00 33.36  ? 45  LEU A CB  1 
ATOM   309  C CG  . LEU A 1 44  ? -10.341 0.407   1.801   1.00 38.03  ? 45  LEU A CG  1 
ATOM   310  C CD1 . LEU A 1 44  ? -10.100 0.724   0.336   1.00 36.33  ? 45  LEU A CD1 1 
ATOM   311  C CD2 . LEU A 1 44  ? -11.284 1.398   2.480   1.00 40.82  ? 45  LEU A CD2 1 
ATOM   312  N N   . PHE A 1 45  ? -10.859 -3.903  2.523   1.00 31.60  ? 46  PHE A N   1 
ATOM   313  C CA  . PHE A 1 45  ? -11.405 -5.267  2.564   1.00 32.39  ? 46  PHE A CA  1 
ATOM   314  C C   . PHE A 1 45  ? -10.454 -6.198  1.878   1.00 27.30  ? 46  PHE A C   1 
ATOM   315  O O   . PHE A 1 45  ? -9.527  -5.799  1.248   1.00 31.57  ? 46  PHE A O   1 
ATOM   316  C CB  . PHE A 1 45  ? -12.802 -5.345  1.922   1.00 30.45  ? 46  PHE A CB  1 
ATOM   317  C CG  . PHE A 1 45  ? -12.804 -5.076  0.427   1.00 31.61  ? 46  PHE A CG  1 
ATOM   318  C CD1 . PHE A 1 45  ? -12.934 -3.783  -0.050  1.00 32.65  ? 46  PHE A CD1 1 
ATOM   319  C CD2 . PHE A 1 45  ? -12.736 -6.107  -0.497  1.00 31.75  ? 46  PHE A CD2 1 
ATOM   320  C CE1 . PHE A 1 45  ? -12.919 -3.529  -1.405  1.00 31.48  ? 46  PHE A CE1 1 
ATOM   321  C CE2 . PHE A 1 45  ? -12.744 -5.865  -1.872  1.00 30.30  ? 46  PHE A CE2 1 
ATOM   322  C CZ  . PHE A 1 45  ? -12.812 -4.572  -2.320  1.00 31.85  ? 46  PHE A CZ  1 
ATOM   323  N N   . SER A 1 46  ? -10.666 -7.467  2.031   1.00 32.58  ? 47  SER A N   1 
ATOM   324  C CA  . SER A 1 46  ? -9.917  -8.399  1.259   1.00 36.00  ? 47  SER A CA  1 
ATOM   325  C C   . SER A 1 46  ? -10.807 -9.501  0.705   1.00 35.46  ? 47  SER A C   1 
ATOM   326  O O   . SER A 1 46  ? -11.900 -9.763  1.229   1.00 33.91  ? 47  SER A O   1 
ATOM   327  C CB  . SER A 1 46  ? -8.755  -8.915  2.084   1.00 37.74  ? 47  SER A CB  1 
ATOM   328  O OG  . SER A 1 46  ? -9.163  -9.783  3.016   1.00 35.63  ? 47  SER A OG  1 
ATOM   329  N N   . VAL A 1 47  ? -10.362 -10.071 -0.408  1.00 35.66  ? 48  VAL A N   1 
ATOM   330  C CA  . VAL A 1 47  ? -11.192 -10.958 -1.217  1.00 38.43  ? 48  VAL A CA  1 
ATOM   331  C C   . VAL A 1 47  ? -10.330 -12.045 -1.846  1.00 37.76  ? 48  VAL A C   1 
ATOM   332  O O   . VAL A 1 47  ? -9.128  -11.836 -2.081  1.00 39.58  ? 48  VAL A O   1 
ATOM   333  C CB  . VAL A 1 47  ? -12.020 -10.067 -2.159  1.00 43.16  ? 48  VAL A CB  1 
ATOM   334  C CG1 . VAL A 1 47  ? -11.203 -9.517  -3.310  1.00 44.70  ? 48  VAL A CG1 1 
ATOM   335  C CG2 . VAL A 1 47  ? -13.316 -10.720 -2.521  1.00 52.90  ? 48  VAL A CG2 1 
ATOM   336  N N   . LYS A 1 48  ? -10.886 -13.237 -1.963  1.00 38.41  ? 49  LYS A N   1 
ATOM   337  C CA  . LYS A 1 48  ? -10.177 -14.376 -2.605  1.00 42.26  ? 49  LYS A CA  1 
ATOM   338  C C   . LYS A 1 48  ? -11.160 -14.862 -3.655  1.00 40.66  ? 49  LYS A C   1 
ATOM   339  O O   . LYS A 1 48  ? -12.242 -15.320 -3.295  1.00 39.72  ? 49  LYS A O   1 
ATOM   340  C CB  . LYS A 1 48  ? -9.833  -15.475 -1.607  1.00 48.13  ? 49  LYS A CB  1 
ATOM   341  C CG  . LYS A 1 48  ? -8.937  -16.607 -2.120  1.00 56.67  ? 49  LYS A CG  1 
ATOM   342  C CD  . LYS A 1 48  ? -8.577  -17.610 -1.023  1.00 57.97  ? 49  LYS A CD  1 
ATOM   343  C CE  . LYS A 1 48  ? -7.548  -18.653 -1.464  1.00 66.93  ? 49  LYS A CE  1 
ATOM   344  N NZ  . LYS A 1 48  ? -7.922  -19.305 -2.761  1.00 72.49  ? 49  LYS A NZ  1 
ATOM   345  N N   . SER A 1 49  ? -10.811 -14.686 -4.932  1.00 41.16  ? 50  SER A N   1 
ATOM   346  C CA  . SER A 1 49  ? -11.774 -14.848 -6.034  1.00 51.96  ? 50  SER A CA  1 
ATOM   347  C C   . SER A 1 49  ? -12.970 -13.937 -5.785  1.00 47.36  ? 50  SER A C   1 
ATOM   348  O O   . SER A 1 49  ? -12.784 -12.713 -5.732  1.00 53.23  ? 50  SER A O   1 
ATOM   349  C CB  . SER A 1 49  ? -12.166 -16.327 -6.244  1.00 45.05  ? 50  SER A CB  1 
ATOM   350  O OG  . SER A 1 49  ? -11.039 -16.995 -6.718  1.00 52.77  ? 50  SER A OG  1 
ATOM   351  N N   . ALA A 1 50  ? -14.160 -14.509 -5.569  1.00 49.00  ? 51  ALA A N   1 
ATOM   352  C CA  . ALA A 1 50  ? -15.384 -13.724 -5.289  1.00 50.82  ? 51  ALA A CA  1 
ATOM   353  C C   . ALA A 1 50  ? -15.817 -13.670 -3.792  1.00 45.18  ? 51  ALA A C   1 
ATOM   354  O O   . ALA A 1 50  ? -16.790 -13.031 -3.470  1.00 47.93  ? 51  ALA A O   1 
ATOM   355  C CB  . ALA A 1 50  ? -16.521 -14.283 -6.135  1.00 56.31  ? 51  ALA A CB  1 
ATOM   356  N N   . ASP A 1 51  ? -15.083 -14.340 -2.909  1.00 48.22  ? 52  ASP A N   1 
ATOM   357  C CA  . ASP A 1 51  ? -15.435 -14.543 -1.500  1.00 47.92  ? 52  ASP A CA  1 
ATOM   358  C C   . ASP A 1 51  ? -14.754 -13.473 -0.637  1.00 46.05  ? 52  ASP A C   1 
ATOM   359  O O   . ASP A 1 51  ? -13.493 -13.390 -0.635  1.00 38.12  ? 52  ASP A O   1 
ATOM   360  C CB  . ASP A 1 51  ? -14.922 -15.934 -1.044  1.00 50.34  ? 52  ASP A CB  1 
ATOM   361  C CG  . ASP A 1 51  ? -15.550 -17.139 -1.867  1.00 56.98  ? 52  ASP A CG  1 
ATOM   362  O OD1 . ASP A 1 51  ? -16.783 -17.099 -2.125  1.00 47.92  ? 52  ASP A OD1 1 
ATOM   363  O OD2 . ASP A 1 51  ? -14.805 -18.105 -2.233  1.00 47.47  ? 52  ASP A OD2 1 
ATOM   364  N N   . ILE A 1 52  ? -15.551 -12.674 0.081   1.00 43.76  ? 53  ILE A N   1 
ATOM   365  C CA  . ILE A 1 52  ? -15.008 -11.750 1.103   1.00 42.62  ? 53  ILE A CA  1 
ATOM   366  C C   . ILE A 1 52  ? -14.298 -12.550 2.164   1.00 40.04  ? 53  ILE A C   1 
ATOM   367  O O   . ILE A 1 52  ? -14.847 -13.511 2.691   1.00 41.17  ? 53  ILE A O   1 
ATOM   368  C CB  . ILE A 1 52  ? -16.059 -10.922 1.846   1.00 45.35  ? 53  ILE A CB  1 
ATOM   369  C CG1 . ILE A 1 52  ? -16.825 -9.986  0.918   1.00 48.41  ? 53  ILE A CG1 1 
ATOM   370  C CG2 . ILE A 1 52  ? -15.404 -10.079 2.953   1.00 48.75  ? 53  ILE A CG2 1 
ATOM   371  C CD1 . ILE A 1 52  ? -15.950 -9.031  0.166   1.00 51.51  ? 53  ILE A CD1 1 
ATOM   372  N N   . LYS A 1 53  ? -13.070 -12.173 2.488   1.00 35.83  ? 54  LYS A N   1 
ATOM   373  C CA  . LYS A 1 53  ? -12.393 -12.809 3.620   1.00 34.87  ? 54  LYS A CA  1 
ATOM   374  C C   . LYS A 1 53  ? -12.349 -11.911 4.847   1.00 37.18  ? 54  LYS A C   1 
ATOM   375  O O   . LYS A 1 53  ? -12.336 -12.415 5.969   1.00 36.12  ? 54  LYS A O   1 
ATOM   376  C CB  . LYS A 1 53  ? -11.004 -13.249 3.211   1.00 40.96  ? 54  LYS A CB  1 
ATOM   377  C CG  . LYS A 1 53  ? -10.957 -14.348 2.143   1.00 41.85  ? 54  LYS A CG  1 
ATOM   378  C CD  . LYS A 1 53  ? -11.528 -15.675 2.663   1.00 47.90  ? 54  LYS A CD  1 
ATOM   379  C CE  . LYS A 1 53  ? -11.102 -16.864 1.806   1.00 56.77  ? 54  LYS A CE  1 
ATOM   380  N NZ  . LYS A 1 53  ? -11.790 -18.144 2.162   1.00 63.24  ? 54  LYS A NZ  1 
ATOM   381  N N   . GLU A 1 54  ? -12.329 -10.594 4.659   1.00 37.45  ? 55  GLU A N   1 
ATOM   382  C CA  . GLU A 1 54  ? -12.441 -9.645  5.775   1.00 38.16  ? 55  GLU A CA  1 
ATOM   383  C C   . GLU A 1 54  ? -12.924 -8.300  5.178   1.00 39.85  ? 55  GLU A C   1 
ATOM   384  O O   . GLU A 1 54  ? -12.537 -7.942  4.069   1.00 44.60  ? 55  GLU A O   1 
ATOM   385  C CB  . GLU A 1 54  ? -11.117 -9.516  6.542   1.00 37.88  ? 55  GLU A CB  1 
ATOM   386  C CG  . GLU A 1 54  ? -11.270 -8.991  8.012   1.00 42.72  ? 55  GLU A CG  1 
ATOM   387  C CD  . GLU A 1 54  ? -11.531 -7.482  8.129   1.00 40.68  ? 55  GLU A CD  1 
ATOM   388  O OE1 . GLU A 1 54  ? -11.239 -6.745  7.159   1.00 42.79  ? 55  GLU A OE1 1 
ATOM   389  O OE2 . GLU A 1 54  ? -12.035 -7.011  9.194   1.00 45.72  ? 55  GLU A OE2 1 
ATOM   390  N N   . ASN A 1 55  ? -13.844 -7.629  5.855   1.00 35.69  ? 56  ASN A N   1 
ATOM   391  C CA  . ASN A 1 55  ? -14.396 -6.365  5.365   1.00 35.17  ? 56  ASN A CA  1 
ATOM   392  C C   . ASN A 1 55  ? -14.485 -5.441  6.550   1.00 36.49  ? 56  ASN A C   1 
ATOM   393  O O   . ASN A 1 55  ? -15.244 -5.712  7.471   1.00 36.23  ? 56  ASN A O   1 
ATOM   394  C CB  . ASN A 1 55  ? -15.796 -6.557  4.765   1.00 36.61  ? 56  ASN A CB  1 
ATOM   395  C CG  . ASN A 1 55  ? -16.274 -5.356  3.927   1.00 35.83  ? 56  ASN A CG  1 
ATOM   396  O OD1 . ASN A 1 55  ? -15.651 -4.318  3.881   1.00 42.74  ? 56  ASN A OD1 1 
ATOM   397  N ND2 . ASN A 1 55  ? -17.351 -5.539  3.209   1.00 36.93  ? 56  ASN A ND2 1 
ATOM   398  N N   . ASP A 1 56  ? -13.754 -4.325  6.494   1.00 37.74  ? 57  ASP A N   1 
ATOM   399  C CA  . ASP A 1 56  ? -13.861 -3.266  7.498   1.00 35.94  ? 57  ASP A CA  1 
ATOM   400  C C   . ASP A 1 56  ? -14.810 -2.184  7.117   1.00 40.89  ? 57  ASP A C   1 
ATOM   401  O O   . ASP A 1 56  ? -14.942 -1.254  7.870   1.00 41.57  ? 57  ASP A O   1 
ATOM   402  C CB  . ASP A 1 56  ? -12.485 -2.616  7.766   1.00 37.66  ? 57  ASP A CB  1 
ATOM   403  C CG  . ASP A 1 56  ? -11.645 -3.421  8.718   1.00 41.54  ? 57  ASP A CG  1 
ATOM   404  O OD1 . ASP A 1 56  ? -12.109 -4.439  9.322   1.00 47.37  ? 57  ASP A OD1 1 
ATOM   405  O OD2 . ASP A 1 56  ? -10.489 -3.044  8.874   1.00 43.27  ? 57  ASP A OD2 1 
ATOM   406  N N   . LEU A 1 57  ? -15.418 -2.270  5.937   1.00 42.97  ? 58  LEU A N   1 
ATOM   407  C CA  . LEU A 1 57  ? -16.359 -1.275  5.451   1.00 44.52  ? 58  LEU A CA  1 
ATOM   408  C C   . LEU A 1 57  ? -17.781 -1.528  6.000   1.00 48.82  ? 58  LEU A C   1 
ATOM   409  O O   . LEU A 1 57  ? -18.263 -2.636  6.041   1.00 53.31  ? 58  LEU A O   1 
ATOM   410  C CB  . LEU A 1 57  ? -16.417 -1.274  3.917   1.00 40.14  ? 58  LEU A CB  1 
ATOM   411  C CG  . LEU A 1 57  ? -15.075 -1.138  3.206   1.00 43.12  ? 58  LEU A CG  1 
ATOM   412  C CD1 . LEU A 1 57  ? -15.144 -1.291  1.685   1.00 42.68  ? 58  LEU A CD1 1 
ATOM   413  C CD2 . LEU A 1 57  ? -14.434 0.190   3.539   1.00 40.72  ? 58  LEU A CD2 1 
ATOM   414  N N   . ASN A 1 58  ? -18.407 -0.440  6.402   1.00 57.40  ? 59  ASN A N   1 
ATOM   415  C CA  . ASN A 1 58  ? -19.820 -0.288  6.686   1.00 51.79  ? 59  ASN A CA  1 
ATOM   416  C C   . ASN A 1 58  ? -20.616 -0.416  5.375   1.00 56.19  ? 59  ASN A C   1 
ATOM   417  O O   . ASN A 1 58  ? -20.488 0.461   4.511   1.00 49.65  ? 59  ASN A O   1 
ATOM   418  C CB  . ASN A 1 58  ? -19.983 1.117   7.319   1.00 53.49  ? 59  ASN A CB  1 
ATOM   419  C CG  . ASN A 1 58  ? -21.407 1.422   7.780   1.00 65.54  ? 59  ASN A CG  1 
ATOM   420  O OD1 . ASN A 1 58  ? -22.369 0.721   7.423   1.00 56.86  ? 59  ASN A OD1 1 
ATOM   421  N ND2 . ASN A 1 58  ? -21.545 2.503   8.580   1.00 59.57  ? 59  ASN A ND2 1 
ATOM   422  N N   . SER A 1 59  ? -21.373 -1.521  5.216   1.00 50.64  ? 60  SER A N   1 
ATOM   423  C CA  . SER A 1 59  ? -22.373 -1.720  4.143   1.00 53.09  ? 60  SER A CA  1 
ATOM   424  C C   . SER A 1 59  ? -23.329 -0.556  3.766   1.00 53.01  ? 60  SER A C   1 
ATOM   425  O O   . SER A 1 59  ? -23.841 -0.523  2.649   1.00 43.69  ? 60  SER A O   1 
ATOM   426  C CB  . SER A 1 59  ? -23.307 -2.896  4.472   1.00 56.77  ? 60  SER A CB  1 
ATOM   427  O OG  . SER A 1 59  ? -23.057 -3.994  3.611   1.00 63.52  ? 60  SER A OG  1 
ATOM   428  N N   . GLU A 1 60  ? -23.641 0.327   4.703   1.00 56.59  ? 61  GLU A N   1 
ATOM   429  C CA  . GLU A 1 60  ? -24.531 1.467   4.391   1.00 68.31  ? 61  GLU A CA  1 
ATOM   430  C C   . GLU A 1 60  ? -23.927 2.407   3.316   1.00 66.22  ? 61  GLU A C   1 
ATOM   431  O O   . GLU A 1 60  ? -24.643 2.910   2.455   1.00 62.63  ? 61  GLU A O   1 
ATOM   432  C CB  . GLU A 1 60  ? -24.873 2.261   5.672   1.00 73.92  ? 61  GLU A CB  1 
ATOM   433  C CG  . GLU A 1 60  ? -25.822 1.537   6.631   1.00 82.84  ? 61  GLU A CG  1 
ATOM   434  C CD  . GLU A 1 60  ? -25.966 2.251   7.971   1.00 89.48  ? 61  GLU A CD  1 
ATOM   435  O OE1 . GLU A 1 60  ? -25.331 1.810   8.965   1.00 83.63  ? 61  GLU A OE1 1 
ATOM   436  O OE2 . GLU A 1 60  ? -26.694 3.273   8.026   1.00 90.98  ? 61  GLU A OE2 1 
ATOM   437  N N   . HIS A 1 61  ? -22.606 2.596   3.381   1.00 57.37  ? 62  HIS A N   1 
ATOM   438  C CA  . HIS A 1 61  ? -21.864 3.545   2.578   1.00 51.57  ? 62  HIS A CA  1 
ATOM   439  C C   . HIS A 1 61  ? -20.982 2.932   1.466   1.00 51.72  ? 62  HIS A C   1 
ATOM   440  O O   . HIS A 1 61  ? -20.559 3.657   0.551   1.00 52.84  ? 62  HIS A O   1 
ATOM   441  C CB  . HIS A 1 61  ? -20.978 4.341   3.505   1.00 53.91  ? 62  HIS A CB  1 
ATOM   442  C CG  . HIS A 1 61  ? -21.697 4.972   4.669   1.00 73.32  ? 62  HIS A CG  1 
ATOM   443  N ND1 . HIS A 1 61  ? -23.040 5.298   4.641   1.00 77.07  ? 62  HIS A ND1 1 
ATOM   444  C CD2 . HIS A 1 61  ? -21.234 5.386   5.881   1.00 77.99  ? 62  HIS A CD2 1 
ATOM   445  C CE1 . HIS A 1 61  ? -23.372 5.873   5.788   1.00 82.18  ? 62  HIS A CE1 1 
ATOM   446  N NE2 . HIS A 1 61  ? -22.299 5.931   6.558   1.00 81.09  ? 62  HIS A NE2 1 
ATOM   447  N N   . TYR A 1 62  ? -20.662 1.629   1.558   1.00 50.02  ? 63  TYR A N   1 
ATOM   448  C CA  . TYR A 1 62  ? -19.736 0.957   0.635   1.00 44.97  ? 63  TYR A CA  1 
ATOM   449  C C   . TYR A 1 62  ? -20.233 -0.432  0.298   1.00 47.33  ? 63  TYR A C   1 
ATOM   450  O O   . TYR A 1 62  ? -20.680 -1.165  1.168   1.00 49.32  ? 63  TYR A O   1 
ATOM   451  C CB  . TYR A 1 62  ? -18.311 0.835   1.225   1.00 41.52  ? 63  TYR A CB  1 
ATOM   452  C CG  . TYR A 1 62  ? -17.688 2.134   1.637   1.00 39.99  ? 63  TYR A CG  1 
ATOM   453  C CD1 . TYR A 1 62  ? -17.864 2.646   2.915   1.00 43.57  ? 63  TYR A CD1 1 
ATOM   454  C CD2 . TYR A 1 62  ? -16.948 2.884   0.740   1.00 46.23  ? 63  TYR A CD2 1 
ATOM   455  C CE1 . TYR A 1 62  ? -17.280 3.850   3.301   1.00 45.98  ? 63  TYR A CE1 1 
ATOM   456  C CE2 . TYR A 1 62  ? -16.400 4.107   1.108   1.00 48.67  ? 63  TYR A CE2 1 
ATOM   457  C CZ  . TYR A 1 62  ? -16.581 4.602   2.387   1.00 48.04  ? 63  TYR A CZ  1 
ATOM   458  O OH  . TYR A 1 62  ? -16.013 5.824   2.758   1.00 50.02  ? 63  TYR A OH  1 
ATOM   459  N N   . THR A 1 63  ? -20.099 -0.818  -0.960  1.00 45.42  ? 64  THR A N   1 
ATOM   460  C CA  . THR A 1 63  ? -20.516 -2.124  -1.391  1.00 44.70  ? 64  THR A CA  1 
ATOM   461  C C   . THR A 1 63  ? -19.354 -2.766  -2.130  1.00 49.40  ? 64  THR A C   1 
ATOM   462  O O   . THR A 1 63  ? -18.769 -2.154  -3.027  1.00 52.46  ? 64  THR A O   1 
ATOM   463  C CB  . THR A 1 63  ? -21.660 -2.038  -2.410  1.00 49.65  ? 64  THR A CB  1 
ATOM   464  O OG1 . THR A 1 63  ? -22.817 -1.505  -1.780  1.00 58.75  ? 64  THR A OG1 1 
ATOM   465  C CG2 . THR A 1 63  ? -21.995 -3.425  -2.970  1.00 53.55  ? 64  THR A CG2 1 
ATOM   466  N N   . VAL A 1 64  ? -19.067 -4.015  -1.788  1.00 44.63  ? 65  VAL A N   1 
ATOM   467  C CA  . VAL A 1 64  ? -18.086 -4.801  -2.483  1.00 45.87  ? 65  VAL A CA  1 
ATOM   468  C C   . VAL A 1 64  ? -18.841 -5.586  -3.535  1.00 47.25  ? 65  VAL A C   1 
ATOM   469  O O   . VAL A 1 64  ? -19.529 -6.522  -3.237  1.00 48.87  ? 65  VAL A O   1 
ATOM   470  C CB  . VAL A 1 64  ? -17.316 -5.739  -1.541  1.00 40.29  ? 65  VAL A CB  1 
ATOM   471  C CG1 . VAL A 1 64  ? -16.402 -6.643  -2.344  1.00 49.06  ? 65  VAL A CG1 1 
ATOM   472  C CG2 . VAL A 1 64  ? -16.531 -4.919  -0.536  1.00 44.42  ? 65  VAL A CG2 1 
ATOM   473  N N   . ASN A 1 65  ? -18.670 -5.206  -4.784  1.00 57.08  ? 66  ASN A N   1 
ATOM   474  C CA  . ASN A 1 65  ? -19.435 -5.783  -5.841  1.00 55.61  ? 66  ASN A CA  1 
ATOM   475  C C   . ASN A 1 65  ? -18.636 -6.823  -6.559  1.00 54.04  ? 66  ASN A C   1 
ATOM   476  O O   . ASN A 1 65  ? -17.548 -6.570  -7.058  1.00 47.56  ? 66  ASN A O   1 
ATOM   477  C CB  . ASN A 1 65  ? -19.898 -4.721  -6.797  1.00 65.68  ? 66  ASN A CB  1 
ATOM   478  C CG  . ASN A 1 65  ? -21.142 -5.143  -7.535  1.00 70.98  ? 66  ASN A CG  1 
ATOM   479  O OD1 . ASN A 1 65  ? -22.251 -5.033  -7.001  1.00 80.03  ? 66  ASN A OD1 1 
ATOM   480  N ND2 . ASN A 1 65  ? -20.967 -5.674  -8.736  1.00 66.63  ? 66  ASN A ND2 1 
ATOM   481  N N   . THR A 1 66  ? -19.214 -8.003  -6.639  1.00 66.18  ? 67  THR A N   1 
ATOM   482  C CA  . THR A 1 66  ? -18.531 -9.155  -7.193  1.00 76.27  ? 67  THR A CA  1 
ATOM   483  C C   . THR A 1 66  ? -19.180 -9.711  -8.500  1.00 80.43  ? 67  THR A C   1 
ATOM   484  O O   . THR A 1 66  ? -18.748 -10.762 -8.994  1.00 77.59  ? 67  THR A O   1 
ATOM   485  C CB  . THR A 1 66  ? -18.385 -10.213 -6.093  1.00 79.17  ? 67  THR A CB  1 
ATOM   486  O OG1 . THR A 1 66  ? -17.769 -11.376 -6.650  1.00 87.70  ? 67  THR A OG1 1 
ATOM   487  C CG2 . THR A 1 66  ? -19.761 -10.558 -5.455  1.00 79.62  ? 67  THR A CG2 1 
ATOM   488  N N   . ASN A 1 67  ? -20.163 -8.984  -9.073  1.00 88.44  ? 68  ASN A N   1 
ATOM   489  C CA  . ASN A 1 67  ? -20.773 -9.324  -10.395 1.00 95.88  ? 68  ASN A CA  1 
ATOM   490  C C   . ASN A 1 67  ? -19.681 -9.446  -11.456 1.00 102.35 ? 68  ASN A C   1 
ATOM   491  O O   . ASN A 1 67  ? -18.713 -8.675  -11.443 1.00 99.00  ? 68  ASN A O   1 
ATOM   492  C CB  . ASN A 1 67  ? -21.758 -8.244  -10.919 1.00 91.14  ? 68  ASN A CB  1 
ATOM   493  C CG  . ASN A 1 67  ? -22.905 -7.902  -9.953  1.00 88.67  ? 68  ASN A CG  1 
ATOM   494  O OD1 . ASN A 1 67  ? -23.451 -6.805  -10.038 1.00 80.89  ? 68  ASN A OD1 1 
ATOM   495  N ND2 . ASN A 1 67  ? -23.264 -8.814  -9.038  1.00 75.08  ? 68  ASN A ND2 1 
ATOM   496  N N   . SER A 1 68  ? -19.850 -10.390 -12.384 1.00 104.23 ? 69  SER A N   1 
ATOM   497  C CA  . SER A 1 68  ? -18.909 -10.593 -13.512 1.00 103.62 ? 69  SER A CA  1 
ATOM   498  C C   . SER A 1 68  ? -17.639 -11.405 -13.182 1.00 101.23 ? 69  SER A C   1 
ATOM   499  O O   . SER A 1 68  ? -16.805 -11.610 -14.078 1.00 99.18  ? 69  SER A O   1 
ATOM   500  C CB  . SER A 1 68  ? -18.463 -9.250  -14.167 1.00 98.61  ? 69  SER A CB  1 
ATOM   501  O OG  . SER A 1 68  ? -19.382 -8.188  -13.958 1.00 93.84  ? 69  SER A OG  1 
ATOM   502  N N   . GLY A 1 69  ? -17.471 -11.850 -11.931 1.00 102.69 ? 70  GLY A N   1 
ATOM   503  C CA  . GLY A 1 69  ? -16.167 -12.382 -11.465 1.00 98.88  ? 70  GLY A CA  1 
ATOM   504  C C   . GLY A 1 69  ? -14.989 -11.395 -11.521 1.00 93.81  ? 70  GLY A C   1 
ATOM   505  O O   . GLY A 1 69  ? -13.818 -11.817 -11.588 1.00 89.16  ? 70  GLY A O   1 
ATOM   506  N N   . LYS A 1 70  ? -15.303 -10.089 -11.543 1.00 79.49  ? 71  LYS A N   1 
ATOM   507  C CA  . LYS A 1 70  ? -14.373 -9.010  -11.217 1.00 76.92  ? 71  LYS A CA  1 
ATOM   508  C C   . LYS A 1 70  ? -14.892 -8.440  -9.894  1.00 65.11  ? 71  LYS A C   1 
ATOM   509  O O   . LYS A 1 70  ? -16.092 -8.478  -9.637  1.00 74.79  ? 71  LYS A O   1 
ATOM   510  C CB  . LYS A 1 70  ? -14.364 -7.922  -12.313 1.00 86.64  ? 71  LYS A CB  1 
ATOM   511  C CG  . LYS A 1 70  ? -13.538 -8.257  -13.566 1.00 87.86  ? 71  LYS A CG  1 
ATOM   512  C CD  . LYS A 1 70  ? -12.026 -8.108  -13.355 1.00 90.89  ? 71  LYS A CD  1 
ATOM   513  C CE  . LYS A 1 70  ? -11.242 -9.403  -13.614 1.00 88.63  ? 71  LYS A CE  1 
ATOM   514  N NZ  . LYS A 1 70  ? -11.056 -9.735  -15.056 1.00 82.11  ? 71  LYS A NZ  1 
ATOM   515  N N   . VAL A 1 71  ? -13.997 -7.967  -9.036  1.00 53.48  ? 72  VAL A N   1 
ATOM   516  C CA  . VAL A 1 71  ? -14.376 -7.314  -7.762  1.00 45.29  ? 72  VAL A CA  1 
ATOM   517  C C   . VAL A 1 71  ? -14.247 -5.847  -8.028  1.00 39.95  ? 72  VAL A C   1 
ATOM   518  O O   . VAL A 1 71  ? -13.226 -5.408  -8.569  1.00 42.52  ? 72  VAL A O   1 
ATOM   519  C CB  . VAL A 1 71  ? -13.451 -7.747  -6.576  1.00 47.46  ? 72  VAL A CB  1 
ATOM   520  C CG1 . VAL A 1 71  ? -13.732 -6.962  -5.285  1.00 44.72  ? 72  VAL A CG1 1 
ATOM   521  C CG2 . VAL A 1 71  ? -13.655 -9.218  -6.273  1.00 54.76  ? 72  VAL A CG2 1 
ATOM   522  N N   . GLN A 1 72  ? -15.270 -5.086  -7.658  1.00 41.81  ? 73  GLN A N   1 
ATOM   523  C CA  . GLN A 1 72  ? -15.195 -3.624  -7.604  1.00 46.52  ? 73  GLN A CA  1 
ATOM   524  C C   . GLN A 1 72  ? -15.619 -3.108  -6.253  1.00 39.96  ? 73  GLN A C   1 
ATOM   525  O O   . GLN A 1 72  ? -16.541 -3.647  -5.662  1.00 45.83  ? 73  GLN A O   1 
ATOM   526  C CB  . GLN A 1 72  ? -16.213 -2.977  -8.518  1.00 55.77  ? 73  GLN A CB  1 
ATOM   527  C CG  . GLN A 1 72  ? -16.228 -3.359  -9.976  1.00 72.25  ? 73  GLN A CG  1 
ATOM   528  C CD  . GLN A 1 72  ? -17.137 -2.388  -10.741 1.00 78.92  ? 73  GLN A CD  1 
ATOM   529  O OE1 . GLN A 1 72  ? -16.792 -1.894  -11.832 1.00 72.45  ? 73  GLN A OE1 1 
ATOM   530  N NE2 . GLN A 1 72  ? -18.281 -2.048  -10.115 1.00 64.13  ? 73  GLN A NE2 1 
ATOM   531  N N   . LEU A 1 73  ? -15.020 -2.020  -5.798  1.00 34.28  ? 74  LEU A N   1 
ATOM   532  C CA  . LEU A 1 73  ? -15.563 -1.299  -4.629  1.00 41.54  ? 74  LEU A CA  1 
ATOM   533  C C   . LEU A 1 73  ? -16.497 -0.226  -5.151  1.00 43.48  ? 74  LEU A C   1 
ATOM   534  O O   . LEU A 1 73  ? -16.078 0.587   -5.977  1.00 47.09  ? 74  LEU A O   1 
ATOM   535  C CB  . LEU A 1 73  ? -14.452 -0.621  -3.820  1.00 38.33  ? 74  LEU A CB  1 
ATOM   536  C CG  . LEU A 1 73  ? -14.874 0.257   -2.663  1.00 39.79  ? 74  LEU A CG  1 
ATOM   537  C CD1 . LEU A 1 73  ? -15.741 -0.475  -1.657  1.00 39.29  ? 74  LEU A CD1 1 
ATOM   538  C CD2 . LEU A 1 73  ? -13.621 0.782   -2.009  1.00 40.83  ? 74  LEU A CD2 1 
ATOM   539  N N   . ASP A 1 74  ? -17.730 -0.204  -4.663  1.00 43.98  ? 75  ASP A N   1 
ATOM   540  C CA  . ASP A 1 74  ? -18.708 0.858   -5.012  1.00 43.86  ? 75  ASP A CA  1 
ATOM   541  C C   . ASP A 1 74  ? -18.874 1.796   -3.821  1.00 42.72  ? 75  ASP A C   1 
ATOM   542  O O   . ASP A 1 74  ? -19.349 1.386   -2.757  1.00 44.05  ? 75  ASP A O   1 
ATOM   543  C CB  . ASP A 1 74  ? -20.049 0.244   -5.460  1.00 43.77  ? 75  ASP A CB  1 
ATOM   544  C CG  . ASP A 1 74  ? -19.931 -0.554  -6.800  1.00 53.44  ? 75  ASP A CG  1 
ATOM   545  O OD1 . ASP A 1 74  ? -19.212 -0.123  -7.715  1.00 53.52  ? 75  ASP A OD1 1 
ATOM   546  O OD2 . ASP A 1 74  ? -20.550 -1.644  -6.959  1.00 68.91  ? 75  ASP A OD2 1 
ATOM   547  N N   . ILE A 1 75  ? -18.445 3.043   -3.983  1.00 41.95  ? 76  ILE A N   1 
ATOM   548  C CA  . ILE A 1 75  ? -18.681 4.067   -2.977  1.00 47.10  ? 76  ILE A CA  1 
ATOM   549  C C   . ILE A 1 75  ? -20.069 4.643   -3.265  1.00 48.12  ? 76  ILE A C   1 
ATOM   550  O O   . ILE A 1 75  ? -20.304 5.122   -4.352  1.00 53.54  ? 76  ILE A O   1 
ATOM   551  C CB  . ILE A 1 75  ? -17.590 5.169   -2.979  1.00 45.98  ? 76  ILE A CB  1 
ATOM   552  C CG1 . ILE A 1 75  ? -16.183 4.534   -2.865  1.00 48.53  ? 76  ILE A CG1 1 
ATOM   553  C CG2 . ILE A 1 75  ? -17.787 6.120   -1.813  1.00 45.54  ? 76  ILE A CG2 1 
ATOM   554  C CD1 . ILE A 1 75  ? -15.024 5.507   -2.750  1.00 47.80  ? 76  ILE A CD1 1 
ATOM   555  N N   . LYS A 1 76  ? -20.988 4.575   -2.306  1.00 55.60  ? 77  LYS A N   1 
ATOM   556  C CA  . LYS A 1 76  ? -22.391 4.954   -2.576  1.00 56.15  ? 77  LYS A CA  1 
ATOM   557  C C   . LYS A 1 76  ? -22.539 6.452   -2.813  1.00 52.23  ? 77  LYS A C   1 
ATOM   558  O O   . LYS A 1 76  ? -23.268 6.853   -3.675  1.00 48.78  ? 77  LYS A O   1 
ATOM   559  C CB  . LYS A 1 76  ? -23.330 4.483   -1.468  1.00 57.58  ? 77  LYS A CB  1 
ATOM   560  C CG  . LYS A 1 76  ? -23.641 3.002   -1.600  1.00 68.52  ? 77  LYS A CG  1 
ATOM   561  C CD  . LYS A 1 76  ? -24.694 2.505   -0.605  1.00 76.66  ? 77  LYS A CD  1 
ATOM   562  C CE  . LYS A 1 76  ? -25.436 1.293   -1.154  1.00 80.43  ? 77  LYS A CE  1 
ATOM   563  N NZ  . LYS A 1 76  ? -25.917 0.424   -0.050  1.00 79.99  ? 77  LYS A NZ  1 
ATOM   564  N N   . SER A 1 77  ? -21.792 7.269   -2.095  1.00 49.10  ? 78  SER A N   1 
ATOM   565  C CA  . SER A 1 77  ? -21.992 8.669   -2.161  1.00 45.69  ? 78  SER A CA  1 
ATOM   566  C C   . SER A 1 77  ? -20.681 9.295   -1.721  1.00 48.15  ? 78  SER A C   1 
ATOM   567  O O   . SER A 1 77  ? -20.366 9.317   -0.519  1.00 46.13  ? 78  SER A O   1 
ATOM   568  C CB  . SER A 1 77  ? -23.174 9.022   -1.213  1.00 53.24  ? 78  SER A CB  1 
ATOM   569  O OG  . SER A 1 77  ? -23.307 10.422  -0.974  1.00 55.37  ? 78  SER A OG  1 
ATOM   570  N N   . PHE A 1 78  ? -19.908 9.792   -2.703  1.00 44.69  ? 79  PHE A N   1 
ATOM   571  C CA  . PHE A 1 78  ? -18.541 10.273  -2.462  1.00 46.79  ? 79  PHE A CA  1 
ATOM   572  C C   . PHE A 1 78  ? -18.513 11.385  -1.444  1.00 43.87  ? 79  PHE A C   1 
ATOM   573  O O   . PHE A 1 78  ? -19.410 12.209  -1.453  1.00 58.34  ? 79  PHE A O   1 
ATOM   574  C CB  . PHE A 1 78  ? -17.889 10.732  -3.778  1.00 46.98  ? 79  PHE A CB  1 
ATOM   575  C CG  . PHE A 1 78  ? -16.472 11.229  -3.625  1.00 50.45  ? 79  PHE A CG  1 
ATOM   576  C CD1 . PHE A 1 78  ? -15.404 10.340  -3.578  1.00 51.06  ? 79  PHE A CD1 1 
ATOM   577  C CD2 . PHE A 1 78  ? -16.193 12.614  -3.548  1.00 53.56  ? 79  PHE A CD2 1 
ATOM   578  C CE1 . PHE A 1 78  ? -14.084 10.811  -3.466  1.00 50.31  ? 79  PHE A CE1 1 
ATOM   579  C CE2 . PHE A 1 78  ? -14.893 13.083  -3.425  1.00 49.22  ? 79  PHE A CE2 1 
ATOM   580  C CZ  . PHE A 1 78  ? -13.835 12.178  -3.375  1.00 50.79  ? 79  PHE A CZ  1 
ATOM   581  N N   . LYS A 1 79  ? -17.471 11.403  -0.603  1.00 46.51  ? 80  LYS A N   1 
ATOM   582  C CA  . LYS A 1 79  ? -17.186 12.438  0.396   1.00 50.35  ? 80  LYS A CA  1 
ATOM   583  C C   . LYS A 1 79  ? -15.678 12.694  0.442   1.00 59.32  ? 80  LYS A C   1 
ATOM   584  O O   . LYS A 1 79  ? -14.900 11.915  1.020   1.00 64.95  ? 80  LYS A O   1 
ATOM   585  C CB  . LYS A 1 79  ? -17.644 12.079  1.832   1.00 59.30  ? 80  LYS A CB  1 
ATOM   586  C CG  . LYS A 1 79  ? -19.148 11.988  2.074   1.00 67.23  ? 80  LYS A CG  1 
ATOM   587  C CD  . LYS A 1 79  ? -19.871 13.295  1.730   1.00 75.82  ? 80  LYS A CD  1 
ATOM   588  C CE  . LYS A 1 79  ? -21.384 13.205  1.948   1.00 82.12  ? 80  LYS A CE  1 
ATOM   589  N NZ  . LYS A 1 79  ? -22.024 12.042  1.262   1.00 75.19  ? 80  LYS A NZ  1 
ATOM   590  N N   . LYS A 1 80  ? -15.300 13.819  -0.140  1.00 55.04  ? 81  LYS A N   1 
ATOM   591  C CA  . LYS A 1 80  ? -13.951 14.266  -0.274  1.00 61.81  ? 81  LYS A CA  1 
ATOM   592  C C   . LYS A 1 80  ? -13.117 14.143  0.998   1.00 64.90  ? 81  LYS A C   1 
ATOM   593  O O   . LYS A 1 80  ? -11.933 13.840  0.916   1.00 60.52  ? 81  LYS A O   1 
ATOM   594  C CB  . LYS A 1 80  ? -13.996 15.729  -0.766  1.00 70.42  ? 81  LYS A CB  1 
ATOM   595  C CG  . LYS A 1 80  ? -12.710 16.541  -0.616  1.00 81.28  ? 81  LYS A CG  1 
ATOM   596  C CD  . LYS A 1 80  ? -12.744 17.843  -1.408  1.00 88.67  ? 81  LYS A CD  1 
ATOM   597  C CE  . LYS A 1 80  ? -13.448 18.973  -0.678  1.00 95.60  ? 81  LYS A CE  1 
ATOM   598  N NZ  . LYS A 1 80  ? -13.121 20.283  -1.317  1.00 103.83 ? 81  LYS A NZ  1 
ATOM   599  N N   . LYS A 1 81  ? -13.714 14.425  2.152   1.00 68.95  ? 82  LYS A N   1 
ATOM   600  C CA  . LYS A 1 81  ? -12.974 14.451  3.409   1.00 74.14  ? 82  LYS A CA  1 
ATOM   601  C C   . LYS A 1 81  ? -12.513 13.057  3.842   1.00 72.11  ? 82  LYS A C   1 
ATOM   602  O O   . LYS A 1 81  ? -11.430 12.906  4.418   1.00 75.41  ? 82  LYS A O   1 
ATOM   603  C CB  . LYS A 1 81  ? -13.810 15.093  4.535   1.00 92.39  ? 82  LYS A CB  1 
ATOM   604  C CG  . LYS A 1 81  ? -13.683 16.615  4.623   1.00 105.87 ? 82  LYS A CG  1 
ATOM   605  C CD  . LYS A 1 81  ? -14.398 17.338  3.475   1.00 116.78 ? 82  LYS A CD  1 
ATOM   606  C CE  . LYS A 1 81  ? -13.932 18.778  3.314   1.00 114.60 ? 82  LYS A CE  1 
ATOM   607  N NZ  . LYS A 1 81  ? -12.511 18.866  2.863   1.00 111.01 ? 82  LYS A NZ  1 
ATOM   608  N N   . THR A 1 82  ? -13.338 12.049  3.577   1.00 63.29  ? 83  THR A N   1 
ATOM   609  C CA  . THR A 1 82  ? -12.990 10.688  3.927   1.00 64.54  ? 83  THR A CA  1 
ATOM   610  C C   . THR A 1 82  ? -12.499 9.855   2.731   1.00 49.93  ? 83  THR A C   1 
ATOM   611  O O   . THR A 1 82  ? -11.715 8.952   2.939   1.00 54.78  ? 83  THR A O   1 
ATOM   612  C CB  . THR A 1 82  ? -14.141 9.929   4.688   1.00 66.53  ? 83  THR A CB  1 
ATOM   613  O OG1 . THR A 1 82  ? -15.173 9.545   3.780   1.00 68.33  ? 83  THR A OG1 1 
ATOM   614  C CG2 . THR A 1 82  ? -14.746 10.774  5.822   1.00 72.40  ? 83  THR A CG2 1 
ATOM   615  N N   . ASP A 1 83  ? -12.974 10.106  1.523   1.00 45.99  ? 84  ASP A N   1 
ATOM   616  C CA  . ASP A 1 83  ? -12.814 9.126   0.398   1.00 45.43  ? 84  ASP A CA  1 
ATOM   617  C C   . ASP A 1 83  ? -11.692 9.460   -0.599  1.00 50.93  ? 84  ASP A C   1 
ATOM   618  O O   . ASP A 1 83  ? -11.408 8.655   -1.510  1.00 53.85  ? 84  ASP A O   1 
ATOM   619  C CB  . ASP A 1 83  ? -14.107 8.963   -0.392  1.00 47.72  ? 84  ASP A CB  1 
ATOM   620  C CG  . ASP A 1 83  ? -15.267 8.416   0.442   1.00 54.48  ? 84  ASP A CG  1 
ATOM   621  O OD1 . ASP A 1 83  ? -15.061 7.490   1.248   1.00 61.04  ? 84  ASP A OD1 1 
ATOM   622  O OD2 . ASP A 1 83  ? -16.420 8.881   0.250   1.00 53.13  ? 84  ASP A OD2 1 
ATOM   623  N N   . SER A 1 84  ? -11.048 10.618  -0.437  1.00 45.00  ? 85  SER A N   1 
ATOM   624  C CA  . SER A 1 84  ? -9.989  11.007  -1.354  1.00 51.00  ? 85  SER A CA  1 
ATOM   625  C C   . SER A 1 84  ? -8.721  10.228  -1.028  1.00 44.51  ? 85  SER A C   1 
ATOM   626  O O   . SER A 1 84  ? -8.428  10.005  0.127   1.00 44.09  ? 85  SER A O   1 
ATOM   627  C CB  . SER A 1 84  ? -9.682  12.510  -1.242  1.00 51.00  ? 85  SER A CB  1 
ATOM   628  O OG  . SER A 1 84  ? -10.851 13.257  -1.498  1.00 54.15  ? 85  SER A OG  1 
ATOM   629  N N   . GLY A 1 85  ? -7.992  9.849   -2.074  1.00 39.48  ? 86  GLY A N   1 
ATOM   630  C CA  . GLY A 1 85  ? -6.649  9.318   -1.944  1.00 39.04  ? 86  GLY A CA  1 
ATOM   631  C C   . GLY A 1 85  ? -6.386  8.349   -3.062  1.00 39.64  ? 86  GLY A C   1 
ATOM   632  O O   . GLY A 1 85  ? -7.089  8.345   -4.069  1.00 38.96  ? 86  GLY A O   1 
ATOM   633  N N   . VAL A 1 86  ? -5.424  7.472   -2.798  1.00 39.56  ? 87  VAL A N   1 
ATOM   634  C CA  . VAL A 1 86  ? -4.867  6.532   -3.738  1.00 35.87  ? 87  VAL A CA  1 
ATOM   635  C C   . VAL A 1 86  ? -5.335  5.181   -3.253  1.00 35.03  ? 87  VAL A C   1 
ATOM   636  O O   . VAL A 1 86  ? -5.069  4.830   -2.102  1.00 34.62  ? 87  VAL A O   1 
ATOM   637  C CB  . VAL A 1 86  ? -3.316  6.605   -3.598  1.00 35.27  ? 87  VAL A CB  1 
ATOM   638  C CG1 . VAL A 1 86  ? -2.624  5.537   -4.419  1.00 39.69  ? 87  VAL A CG1 1 
ATOM   639  C CG2 . VAL A 1 86  ? -2.835  7.996   -3.979  1.00 43.64  ? 87  VAL A CG2 1 
ATOM   640  N N   . TYR A 1 87  ? -5.970  4.431   -4.126  1.00 35.52  ? 88  TYR A N   1 
ATOM   641  C CA  . TYR A 1 87  ? -6.568  3.136   -3.833  1.00 35.76  ? 88  TYR A CA  1 
ATOM   642  C C   . TYR A 1 87  ? -5.702  2.072   -4.470  1.00 35.94  ? 88  TYR A C   1 
ATOM   643  O O   . TYR A 1 87  ? -5.324  2.208   -5.612  1.00 33.90  ? 88  TYR A O   1 
ATOM   644  C CB  . TYR A 1 87  ? -7.991  2.992   -4.394  1.00 34.69  ? 88  TYR A CB  1 
ATOM   645  C CG  . TYR A 1 87  ? -8.991  3.755   -3.593  1.00 34.09  ? 88  TYR A CG  1 
ATOM   646  C CD1 . TYR A 1 87  ? -8.960  5.132   -3.584  1.00 37.96  ? 88  TYR A CD1 1 
ATOM   647  C CD2 . TYR A 1 87  ? -9.959  3.125   -2.836  1.00 35.25  ? 88  TYR A CD2 1 
ATOM   648  C CE1 . TYR A 1 87  ? -9.848  5.882   -2.854  1.00 35.22  ? 88  TYR A CE1 1 
ATOM   649  C CE2 . TYR A 1 87  ? -10.817 3.877   -2.044  1.00 38.64  ? 88  TYR A CE2 1 
ATOM   650  C CZ  . TYR A 1 87  ? -10.786 5.269   -2.118  1.00 34.81  ? 88  TYR A CZ  1 
ATOM   651  O OH  . TYR A 1 87  ? -11.616 6.066   -1.365  1.00 38.55  ? 88  TYR A OH  1 
ATOM   652  N N   . VAL A 1 88  ? -5.414  1.030   -3.690  1.00 32.92  ? 89  VAL A N   1 
ATOM   653  C CA  . VAL A 1 88  ? -4.454  0.027   -4.010  1.00 35.86  ? 89  VAL A CA  1 
ATOM   654  C C   . VAL A 1 88  ? -5.060  -1.336  -3.803  1.00 31.68  ? 89  VAL A C   1 
ATOM   655  O O   . VAL A 1 88  ? -5.736  -1.552  -2.800  1.00 31.23  ? 89  VAL A O   1 
ATOM   656  C CB  . VAL A 1 88  ? -3.218  0.088   -3.047  1.00 38.61  ? 89  VAL A CB  1 
ATOM   657  C CG1 . VAL A 1 88  ? -2.104  -0.790  -3.575  1.00 39.37  ? 89  VAL A CG1 1 
ATOM   658  C CG2 . VAL A 1 88  ? -2.730  1.523   -2.811  1.00 39.27  ? 89  VAL A CG2 1 
ATOM   659  N N   . CYS A 1 89  ? -4.757  -2.238  -4.734  1.00 33.42  ? 90  CYS A N   1 
ATOM   660  C CA  A CYS A 1 89  ? -5.059  -3.650  -4.597  0.40 38.31  ? 90  CYS A CA  1 
ATOM   661  C CA  B CYS A 1 89  ? -5.055  -3.644  -4.594  0.60 38.85  ? 90  CYS A CA  1 
ATOM   662  C C   . CYS A 1 89  ? -3.772  -4.478  -4.686  1.00 36.06  ? 90  CYS A C   1 
ATOM   663  O O   . CYS A 1 89  ? -2.875  -4.189  -5.481  1.00 36.15  ? 90  CYS A O   1 
ATOM   664  C CB  A CYS A 1 89  ? -6.149  -4.107  -5.582  0.40 41.45  ? 90  CYS A CB  1 
ATOM   665  C CB  B CYS A 1 89  ? -6.159  -4.096  -5.563  0.60 41.85  ? 90  CYS A CB  1 
ATOM   666  S SG  A CYS A 1 89  ? -5.795  -3.976  -7.351  0.40 56.85  ? 90  CYS A SG  1 
ATOM   667  S SG  B CYS A 1 89  ? -5.807  -3.962  -7.329  0.60 63.46  ? 90  CYS A SG  1 
ATOM   668  N N   . ALA A 1 90  ? -3.662  -5.499  -3.833  1.00 36.97  ? 91  ALA A N   1 
ATOM   669  C CA  . ALA A 1 90  ? -2.408  -6.217  -3.703  1.00 34.44  ? 91  ALA A CA  1 
ATOM   670  C C   . ALA A 1 90  ? -2.620  -7.657  -3.434  1.00 32.78  ? 91  ALA A C   1 
ATOM   671  O O   . ALA A 1 90  ? -3.166  -8.015  -2.413  1.00 33.91  ? 91  ALA A O   1 
ATOM   672  C CB  . ALA A 1 90  ? -1.556  -5.606  -2.601  1.00 37.45  ? 91  ALA A CB  1 
ATOM   673  N N   . ALA A 1 91  ? -2.196  -8.497  -4.377  1.00 33.14  ? 92  ALA A N   1 
ATOM   674  C CA  . ALA A 1 91  ? -2.320  -9.943  -4.224  1.00 32.28  ? 92  ALA A CA  1 
ATOM   675  C C   . ALA A 1 91  ? -1.076  -10.441 -3.567  1.00 32.32  ? 92  ALA A C   1 
ATOM   676  O O   . ALA A 1 91  ? 0.050   -9.986  -3.857  1.00 34.79  ? 92  ALA A O   1 
ATOM   677  C CB  . ALA A 1 91  ? -2.492  -10.608 -5.619  1.00 32.56  ? 92  ALA A CB  1 
ATOM   678  N N   . MET A 1 92  ? -1.254  -11.438 -2.743  1.00 33.32  ? 93  MET A N   1 
ATOM   679  C CA  . MET A 1 92  ? -0.206  -12.029 -1.989  1.00 36.12  ? 93  MET A CA  1 
ATOM   680  C C   . MET A 1 92  ? 0.167   -13.423 -2.494  1.00 37.10  ? 93  MET A C   1 
ATOM   681  O O   . MET A 1 92  ? -0.650  -14.282 -2.538  1.00 31.72  ? 93  MET A O   1 
ATOM   682  C CB  . MET A 1 92  ? -0.659  -12.198 -0.551  1.00 43.27  ? 93  MET A CB  1 
ATOM   683  C CG  . MET A 1 92  ? 0.514   -12.476 0.369   1.00 49.91  ? 93  MET A CG  1 
ATOM   684  S SD  . MET A 1 92  ? 0.264   -13.463 1.821   1.00 66.83  ? 93  MET A SD  1 
ATOM   685  C CE  . MET A 1 92  ? -1.503  -13.709 1.948   1.00 70.77  ? 93  MET A CE  1 
ATOM   686  N N   . ASN A 1 93  ? 1.453   -13.645 -2.744  1.00 34.69  ? 94  ASN A N   1 
ATOM   687  C CA  . ASN A 1 93  ? 1.958   -14.936 -3.070  1.00 38.76  ? 94  ASN A CA  1 
ATOM   688  C C   . ASN A 1 93  ? 3.472   -14.908 -2.862  1.00 37.56  ? 94  ASN A C   1 
ATOM   689  O O   . ASN A 1 93  ? 4.077   -13.866 -2.991  1.00 36.31  ? 94  ASN A O   1 
ATOM   690  C CB  . ASN A 1 93  ? 1.681   -15.209 -4.572  1.00 48.81  ? 94  ASN A CB  1 
ATOM   691  C CG  . ASN A 1 93  ? 1.682   -16.660 -4.889  1.00 56.95  ? 94  ASN A CG  1 
ATOM   692  O OD1 . ASN A 1 93  ? 1.595   -17.512 -3.987  1.00 68.92  ? 94  ASN A OD1 1 
ATOM   693  N ND2 . ASN A 1 93  ? 1.761   -16.971 -6.165  1.00 69.02  ? 94  ASN A ND2 1 
ATOM   694  N N   . SER A 1 94  ? 4.065   -16.042 -2.519  1.00 37.60  ? 95  SER A N   1 
ATOM   695  C CA  . SER A 1 94  ? 5.498   -16.179 -2.466  1.00 39.69  ? 95  SER A CA  1 
ATOM   696  C C   . SER A 1 94  ? 6.112   -15.243 -1.452  1.00 41.17  ? 95  SER A C   1 
ATOM   697  O O   . SER A 1 94  ? 7.228   -14.747 -1.656  1.00 37.20  ? 95  SER A O   1 
ATOM   698  C CB  . SER A 1 94  ? 6.107   -16.000 -3.891  1.00 43.02  ? 95  SER A CB  1 
ATOM   699  O OG  . SER A 1 94  ? 5.651   -17.072 -4.729  1.00 42.15  ? 95  SER A OG  1 
ATOM   700  N N   . ASN A 1 95  ? 5.361   -14.989 -0.364  1.00 39.34  ? 96  ASN A N   1 
ATOM   701  C CA  . ASN A 1 95  ? 5.756   -14.053 0.682   1.00 36.78  ? 96  ASN A CA  1 
ATOM   702  C C   . ASN A 1 95  ? 5.955   -12.604 0.207   1.00 35.31  ? 96  ASN A C   1 
ATOM   703  O O   . ASN A 1 95  ? 6.675   -11.848 0.834   1.00 38.09  ? 96  ASN A O   1 
ATOM   704  C CB  . ASN A 1 95  ? 7.049   -14.551 1.345   1.00 39.75  ? 96  ASN A CB  1 
ATOM   705  C CG  . ASN A 1 95  ? 6.848   -15.827 2.077   1.00 38.04  ? 96  ASN A CG  1 
ATOM   706  O OD1 . ASN A 1 95  ? 5.902   -15.944 2.817   1.00 42.86  ? 96  ASN A OD1 1 
ATOM   707  N ND2 . ASN A 1 95  ? 7.769   -16.759 1.932   1.00 37.74  ? 96  ASN A ND2 1 
ATOM   708  N N   . LYS A 1 96  ? 5.289   -12.207 -0.860  1.00 34.07  ? 97  LYS A N   1 
ATOM   709  C CA  . LYS A 1 96  ? 5.297   -10.820 -1.308  1.00 35.80  ? 97  LYS A CA  1 
ATOM   710  C C   . LYS A 1 96  ? 3.952   -10.367 -1.804  1.00 36.36  ? 97  LYS A C   1 
ATOM   711  O O   . LYS A 1 96  ? 3.007   -11.160 -1.870  1.00 36.65  ? 97  LYS A O   1 
ATOM   712  C CB  . LYS A 1 96  ? 6.352   -10.582 -2.420  1.00 38.90  ? 97  LYS A CB  1 
ATOM   713  C CG  . LYS A 1 96  ? 6.205   -11.410 -3.687  1.00 39.78  ? 97  LYS A CG  1 
ATOM   714  C CD  . LYS A 1 96  ? 7.195   -10.967 -4.790  1.00 39.04  ? 97  LYS A CD  1 
ATOM   715  C CE  . LYS A 1 96  ? 6.825   -9.615  -5.349  1.00 40.25  ? 97  LYS A CE  1 
ATOM   716  N NZ  . LYS A 1 96  ? 7.572   -9.398  -6.621  1.00 39.76  ? 97  LYS A NZ  1 
ATOM   717  N N   . LEU A 1 97  ? 3.895   -9.070  -2.136  1.00 33.81  ? 98  LEU A N   1 
ATOM   718  C CA  . LEU A 1 97  ? 2.763   -8.451  -2.742  1.00 32.33  ? 98  LEU A CA  1 
ATOM   719  C C   . LEU A 1 97  ? 3.027   -8.069  -4.188  1.00 31.52  ? 98  LEU A C   1 
ATOM   720  O O   . LEU A 1 97  ? 4.032   -7.457  -4.504  1.00 30.74  ? 98  LEU A O   1 
ATOM   721  C CB  . LEU A 1 97  ? 2.373   -7.181  -2.008  1.00 27.14  ? 98  LEU A CB  1 
ATOM   722  C CG  . LEU A 1 97  ? 2.089   -7.351  -0.558  1.00 28.35  ? 98  LEU A CG  1 
ATOM   723  C CD1 . LEU A 1 97  ? 1.681   -5.985  0.056   1.00 30.13  ? 98  LEU A CD1 1 
ATOM   724  C CD2 . LEU A 1 97  ? 1.030   -8.350  -0.308  1.00 28.51  ? 98  LEU A CD2 1 
ATOM   725  N N   . PHE A 1 98  ? 2.020   -8.323  -5.009  1.00 31.47  ? 99  PHE A N   1 
ATOM   726  C CA  . PHE A 1 98  ? 1.928   -7.894  -6.393  1.00 37.12  ? 99  PHE A CA  1 
ATOM   727  C C   . PHE A 1 98  ? 0.853   -6.846  -6.497  1.00 36.30  ? 99  PHE A C   1 
ATOM   728  O O   . PHE A 1 98  ? -0.280  -7.098  -6.138  1.00 41.54  ? 99  PHE A O   1 
ATOM   729  C CB  . PHE A 1 98  ? 1.535   -9.103  -7.246  1.00 34.59  ? 99  PHE A CB  1 
ATOM   730  C CG  . PHE A 1 98  ? 2.573   -10.153 -7.271  1.00 33.25  ? 99  PHE A CG  1 
ATOM   731  C CD1 . PHE A 1 98  ? 2.607   -11.133 -6.287  1.00 31.60  ? 99  PHE A CD1 1 
ATOM   732  C CD2 . PHE A 1 98  ? 3.600   -10.114 -8.265  1.00 37.87  ? 99  PHE A CD2 1 
ATOM   733  C CE1 . PHE A 1 98  ? 3.636   -12.087 -6.269  1.00 36.64  ? 99  PHE A CE1 1 
ATOM   734  C CE2 . PHE A 1 98  ? 4.624   -11.086 -8.278  1.00 37.64  ? 99  PHE A CE2 1 
ATOM   735  C CZ  . PHE A 1 98  ? 4.621   -12.096 -7.293  1.00 36.58  ? 99  PHE A CZ  1 
ATOM   736  N N   . PHE A 1 99  ? 1.174   -5.686  -7.000  1.00 40.11  ? 100 PHE A N   1 
ATOM   737  C CA  . PHE A 1 99  ? 0.220   -4.598  -7.018  1.00 40.60  ? 100 PHE A CA  1 
ATOM   738  C C   . PHE A 1 99  ? -0.453  -4.338  -8.380  1.00 44.55  ? 100 PHE A C   1 
ATOM   739  O O   . PHE A 1 99  ? 0.232   -4.284  -9.402  1.00 42.50  ? 100 PHE A O   1 
ATOM   740  C CB  . PHE A 1 99  ? 0.946   -3.313  -6.594  1.00 38.57  ? 100 PHE A CB  1 
ATOM   741  C CG  . PHE A 1 99  ? 1.446   -3.326  -5.182  1.00 43.71  ? 100 PHE A CG  1 
ATOM   742  C CD1 . PHE A 1 99  ? 0.576   -3.135  -4.139  1.00 43.41  ? 100 PHE A CD1 1 
ATOM   743  C CD2 . PHE A 1 99  ? 2.796   -3.446  -4.899  1.00 43.92  ? 100 PHE A CD2 1 
ATOM   744  C CE1 . PHE A 1 99  ? 1.016   -3.096  -2.836  1.00 37.40  ? 100 PHE A CE1 1 
ATOM   745  C CE2 . PHE A 1 99  ? 3.249   -3.412  -3.598  1.00 37.55  ? 100 PHE A CE2 1 
ATOM   746  C CZ  . PHE A 1 99  ? 2.367   -3.259  -2.566  1.00 40.49  ? 100 PHE A CZ  1 
ATOM   747  N N   . GLY A 1 100 ? -1.765  -4.050  -8.369  1.00 43.82  ? 101 GLY A N   1 
ATOM   748  C CA  . GLY A 1 100 ? -2.414  -3.416  -9.525  1.00 41.25  ? 101 GLY A CA  1 
ATOM   749  C C   . GLY A 1 100 ? -1.982  -1.968  -9.726  1.00 43.33  ? 101 GLY A C   1 
ATOM   750  O O   . GLY A 1 100 ? -1.313  -1.376  -8.866  1.00 41.16  ? 101 GLY A O   1 
ATOM   751  N N   . GLY A 1 101 ? -2.393  -1.382  -10.852 1.00 39.67  ? 102 GLY A N   1 
ATOM   752  C CA  . GLY A 1 101 ? -2.194  0.037   -11.115 1.00 38.81  ? 102 GLY A CA  1 
ATOM   753  C C   . GLY A 1 101 ? -2.930  0.854   -10.068 1.00 40.45  ? 102 GLY A C   1 
ATOM   754  O O   . GLY A 1 101 ? -3.975  0.449   -9.558  1.00 40.99  ? 102 GLY A O   1 
ATOM   755  N N   . LEU A 1 102 ? -2.386  1.999   -9.708  1.00 40.79  ? 103 LEU A N   1 
ATOM   756  C CA  . LEU A 1 102 ? -3.025  2.816   -8.658  1.00 45.51  ? 103 LEU A CA  1 
ATOM   757  C C   . LEU A 1 102 ? -4.283  3.501   -9.202  1.00 47.84  ? 103 LEU A C   1 
ATOM   758  O O   . LEU A 1 102 ? -4.393  3.706   -10.386 1.00 53.12  ? 103 LEU A O   1 
ATOM   759  C CB  . LEU A 1 102 ? -2.080  3.872   -8.148  1.00 41.82  ? 103 LEU A CB  1 
ATOM   760  C CG  . LEU A 1 102 ? -0.689  3.386   -7.729  1.00 46.83  ? 103 LEU A CG  1 
ATOM   761  C CD1 . LEU A 1 102 ? -0.026  4.568   -7.028  1.00 52.58  ? 103 LEU A CD1 1 
ATOM   762  C CD2 . LEU A 1 102 ? -0.733  2.185   -6.831  1.00 48.16  ? 103 LEU A CD2 1 
ATOM   763  N N   . THR A 1 103 ? -5.224  3.827   -8.326  1.00 48.85  ? 104 THR A N   1 
ATOM   764  C CA  . THR A 1 103 ? -6.383  4.623   -8.691  1.00 47.21  ? 104 THR A CA  1 
ATOM   765  C C   . THR A 1 103 ? -6.368  5.799   -7.727  1.00 42.12  ? 104 THR A C   1 
ATOM   766  O O   . THR A 1 103 ? -6.539  5.578   -6.558  1.00 43.85  ? 104 THR A O   1 
ATOM   767  C CB  . THR A 1 103 ? -7.730  3.847   -8.515  1.00 49.87  ? 104 THR A CB  1 
ATOM   768  O OG1 . THR A 1 103 ? -7.754  2.659   -9.315  1.00 44.27  ? 104 THR A OG1 1 
ATOM   769  C CG2 . THR A 1 103 ? -8.928  4.727   -8.904  1.00 47.80  ? 104 THR A CG2 1 
ATOM   770  N N   . ARG A 1 104 ? -6.152  7.022   -8.220  1.00 40.42  ? 105 ARG A N   1 
ATOM   771  C CA  . ARG A 1 104 ? -6.278  8.218   -7.401  1.00 44.62  ? 105 ARG A CA  1 
ATOM   772  C C   . ARG A 1 104 ? -7.588  8.892   -7.669  1.00 40.05  ? 105 ARG A C   1 
ATOM   773  O O   . ARG A 1 104 ? -8.024  9.024   -8.813  1.00 41.59  ? 105 ARG A O   1 
ATOM   774  C CB  . ARG A 1 104 ? -5.159  9.253   -7.646  1.00 49.72  ? 105 ARG A CB  1 
ATOM   775  C CG  . ARG A 1 104 ? -3.756  8.717   -7.536  1.00 59.93  ? 105 ARG A CG  1 
ATOM   776  C CD  . ARG A 1 104 ? -2.705  9.823   -7.224  1.00 69.64  ? 105 ARG A CD  1 
ATOM   777  N NE  . ARG A 1 104 ? -1.339  9.304   -6.885  1.00 71.54  ? 105 ARG A NE  1 
ATOM   778  C CZ  . ARG A 1 104 ? -0.598  8.466   -7.646  1.00 67.31  ? 105 ARG A CZ  1 
ATOM   779  N NH1 . ARG A 1 104 ? -1.042  8.007   -8.815  1.00 63.43  ? 105 ARG A NH1 1 
ATOM   780  N NH2 . ARG A 1 104 ? 0.604   8.057   -7.234  1.00 64.54  ? 105 ARG A NH2 1 
ATOM   781  N N   . ILE A 1 105 ? -8.150  9.411   -6.606  1.00 38.39  ? 106 ILE A N   1 
ATOM   782  C CA  . ILE A 1 105 ? -9.496  9.939   -6.585  1.00 44.22  ? 106 ILE A CA  1 
ATOM   783  C C   . ILE A 1 105 ? -9.470  11.179  -5.709  1.00 43.45  ? 106 ILE A C   1 
ATOM   784  O O   . ILE A 1 105 ? -8.926  11.130  -4.634  1.00 45.58  ? 106 ILE A O   1 
ATOM   785  C CB  . ILE A 1 105 ? -10.381 8.820   -6.020  1.00 51.28  ? 106 ILE A CB  1 
ATOM   786  C CG1 . ILE A 1 105 ? -10.741 7.916   -7.186  1.00 54.11  ? 106 ILE A CG1 1 
ATOM   787  C CG2 . ILE A 1 105 ? -11.561 9.314   -5.194  1.00 56.47  ? 106 ILE A CG2 1 
ATOM   788  C CD1 . ILE A 1 105 ? -11.773 6.888   -6.834  1.00 67.28  ? 106 ILE A CD1 1 
ATOM   789  N N   . GLU A 1 106 ? -9.984  12.306  -6.200  1.00 49.27  ? 107 GLU A N   1 
ATOM   790  C CA  . GLU A 1 106 ? -10.006 13.551  -5.424  1.00 51.15  ? 107 GLU A CA  1 
ATOM   791  C C   . GLU A 1 106 ? -11.370 14.187  -5.530  1.00 46.54  ? 107 GLU A C   1 
ATOM   792  O O   . GLU A 1 106 ? -12.167 13.847  -6.407  1.00 53.22  ? 107 GLU A O   1 
ATOM   793  C CB  . GLU A 1 106 ? -8.874  14.525  -5.841  1.00 56.01  ? 107 GLU A CB  1 
ATOM   794  C CG  . GLU A 1 106 ? -7.435  13.941  -5.903  1.00 69.79  ? 107 GLU A CG  1 
ATOM   795  C CD  . GLU A 1 106 ? -6.840  13.408  -4.557  1.00 82.53  ? 107 GLU A CD  1 
ATOM   796  O OE1 . GLU A 1 106 ? -7.241  13.911  -3.460  1.00 80.79  ? 107 GLU A OE1 1 
ATOM   797  O OE2 . GLU A 1 106 ? -5.950  12.478  -4.598  1.00 68.05  ? 107 GLU A OE2 1 
ATOM   798  N N   . GLY A 1 107 ? -11.663 15.076  -4.597  1.00 51.49  ? 108 GLY A N   1 
ATOM   799  C CA  . GLY A 1 107 ? -12.872 15.893  -4.668  1.00 56.92  ? 108 GLY A CA  1 
ATOM   800  C C   . GLY A 1 107 ? -12.651 17.183  -5.463  1.00 65.42  ? 108 GLY A C   1 
ATOM   801  O O   . GLY A 1 107 ? -11.485 17.548  -5.793  1.00 60.16  ? 108 GLY A O   1 
ATOM   802  N N   . GLU A 1 108 ? -13.749 17.866  -5.789  1.00 69.56  ? 109 GLU A N   1 
ATOM   803  C CA  . GLU A 1 108 ? -13.653 19.213  -6.390  1.00 82.93  ? 109 GLU A CA  1 
ATOM   804  C C   . GLU A 1 108 ? -13.058 20.205  -5.383  1.00 82.64  ? 109 GLU A C   1 
ATOM   805  O O   . GLU A 1 108 ? -13.298 20.073  -4.182  1.00 76.31  ? 109 GLU A O   1 
ATOM   806  C CB  . GLU A 1 108 ? -15.000 19.707  -6.948  1.00 84.70  ? 109 GLU A CB  1 
ATOM   807  C CG  . GLU A 1 108 ? -15.075 19.533  -8.462  1.00 96.43  ? 109 GLU A CG  1 
ATOM   808  C CD  . GLU A 1 108 ? -16.407 19.932  -9.072  1.00 108.68 ? 109 GLU A CD  1 
ATOM   809  O OE1 . GLU A 1 108 ? -17.102 20.811  -8.523  1.00 106.80 ? 109 GLU A OE1 1 
ATOM   810  O OE2 . GLU A 1 108 ? -16.757 19.361  -10.128 1.00 120.48 ? 109 GLU A OE2 1 
ATOM   811  N N   . PRO A 1 109 ? -12.246 21.173  -5.859  1.00 93.49  ? 110 PRO A N   1 
ATOM   812  C CA  . PRO A 1 109 ? -11.636 22.118  -4.921  1.00 94.18  ? 110 PRO A CA  1 
ATOM   813  C C   . PRO A 1 109 ? -12.521 23.343  -4.710  1.00 81.92  ? 110 PRO A C   1 
ATOM   814  O O   . PRO A 1 109 ? -12.919 23.594  -3.580  1.00 85.04  ? 110 PRO A O   1 
ATOM   815  C CB  . PRO A 1 109 ? -10.316 22.474  -5.608  1.00 95.80  ? 110 PRO A CB  1 
ATOM   816  C CG  . PRO A 1 109 ? -10.598 22.330  -7.074  1.00 98.23  ? 110 PRO A CG  1 
ATOM   817  C CD  . PRO A 1 109 ? -11.836 21.470  -7.244  1.00 98.45  ? 110 PRO A CD  1 
ATOM   818  N N   . ALA B 1 9   ? 7.855   15.137  5.516   1.00 76.36  ? 10  ALA B N   1 
ATOM   819  C CA  . ALA B 1 9   ? 8.508   14.873  4.190   1.00 78.63  ? 10  ALA B CA  1 
ATOM   820  C C   . ALA B 1 9   ? 9.997   15.234  4.166   1.00 79.28  ? 10  ALA B C   1 
ATOM   821  O O   . ALA B 1 9   ? 10.406  16.223  3.520   1.00 77.65  ? 10  ALA B O   1 
ATOM   822  C CB  . ALA B 1 9   ? 7.756   15.572  3.057   1.00 75.93  ? 10  ALA B CB  1 
ATOM   823  N N   . ARG B 1 10  ? 10.793  14.406  4.854   1.00 72.80  ? 11  ARG B N   1 
ATOM   824  C CA  . ARG B 1 10  ? 12.265  14.510  4.872   1.00 78.55  ? 11  ARG B CA  1 
ATOM   825  C C   . ARG B 1 10  ? 12.798  14.804  3.456   1.00 79.00  ? 11  ARG B C   1 
ATOM   826  O O   . ARG B 1 10  ? 12.416  14.117  2.473   1.00 65.64  ? 11  ARG B O   1 
ATOM   827  C CB  . ARG B 1 10  ? 12.932  13.200  5.386   1.00 92.83  ? 11  ARG B CB  1 
ATOM   828  C CG  . ARG B 1 10  ? 12.655  12.726  6.829   1.00 98.41  ? 11  ARG B CG  1 
ATOM   829  C CD  . ARG B 1 10  ? 13.467  13.469  7.898   1.00 108.33 ? 11  ARG B CD  1 
ATOM   830  N NE  . ARG B 1 10  ? 14.851  12.978  8.102   1.00 111.48 ? 11  ARG B NE  1 
ATOM   831  C CZ  . ARG B 1 10  ? 15.966  13.459  7.523   1.00 101.35 ? 11  ARG B CZ  1 
ATOM   832  N NH1 . ARG B 1 10  ? 15.930  14.462  6.635   1.00 104.16 ? 11  ARG B NH1 1 
ATOM   833  N NH2 . ARG B 1 10  ? 17.149  12.914  7.824   1.00 84.67  ? 11  ARG B NH2 1 
ATOM   834  N N   . ILE B 1 11  ? 13.653  15.824  3.339   1.00 68.64  ? 12  ILE B N   1 
ATOM   835  C CA  . ILE B 1 11  ? 14.298  16.143  2.043   1.00 66.67  ? 12  ILE B CA  1 
ATOM   836  C C   . ILE B 1 11  ? 15.717  15.626  2.097   1.00 53.08  ? 12  ILE B C   1 
ATOM   837  O O   . ILE B 1 11  ? 16.353  15.787  3.095   1.00 55.11  ? 12  ILE B O   1 
ATOM   838  C CB  . ILE B 1 11  ? 14.312  17.670  1.755   1.00 80.61  ? 12  ILE B CB  1 
ATOM   839  C CG1 . ILE B 1 11  ? 12.876  18.232  1.686   1.00 85.52  ? 12  ILE B CG1 1 
ATOM   840  C CG2 . ILE B 1 11  ? 15.056  17.986  0.453   1.00 78.19  ? 12  ILE B CG2 1 
ATOM   841  C CD1 . ILE B 1 11  ? 12.802  19.740  1.881   1.00 89.38  ? 12  ILE B CD1 1 
ATOM   842  N N   . TYR B 1 12  ? 16.206  15.017  1.014   1.00 53.65  ? 13  TYR B N   1 
ATOM   843  C CA  . TYR B 1 12  ? 17.530  14.430  0.966   1.00 50.93  ? 13  TYR B CA  1 
ATOM   844  C C   . TYR B 1 12  ? 18.245  14.822  -0.309  1.00 56.35  ? 13  TYR B C   1 
ATOM   845  O O   . TYR B 1 12  ? 17.637  14.864  -1.392  1.00 56.26  ? 13  TYR B O   1 
ATOM   846  C CB  . TYR B 1 12  ? 17.468  12.885  0.987   1.00 51.56  ? 13  TYR B CB  1 
ATOM   847  C CG  . TYR B 1 12  ? 17.042  12.270  2.294   1.00 47.20  ? 13  TYR B CG  1 
ATOM   848  C CD1 . TYR B 1 12  ? 17.958  12.025  3.301   1.00 47.93  ? 13  TYR B CD1 1 
ATOM   849  C CD2 . TYR B 1 12  ? 15.729  11.912  2.511   1.00 48.83  ? 13  TYR B CD2 1 
ATOM   850  C CE1 . TYR B 1 12  ? 17.579  11.471  4.505   1.00 47.15  ? 13  TYR B CE1 1 
ATOM   851  C CE2 . TYR B 1 12  ? 15.327  11.348  3.717   1.00 45.36  ? 13  TYR B CE2 1 
ATOM   852  C CZ  . TYR B 1 12  ? 16.245  11.130  4.688   1.00 46.70  ? 13  TYR B CZ  1 
ATOM   853  O OH  . TYR B 1 12  ? 15.827  10.549  5.821   1.00 47.42  ? 13  TYR B OH  1 
ATOM   854  N N   . LYS B 1 13  ? 19.560  15.008  -0.206  1.00 50.87  ? 14  LYS B N   1 
ATOM   855  C CA  . LYS B 1 13  ? 20.359  15.302  -1.368  1.00 51.22  ? 14  LYS B CA  1 
ATOM   856  C C   . LYS B 1 13  ? 20.823  14.034  -1.994  1.00 45.81  ? 14  LYS B C   1 
ATOM   857  O O   . LYS B 1 13  ? 20.928  13.009  -1.332  1.00 49.00  ? 14  LYS B O   1 
ATOM   858  C CB  . LYS B 1 13  ? 21.535  16.209  -0.969  1.00 69.75  ? 14  LYS B CB  1 
ATOM   859  C CG  . LYS B 1 13  ? 21.048  17.582  -0.484  1.00 79.96  ? 14  LYS B CG  1 
ATOM   860  C CD  . LYS B 1 13  ? 22.192  18.495  -0.073  1.00 93.92  ? 14  LYS B CD  1 
ATOM   861  C CE  . LYS B 1 13  ? 21.958  19.942  -0.493  1.00 94.18  ? 14  LYS B CE  1 
ATOM   862  N NZ  . LYS B 1 13  ? 23.225  20.695  -0.314  1.00 92.48  ? 14  LYS B NZ  1 
ATOM   863  N N   . GLU B 1 14  ? 21.096  14.104  -3.291  1.00 45.94  ? 15  GLU B N   1 
ATOM   864  C CA  . GLU B 1 14  ? 21.625  12.989  -4.039  1.00 44.72  ? 15  GLU B CA  1 
ATOM   865  C C   . GLU B 1 14  ? 22.871  12.411  -3.335  1.00 52.40  ? 15  GLU B C   1 
ATOM   866  O O   . GLU B 1 14  ? 23.694  13.184  -2.815  1.00 55.82  ? 15  GLU B O   1 
ATOM   867  C CB  . GLU B 1 14  ? 21.982  13.413  -5.479  1.00 47.08  ? 15  GLU B CB  1 
ATOM   868  C CG  . GLU B 1 14  ? 20.833  13.885  -6.397  1.00 56.74  ? 15  GLU B CG  1 
ATOM   869  C CD  . GLU B 1 14  ? 19.752  12.817  -6.650  1.00 69.21  ? 15  GLU B CD  1 
ATOM   870  O OE1 . GLU B 1 14  ? 19.966  11.900  -7.501  1.00 70.72  ? 15  GLU B OE1 1 
ATOM   871  O OE2 . GLU B 1 14  ? 18.694  12.903  -5.976  1.00 58.67  ? 15  GLU B OE2 1 
ATOM   872  N N   . GLY B 1 15  ? 22.991  11.071  -3.305  1.00 46.20  ? 16  GLY B N   1 
ATOM   873  C CA  . GLY B 1 15  ? 24.007  10.336  -2.524  1.00 47.77  ? 16  GLY B CA  1 
ATOM   874  C C   . GLY B 1 15  ? 23.971  10.211  -0.982  1.00 44.99  ? 16  GLY B C   1 
ATOM   875  O O   . GLY B 1 15  ? 24.775  9.474   -0.423  1.00 45.37  ? 16  GLY B O   1 
ATOM   876  N N   . GLU B 1 16  ? 23.106  10.933  -0.287  1.00 42.67  ? 17  GLU B N   1 
ATOM   877  C CA  . GLU B 1 16  ? 22.928  10.748  1.162   1.00 46.91  ? 17  GLU B CA  1 
ATOM   878  C C   . GLU B 1 16  ? 22.404  9.324   1.504   1.00 48.44  ? 17  GLU B C   1 
ATOM   879  O O   . GLU B 1 16  ? 21.624  8.740   0.753   1.00 46.16  ? 17  GLU B O   1 
ATOM   880  C CB  . GLU B 1 16  ? 21.850  11.700  1.703   1.00 55.81  ? 17  GLU B CB  1 
ATOM   881  C CG  . GLU B 1 16  ? 22.264  13.088  2.135   1.00 69.64  ? 17  GLU B CG  1 
ATOM   882  C CD  . GLU B 1 16  ? 21.209  13.751  3.031   1.00 66.93  ? 17  GLU B CD  1 
ATOM   883  O OE1 . GLU B 1 16  ? 20.978  13.272  4.169   1.00 66.51  ? 17  GLU B OE1 1 
ATOM   884  O OE2 . GLU B 1 16  ? 20.619  14.758  2.603   1.00 73.86  ? 17  GLU B OE2 1 
ATOM   885  N N   . LYS B 1 17  ? 22.779  8.863   2.689   1.00 45.46  ? 18  LYS B N   1 
ATOM   886  C CA  . LYS B 1 17  ? 22.228  7.710   3.346   1.00 52.52  ? 18  LYS B CA  1 
ATOM   887  C C   . LYS B 1 17  ? 20.854  8.017   3.893   1.00 51.54  ? 18  LYS B C   1 
ATOM   888  O O   . LYS B 1 17  ? 20.611  9.149   4.319   1.00 52.11  ? 18  LYS B O   1 
ATOM   889  C CB  . LYS B 1 17  ? 23.110  7.278   4.499   1.00 52.30  ? 18  LYS B CB  1 
ATOM   890  C CG  . LYS B 1 17  ? 24.464  6.760   4.040   1.00 59.53  ? 18  LYS B CG  1 
ATOM   891  C CD  . LYS B 1 17  ? 25.247  6.239   5.251   1.00 63.51  ? 18  LYS B CD  1 
ATOM   892  C CE  . LYS B 1 17  ? 26.496  5.480   4.800   1.00 60.84  ? 18  LYS B CE  1 
ATOM   893  N NZ  . LYS B 1 17  ? 27.197  4.818   5.938   1.00 66.20  ? 18  LYS B NZ  1 
ATOM   894  N N   . VAL B 1 18  ? 19.956  7.017   3.824   1.00 43.69  ? 19  VAL B N   1 
ATOM   895  C CA  . VAL B 1 18  ? 18.568  7.156   4.318   1.00 41.78  ? 19  VAL B CA  1 
ATOM   896  C C   . VAL B 1 18  ? 18.233  5.879   5.049   1.00 40.52  ? 19  VAL B C   1 
ATOM   897  O O   . VAL B 1 18  ? 18.489  4.741   4.580   1.00 48.65  ? 19  VAL B O   1 
ATOM   898  C CB  . VAL B 1 18  ? 17.535  7.402   3.203   1.00 45.83  ? 19  VAL B CB  1 
ATOM   899  C CG1 . VAL B 1 18  ? 16.151  7.645   3.759   1.00 46.71  ? 19  VAL B CG1 1 
ATOM   900  C CG2 . VAL B 1 18  ? 17.927  8.575   2.322   1.00 48.65  ? 19  VAL B CG2 1 
ATOM   901  N N   . GLN B 1 19  ? 17.655  6.078   6.206   1.00 41.81  ? 20  GLN B N   1 
ATOM   902  C CA  . GLN B 1 19  ? 17.187  5.040   7.055   1.00 48.46  ? 20  GLN B CA  1 
ATOM   903  C C   . GLN B 1 19  ? 15.659  5.143   7.160   1.00 48.25  ? 20  GLN B C   1 
ATOM   904  O O   . GLN B 1 19  ? 15.137  6.192   7.594   1.00 43.03  ? 20  GLN B O   1 
ATOM   905  C CB  . GLN B 1 19  ? 17.845  5.234   8.386   1.00 53.07  ? 20  GLN B CB  1 
ATOM   906  C CG  . GLN B 1 19  ? 17.343  4.388   9.511   1.00 72.44  ? 20  GLN B CG  1 
ATOM   907  C CD  . GLN B 1 19  ? 17.940  4.853   10.826  1.00 83.10  ? 20  GLN B CD  1 
ATOM   908  O OE1 . GLN B 1 19  ? 19.161  4.720   11.040  1.00 87.00  ? 20  GLN B OE1 1 
ATOM   909  N NE2 . GLN B 1 19  ? 17.092  5.443   11.701  1.00 76.81  ? 20  GLN B NE2 1 
ATOM   910  N N   . VAL B 1 20  ? 14.949  4.057   6.785   1.00 43.53  ? 21  VAL B N   1 
ATOM   911  C CA  . VAL B 1 20  ? 13.465  4.005   6.960   1.00 40.97  ? 21  VAL B CA  1 
ATOM   912  C C   . VAL B 1 20  ? 13.093  2.972   8.006   1.00 41.67  ? 21  VAL B C   1 
ATOM   913  O O   . VAL B 1 20  ? 13.548  1.828   7.968   1.00 40.02  ? 21  VAL B O   1 
ATOM   914  C CB  . VAL B 1 20  ? 12.721  3.716   5.638   1.00 44.76  ? 21  VAL B CB  1 
ATOM   915  C CG1 . VAL B 1 20  ? 11.210  3.660   5.837   1.00 46.21  ? 21  VAL B CG1 1 
ATOM   916  C CG2 . VAL B 1 20  ? 13.088  4.743   4.585   1.00 39.13  ? 21  VAL B CG2 1 
ATOM   917  N N   . ASP B 1 21  ? 12.271  3.408   8.939   1.00 35.66  ? 22  ASP B N   1 
ATOM   918  C CA  . ASP B 1 21  ? 11.836  2.631   10.037  1.00 42.65  ? 22  ASP B CA  1 
ATOM   919  C C   . ASP B 1 21  ? 10.355  2.242   9.858   1.00 42.41  ? 22  ASP B C   1 
ATOM   920  O O   . ASP B 1 21  ? 9.634   2.777   9.016   1.00 42.95  ? 22  ASP B O   1 
ATOM   921  C CB  . ASP B 1 21  ? 11.915  3.476   11.347  1.00 50.01  ? 22  ASP B CB  1 
ATOM   922  C CG  . ASP B 1 21  ? 13.367  3.863   11.760  1.00 58.85  ? 22  ASP B CG  1 
ATOM   923  O OD1 . ASP B 1 21  ? 14.327  3.079   11.607  1.00 49.74  ? 22  ASP B OD1 1 
ATOM   924  O OD2 . ASP B 1 21  ? 13.529  4.988   12.279  1.00 73.69  ? 22  ASP B OD2 1 
ATOM   925  N N   . CYS B 1 22  ? 9.930   1.366   10.739  1.00 43.93  ? 23  CYS B N   1 
ATOM   926  C CA  . CYS B 1 22  ? 8.564   0.916   10.885  1.00 52.57  ? 23  CYS B CA  1 
ATOM   927  C C   . CYS B 1 22  ? 8.244   0.926   12.376  1.00 43.59  ? 23  CYS B C   1 
ATOM   928  O O   . CYS B 1 22  ? 8.880   0.246   13.169  1.00 45.90  ? 23  CYS B O   1 
ATOM   929  C CB  . CYS B 1 22  ? 8.454   -0.525  10.302  1.00 55.99  ? 23  CYS B CB  1 
ATOM   930  S SG  . CYS B 1 22  ? 6.838   -1.360  10.403  1.00 57.22  ? 23  CYS B SG  1 
ATOM   931  N N   . ASP B 1 23  ? 7.232   1.677   12.744  1.00 48.78  ? 24  ASP B N   1 
ATOM   932  C CA  . ASP B 1 23  ? 6.760   1.771   14.129  1.00 47.38  ? 24  ASP B CA  1 
ATOM   933  C C   . ASP B 1 23  ? 5.676   0.749   14.443  1.00 49.03  ? 24  ASP B C   1 
ATOM   934  O O   . ASP B 1 23  ? 5.050   0.867   15.475  1.00 41.99  ? 24  ASP B O   1 
ATOM   935  C CB  . ASP B 1 23  ? 6.248   3.192   14.433  1.00 47.53  ? 24  ASP B CB  1 
ATOM   936  C CG  . ASP B 1 23  ? 5.020   3.572   13.611  1.00 49.89  ? 24  ASP B CG  1 
ATOM   937  O OD1 . ASP B 1 23  ? 4.321   2.674   13.121  1.00 53.79  ? 24  ASP B OD1 1 
ATOM   938  O OD2 . ASP B 1 23  ? 4.724   4.771   13.475  1.00 58.67  ? 24  ASP B OD2 1 
ATOM   939  N N   . LEU B 1 24  ? 5.444   -0.255  13.593  1.00 43.53  ? 25  LEU B N   1 
ATOM   940  C CA  . LEU B 1 24  ? 4.498   -1.317  13.989  1.00 46.35  ? 25  LEU B CA  1 
ATOM   941  C C   . LEU B 1 24  ? 4.900   -1.961  15.299  1.00 46.47  ? 25  LEU B C   1 
ATOM   942  O O   . LEU B 1 24  ? 6.070   -2.234  15.517  1.00 48.20  ? 25  LEU B O   1 
ATOM   943  C CB  . LEU B 1 24  ? 4.403   -2.437  12.918  1.00 43.65  ? 25  LEU B CB  1 
ATOM   944  C CG  . LEU B 1 24  ? 3.473   -2.041  11.776  1.00 41.65  ? 25  LEU B CG  1 
ATOM   945  C CD1 . LEU B 1 24  ? 3.724   -2.882  10.530  1.00 41.62  ? 25  LEU B CD1 1 
ATOM   946  C CD2 . LEU B 1 24  ? 2.008   -2.146  12.276  1.00 37.81  ? 25  LEU B CD2 1 
ATOM   947  N N   . LYS B 1 25  ? 3.929   -2.256  16.149  1.00 48.94  ? 26  LYS B N   1 
ATOM   948  C CA  . LYS B 1 25  ? 4.189   -3.101  17.336  1.00 52.62  ? 26  LYS B CA  1 
ATOM   949  C C   . LYS B 1 25  ? 4.834   -4.445  16.948  1.00 55.21  ? 26  LYS B C   1 
ATOM   950  O O   . LYS B 1 25  ? 4.440   -5.058  15.944  1.00 55.97  ? 26  LYS B O   1 
ATOM   951  C CB  . LYS B 1 25  ? 2.899   -3.359  18.104  1.00 58.13  ? 26  LYS B CB  1 
ATOM   952  C CG  . LYS B 1 25  ? 1.782   -3.946  17.249  1.00 64.40  ? 26  LYS B CG  1 
ATOM   953  C CD  . LYS B 1 25  ? 0.488   -4.154  18.019  1.00 70.85  ? 26  LYS B CD  1 
ATOM   954  C CE  . LYS B 1 25  ? 0.157   -5.641  18.111  1.00 78.50  ? 26  LYS B CE  1 
ATOM   955  N NZ  . LYS B 1 25  ? -1.272  -5.884  18.450  1.00 79.14  ? 26  LYS B NZ  1 
ATOM   956  N N   . GLN B 1 26  ? 5.833   -4.889  17.719  1.00 55.18  ? 27  GLN B N   1 
ATOM   957  C CA  . GLN B 1 26  ? 6.510   -6.161  17.459  1.00 58.19  ? 27  GLN B CA  1 
ATOM   958  C C   . GLN B 1 26  ? 5.443   -7.267  17.568  1.00 64.72  ? 27  GLN B C   1 
ATOM   959  O O   . GLN B 1 26  ? 4.550   -7.255  18.444  1.00 63.76  ? 27  GLN B O   1 
ATOM   960  C CB  . GLN B 1 26  ? 7.680   -6.424  18.432  1.00 62.74  ? 27  GLN B CB  1 
ATOM   961  C CG  . GLN B 1 26  ? 7.248   -6.745  19.889  1.00 67.41  ? 27  GLN B CG  1 
ATOM   962  C CD  . GLN B 1 26  ? 8.381   -7.101  20.863  1.00 74.55  ? 27  GLN B CD  1 
ATOM   963  O OE1 . GLN B 1 26  ? 9.589   -6.942  20.587  1.00 77.40  ? 27  GLN B OE1 1 
ATOM   964  N NE2 . GLN B 1 26  ? 7.979   -7.597  22.022  1.00 64.67  ? 27  GLN B NE2 1 
ATOM   965  N N   . SER B 1 27  ? 5.483   -8.163  16.609  1.00 55.03  ? 28  SER B N   1 
ATOM   966  C CA  . SER B 1 27  ? 4.817   -9.431  16.742  1.00 59.59  ? 28  SER B CA  1 
ATOM   967  C C   . SER B 1 27  ? 5.653   -10.412 15.930  1.00 53.89  ? 28  SER B C   1 
ATOM   968  O O   . SER B 1 27  ? 6.731   -10.070 15.404  1.00 56.88  ? 28  SER B O   1 
ATOM   969  C CB  . SER B 1 27  ? 3.320   -9.357  16.367  1.00 60.98  ? 28  SER B CB  1 
ATOM   970  O OG  . SER B 1 27  ? 3.041   -8.710  15.124  1.00 62.24  ? 28  SER B OG  1 
ATOM   971  N N   . GLY B 1 28  ? 5.232   -11.644 15.858  1.00 47.44  ? 29  GLY B N   1 
ATOM   972  C CA  . GLY B 1 28  ? 6.042   -12.538 15.035  1.00 53.56  ? 29  GLY B CA  1 
ATOM   973  C C   . GLY B 1 28  ? 5.419   -12.648 13.661  1.00 46.96  ? 29  GLY B C   1 
ATOM   974  O O   . GLY B 1 28  ? 5.452   -13.691 13.100  1.00 47.86  ? 29  GLY B O   1 
ATOM   975  N N   . THR B 1 29  ? 4.807   -11.595 13.141  1.00 45.33  ? 30  THR B N   1 
ATOM   976  C CA  . THR B 1 29  ? 3.945   -11.737 11.969  1.00 44.24  ? 30  THR B CA  1 
ATOM   977  C C   . THR B 1 29  ? 4.619   -11.212 10.719  1.00 38.36  ? 30  THR B C   1 
ATOM   978  O O   . THR B 1 29  ? 5.403   -10.229 10.772  1.00 39.57  ? 30  THR B O   1 
ATOM   979  C CB  . THR B 1 29  ? 2.600   -11.043 12.246  1.00 47.89  ? 30  THR B CB  1 
ATOM   980  O OG1 . THR B 1 29  ? 1.863   -11.893 13.133  1.00 62.86  ? 30  THR B OG1 1 
ATOM   981  C CG2 . THR B 1 29  ? 1.786   -10.924 11.094  1.00 45.64  ? 30  THR B CG2 1 
ATOM   982  N N   . LEU B 1 30  ? 4.282   -11.862 9.597   1.00 33.67  ? 31  LEU B N   1 
ATOM   983  C CA  . LEU B 1 30  ? 4.812   -11.547 8.287   1.00 35.81  ? 31  LEU B CA  1 
ATOM   984  C C   . LEU B 1 30  ? 4.410   -10.123 7.995   1.00 32.58  ? 31  LEU B C   1 
ATOM   985  O O   . LEU B 1 30  ? 3.271   -9.762  8.187   1.00 33.62  ? 31  LEU B O   1 
ATOM   986  C CB  . LEU B 1 30  ? 4.247   -12.485 7.221   1.00 37.79  ? 31  LEU B CB  1 
ATOM   987  C CG  . LEU B 1 30  ? 4.784   -12.300 5.809   1.00 41.30  ? 31  LEU B CG  1 
ATOM   988  C CD1 . LEU B 1 30  ? 6.297   -12.470 5.781   1.00 39.18  ? 31  LEU B CD1 1 
ATOM   989  C CD2 . LEU B 1 30  ? 4.118   -13.347 4.882   1.00 42.45  ? 31  LEU B CD2 1 
ATOM   990  N N   . THR B 1 31  ? 5.388   -9.329  7.581   1.00 31.18  ? 32  THR B N   1 
ATOM   991  C CA  . THR B 1 31  ? 5.266   -7.881  7.452   1.00 35.75  ? 32  THR B CA  1 
ATOM   992  C C   . THR B 1 31  ? 5.894   -7.519  6.116   1.00 36.01  ? 32  THR B C   1 
ATOM   993  O O   . THR B 1 31  ? 7.003   -7.937  5.830   1.00 34.17  ? 32  THR B O   1 
ATOM   994  C CB  . THR B 1 31  ? 5.956   -7.195  8.698   1.00 34.40  ? 32  THR B CB  1 
ATOM   995  O OG1 . THR B 1 31  ? 5.241   -7.638  9.864   1.00 35.02  ? 32  THR B OG1 1 
ATOM   996  C CG2 . THR B 1 31  ? 5.901   -5.754  8.641   1.00 35.62  ? 32  THR B CG2 1 
ATOM   997  N N   . PHE B 1 32  ? 5.135   -6.782  5.298   1.00 36.78  ? 33  PHE B N   1 
ATOM   998  C CA  . PHE B 1 32  ? 5.555   -6.402  3.961   1.00 33.99  ? 33  PHE B CA  1 
ATOM   999  C C   . PHE B 1 32  ? 5.986   -4.973  3.948   1.00 31.22  ? 33  PHE B C   1 
ATOM   1000 O O   . PHE B 1 32  ? 5.272   -4.143  4.471   1.00 30.28  ? 33  PHE B O   1 
ATOM   1001 C CB  . PHE B 1 32  ? 4.374   -6.483  2.992   1.00 32.81  ? 33  PHE B CB  1 
ATOM   1002 C CG  . PHE B 1 32  ? 3.712   -7.793  2.977   1.00 35.36  ? 33  PHE B CG  1 
ATOM   1003 C CD1 . PHE B 1 32  ? 4.339   -8.877  2.393   1.00 32.52  ? 33  PHE B CD1 1 
ATOM   1004 C CD2 . PHE B 1 32  ? 2.473   -7.973  3.582   1.00 35.29  ? 33  PHE B CD2 1 
ATOM   1005 C CE1 . PHE B 1 32  ? 3.743   -10.116 2.360   1.00 33.77  ? 33  PHE B CE1 1 
ATOM   1006 C CE2 . PHE B 1 32  ? 1.873   -9.225  3.573   1.00 36.33  ? 33  PHE B CE2 1 
ATOM   1007 C CZ  . PHE B 1 32  ? 2.480   -10.292 2.933   1.00 33.07  ? 33  PHE B CZ  1 
ATOM   1008 N N   . TRP B 1 33  ? 7.060   -4.681  3.220   1.00 31.05  ? 34  TRP B N   1 
ATOM   1009 C CA  . TRP B 1 33  ? 7.496   -3.302  2.990   1.00 30.58  ? 34  TRP B CA  1 
ATOM   1010 C C   . TRP B 1 33  ? 7.386   -2.998  1.546   1.00 28.03  ? 34  TRP B C   1 
ATOM   1011 O O   . TRP B 1 33  ? 7.838   -3.771  0.687   1.00 32.37  ? 34  TRP B O   1 
ATOM   1012 C CB  . TRP B 1 33  ? 8.984   -3.107  3.374   1.00 32.43  ? 34  TRP B CB  1 
ATOM   1013 C CG  . TRP B 1 33  ? 9.274   -3.243  4.865   1.00 38.37  ? 34  TRP B CG  1 
ATOM   1014 C CD1 . TRP B 1 33  ? 8.960   -4.281  5.696   1.00 40.95  ? 34  TRP B CD1 1 
ATOM   1015 C CD2 . TRP B 1 33  ? 9.961   -2.297  5.657   1.00 38.07  ? 34  TRP B CD2 1 
ATOM   1016 N NE1 . TRP B 1 33  ? 9.431   -4.039  6.954   1.00 39.00  ? 34  TRP B NE1 1 
ATOM   1017 C CE2 . TRP B 1 33  ? 10.054  -2.820  6.949   1.00 39.25  ? 34  TRP B CE2 1 
ATOM   1018 C CE3 . TRP B 1 33  ? 10.564  -1.059  5.374   1.00 44.12  ? 34  TRP B CE3 1 
ATOM   1019 C CZ2 . TRP B 1 33  ? 10.706  -2.136  7.985   1.00 41.96  ? 34  TRP B CZ2 1 
ATOM   1020 C CZ3 . TRP B 1 33  ? 11.205  -0.363  6.434   1.00 42.53  ? 34  TRP B CZ3 1 
ATOM   1021 C CH2 . TRP B 1 33  ? 11.247  -0.903  7.699   1.00 38.57  ? 34  TRP B CH2 1 
ATOM   1022 N N   . PHE B 1 34  ? 6.891   -1.804  1.265   1.00 29.64  ? 35  PHE B N   1 
ATOM   1023 C CA  . PHE B 1 34  ? 6.732   -1.339  -0.079  1.00 32.18  ? 35  PHE B CA  1 
ATOM   1024 C C   . PHE B 1 34  ? 6.658   0.142   -0.113  1.00 31.87  ? 35  PHE B C   1 
ATOM   1025 O O   . PHE B 1 34  ? 6.538   0.781   0.919   1.00 35.43  ? 35  PHE B O   1 
ATOM   1026 C CB  . PHE B 1 34  ? 5.436   -1.931  -0.698  1.00 33.59  ? 35  PHE B CB  1 
ATOM   1027 C CG  . PHE B 1 34  ? 4.163   -1.609  0.017   1.00 32.19  ? 35  PHE B CG  1 
ATOM   1028 C CD1 . PHE B 1 34  ? 3.706   -2.415  1.028   1.00 34.33  ? 35  PHE B CD1 1 
ATOM   1029 C CD2 . PHE B 1 34  ? 3.344   -0.571  -0.420  1.00 37.66  ? 35  PHE B CD2 1 
ATOM   1030 C CE1 . PHE B 1 34  ? 2.459   -2.203  1.625   1.00 35.54  ? 35  PHE B CE1 1 
ATOM   1031 C CE2 . PHE B 1 34  ? 2.107   -0.314  0.172   1.00 36.84  ? 35  PHE B CE2 1 
ATOM   1032 C CZ  . PHE B 1 34  ? 1.665   -1.139  1.207   1.00 38.11  ? 35  PHE B CZ  1 
ATOM   1033 N N   . ARG B 1 35  ? 6.671   0.685   -1.321  1.00 35.01  ? 36  ARG B N   1 
ATOM   1034 C CA  . ARG B 1 35  ? 6.593   2.100   -1.485  1.00 38.81  ? 36  ARG B CA  1 
ATOM   1035 C C   . ARG B 1 35  ? 5.707   2.486   -2.618  1.00 38.25  ? 36  ARG B C   1 
ATOM   1036 O O   . ARG B 1 35  ? 5.566   1.726   -3.608  1.00 36.52  ? 36  ARG B O   1 
ATOM   1037 C CB  . ARG B 1 35  ? 8.002   2.712   -1.704  1.00 40.92  ? 36  ARG B CB  1 
ATOM   1038 C CG  . ARG B 1 35  ? 8.749   2.277   -2.926  1.00 39.24  ? 36  ARG B CG  1 
ATOM   1039 C CD  . ARG B 1 35  ? 10.147  2.954   -2.953  1.00 48.35  ? 36  ARG B CD  1 
ATOM   1040 N NE  . ARG B 1 35  ? 10.978  2.442   -4.051  1.00 49.31  ? 36  ARG B NE  1 
ATOM   1041 C CZ  . ARG B 1 35  ? 12.311  2.450   -4.092  1.00 53.48  ? 36  ARG B CZ  1 
ATOM   1042 N NH1 . ARG B 1 35  ? 13.027  2.979   -3.104  1.00 51.29  ? 36  ARG B NH1 1 
ATOM   1043 N NH2 . ARG B 1 35  ? 12.947  1.915   -5.143  1.00 48.22  ? 36  ARG B NH2 1 
ATOM   1044 N N   . ILE B 1 36  ? 5.222   3.717   -2.519  1.00 37.84  ? 37  ILE B N   1 
ATOM   1045 C CA  . ILE B 1 36  ? 4.236   4.256   -3.467  1.00 44.94  ? 37  ILE B CA  1 
ATOM   1046 C C   . ILE B 1 36  ? 4.808   5.551   -4.031  1.00 43.42  ? 37  ILE B C   1 
ATOM   1047 O O   . ILE B 1 36  ? 5.135   6.457   -3.277  1.00 39.92  ? 37  ILE B O   1 
ATOM   1048 C CB  . ILE B 1 36  ? 2.898   4.614   -2.756  1.00 44.01  ? 37  ILE B CB  1 
ATOM   1049 C CG1 . ILE B 1 36  ? 2.231   3.393   -2.151  1.00 50.75  ? 37  ILE B CG1 1 
ATOM   1050 C CG2 . ILE B 1 36  ? 1.920   5.301   -3.730  1.00 46.75  ? 37  ILE B CG2 1 
ATOM   1051 C CD1 . ILE B 1 36  ? 1.857   2.357   -3.197  1.00 56.74  ? 37  ILE B CD1 1 
ATOM   1052 N N   . ASN B 1 37  ? 4.941   5.636   -5.339  1.00 40.55  ? 38  ASN B N   1 
ATOM   1053 C CA  . ASN B 1 37  ? 5.511   6.831   -5.927  1.00 50.20  ? 38  ASN B CA  1 
ATOM   1054 C C   . ASN B 1 37  ? 4.623   7.118   -7.145  1.00 59.24  ? 38  ASN B C   1 
ATOM   1055 O O   . ASN B 1 37  ? 3.538   6.445   -7.341  1.00 50.51  ? 38  ASN B O   1 
ATOM   1056 C CB  . ASN B 1 37  ? 7.020   6.611   -6.217  1.00 48.13  ? 38  ASN B CB  1 
ATOM   1057 C CG  . ASN B 1 37  ? 7.258   5.504   -7.219  1.00 57.10  ? 38  ASN B CG  1 
ATOM   1058 O OD1 . ASN B 1 37  ? 6.726   5.570   -8.305  1.00 63.87  ? 38  ASN B OD1 1 
ATOM   1059 N ND2 . ASN B 1 37  ? 8.027   4.456   -6.850  1.00 56.05  ? 38  ASN B ND2 1 
ATOM   1060 N N   . SER B 1 38  ? 5.038   8.084   -7.966  1.00 56.56  ? 39  SER B N   1 
ATOM   1061 C CA  . SER B 1 38  ? 4.171   8.517   -9.077  1.00 60.54  ? 39  SER B CA  1 
ATOM   1062 C C   . SER B 1 38  ? 4.160   7.539   -10.239 1.00 60.43  ? 39  SER B C   1 
ATOM   1063 O O   . SER B 1 38  ? 3.263   7.614   -11.058 1.00 62.47  ? 39  SER B O   1 
ATOM   1064 C CB  . SER B 1 38  ? 4.446   9.965   -9.530  1.00 61.72  ? 39  SER B CB  1 
ATOM   1065 O OG  . SER B 1 38  ? 5.760   10.160  -9.960  1.00 59.24  ? 39  SER B OG  1 
ATOM   1066 N N   . LYS B 1 39  ? 5.108   6.605   -10.300 1.00 61.62  ? 40  LYS B N   1 
ATOM   1067 C CA  . LYS B 1 39  ? 5.007   5.489   -11.260 1.00 65.09  ? 40  LYS B CA  1 
ATOM   1068 C C   . LYS B 1 39  ? 4.225   4.242   -10.755 1.00 65.62  ? 40  LYS B C   1 
ATOM   1069 O O   . LYS B 1 39  ? 4.086   3.264   -11.508 1.00 61.43  ? 40  LYS B O   1 
ATOM   1070 C CB  . LYS B 1 39  ? 6.381   5.063   -11.716 1.00 69.69  ? 40  LYS B CB  1 
ATOM   1071 C CG  . LYS B 1 39  ? 7.269   6.243   -12.115 1.00 86.51  ? 40  LYS B CG  1 
ATOM   1072 C CD  . LYS B 1 39  ? 8.075   5.956   -13.375 1.00 93.79  ? 40  LYS B CD  1 
ATOM   1073 C CE  . LYS B 1 39  ? 9.050   4.798   -13.214 1.00 98.88  ? 40  LYS B CE  1 
ATOM   1074 N NZ  . LYS B 1 39  ? 9.734   4.512   -14.514 1.00 104.33 ? 40  LYS B NZ  1 
ATOM   1075 N N   . GLY B 1 40  ? 3.718   4.275   -9.515  1.00 47.54  ? 41  GLY B N   1 
ATOM   1076 C CA  . GLY B 1 40  ? 3.079   3.113   -8.937  1.00 45.90  ? 41  GLY B CA  1 
ATOM   1077 C C   . GLY B 1 40  ? 3.564   2.651   -7.566  1.00 45.74  ? 41  GLY B C   1 
ATOM   1078 O O   . GLY B 1 40  ? 4.396   3.293   -6.885  1.00 45.12  ? 41  GLY B O   1 
ATOM   1079 N N   . ALA B 1 41  ? 3.018   1.504   -7.195  1.00 44.16  ? 42  ALA B N   1 
ATOM   1080 C CA  . ALA B 1 41  ? 3.356   0.768   -5.991  1.00 41.48  ? 42  ALA B CA  1 
ATOM   1081 C C   . ALA B 1 41  ? 4.468   -0.164  -6.349  1.00 41.53  ? 42  ALA B C   1 
ATOM   1082 O O   . ALA B 1 41  ? 4.395   -0.829  -7.382  1.00 42.29  ? 42  ALA B O   1 
ATOM   1083 C CB  . ALA B 1 41  ? 2.179   -0.026  -5.508  1.00 47.53  ? 42  ALA B CB  1 
ATOM   1084 N N   . ASP B 1 42  ? 5.496   -0.175  -5.494  1.00 40.22  ? 43  ASP B N   1 
ATOM   1085 C CA  . ASP B 1 42  ? 6.697   -0.927  -5.713  1.00 44.15  ? 43  ASP B CA  1 
ATOM   1086 C C   . ASP B 1 42  ? 6.984   -1.772  -4.428  1.00 39.78  ? 43  ASP B C   1 
ATOM   1087 O O   . ASP B 1 42  ? 7.026   -1.283  -3.293  1.00 35.57  ? 43  ASP B O   1 
ATOM   1088 C CB  . ASP B 1 42  ? 7.770   0.077   -6.123  1.00 57.41  ? 43  ASP B CB  1 
ATOM   1089 C CG  . ASP B 1 42  ? 9.147   -0.520  -6.308  1.00 66.13  ? 43  ASP B CG  1 
ATOM   1090 O OD1 . ASP B 1 42  ? 9.292   -1.756  -6.393  1.00 84.74  ? 43  ASP B OD1 1 
ATOM   1091 O OD2 . ASP B 1 42  ? 10.110  0.276   -6.391  1.00 79.45  ? 43  ASP B OD2 1 
ATOM   1092 N N   . TYR B 1 43  ? 7.091   -3.072  -4.618  1.00 36.84  ? 44  TYR B N   1 
ATOM   1093 C CA  . TYR B 1 43  ? 7.280   -3.977  -3.512  1.00 38.72  ? 44  TYR B CA  1 
ATOM   1094 C C   . TYR B 1 43  ? 8.788   -4.025  -3.223  1.00 36.90  ? 44  TYR B C   1 
ATOM   1095 O O   . TYR B 1 43  ? 9.593   -4.053  -4.150  1.00 32.80  ? 44  TYR B O   1 
ATOM   1096 C CB  . TYR B 1 43  ? 6.730   -5.370  -3.836  1.00 37.86  ? 44  TYR B CB  1 
ATOM   1097 C CG  . TYR B 1 43  ? 7.100   -6.333  -2.783  1.00 35.05  ? 44  TYR B CG  1 
ATOM   1098 C CD1 . TYR B 1 43  ? 6.405   -6.440  -1.565  1.00 33.11  ? 44  TYR B CD1 1 
ATOM   1099 C CD2 . TYR B 1 43  ? 8.230   -7.071  -2.945  1.00 39.00  ? 44  TYR B CD2 1 
ATOM   1100 C CE1 . TYR B 1 43  ? 6.860   -7.372  -0.564  1.00 33.58  ? 44  TYR B CE1 1 
ATOM   1101 C CE2 . TYR B 1 43  ? 8.682   -7.915  -1.979  1.00 38.42  ? 44  TYR B CE2 1 
ATOM   1102 C CZ  . TYR B 1 43  ? 8.010   -8.085  -0.806  1.00 35.67  ? 44  TYR B CZ  1 
ATOM   1103 O OH  . TYR B 1 43  ? 8.610   -9.027  0.021   1.00 46.26  ? 44  TYR B OH  1 
ATOM   1104 N N   . LEU B 1 44  ? 9.136   -4.043  -1.939  1.00 35.75  ? 45  LEU B N   1 
ATOM   1105 C CA  . LEU B 1 44  ? 10.543  -4.000  -1.507  1.00 33.94  ? 45  LEU B CA  1 
ATOM   1106 C C   . LEU B 1 44  ? 10.988  -5.331  -0.897  1.00 33.74  ? 45  LEU B C   1 
ATOM   1107 O O   . LEU B 1 44  ? 11.823  -6.011  -1.478  1.00 34.63  ? 45  LEU B O   1 
ATOM   1108 C CB  . LEU B 1 44  ? 10.732  -2.885  -0.475  1.00 32.86  ? 45  LEU B CB  1 
ATOM   1109 C CG  . LEU B 1 44  ? 10.349  -1.490  -0.979  1.00 32.67  ? 45  LEU B CG  1 
ATOM   1110 C CD1 . LEU B 1 44  ? 10.323  -0.483  0.170   1.00 32.53  ? 45  LEU B CD1 1 
ATOM   1111 C CD2 . LEU B 1 44  ? 11.234  -1.075  -2.116  1.00 35.04  ? 45  LEU B CD2 1 
ATOM   1112 N N   . PHE B 1 45  ? 10.450  -5.690  0.270   1.00 29.40  ? 46  PHE B N   1 
ATOM   1113 C CA  . PHE B 1 45  ? 10.859  -6.967  0.949   1.00 30.61  ? 46  PHE B CA  1 
ATOM   1114 C C   . PHE B 1 45  ? 9.865   -7.351  2.008   1.00 23.25  ? 46  PHE B C   1 
ATOM   1115 O O   . PHE B 1 45  ? 8.980   -6.576  2.355   1.00 26.73  ? 46  PHE B O   1 
ATOM   1116 C CB  . PHE B 1 45  ? 12.253  -6.892  1.603   1.00 30.99  ? 46  PHE B CB  1 
ATOM   1117 C CG  . PHE B 1 45  ? 12.356  -5.898  2.758   1.00 30.01  ? 46  PHE B CG  1 
ATOM   1118 C CD1 . PHE B 1 45  ? 12.638  -4.548  2.515   1.00 33.39  ? 46  PHE B CD1 1 
ATOM   1119 C CD2 . PHE B 1 45  ? 12.275  -6.321  4.046   1.00 30.22  ? 46  PHE B CD2 1 
ATOM   1120 C CE1 . PHE B 1 45  ? 12.745  -3.630  3.578   1.00 32.08  ? 46  PHE B CE1 1 
ATOM   1121 C CE2 . PHE B 1 45  ? 12.346  -5.433  5.111   1.00 31.07  ? 46  PHE B CE2 1 
ATOM   1122 C CZ  . PHE B 1 45  ? 12.600  -4.095  4.884   1.00 33.32  ? 46  PHE B CZ  1 
ATOM   1123 N N   . SER B 1 46  ? 9.997   -8.536  2.516   1.00 22.50  ? 47  SER B N   1 
ATOM   1124 C CA  . SER B 1 46  ? 9.121   -8.955  3.607   1.00 28.95  ? 47  SER B CA  1 
ATOM   1125 C C   . SER B 1 46  ? 9.935   -9.667  4.658   1.00 32.15  ? 47  SER B C   1 
ATOM   1126 O O   . SER B 1 46  ? 10.962  -10.299 4.318   1.00 30.73  ? 47  SER B O   1 
ATOM   1127 C CB  . SER B 1 46  ? 7.996   -9.831  3.033   1.00 30.13  ? 47  SER B CB  1 
ATOM   1128 O OG  . SER B 1 46  ? 8.558   -11.043 2.637   1.00 34.69  ? 47  SER B OG  1 
ATOM   1129 N N   . VAL B 1 47  ? 9.521   -9.503  5.925   1.00 31.72  ? 48  VAL B N   1 
ATOM   1130 C CA  . VAL B 1 47  ? 10.194  -10.119 7.049   1.00 36.10  ? 48  VAL B CA  1 
ATOM   1131 C C   . VAL B 1 47  ? 9.184   -10.672 8.032   1.00 34.53  ? 48  VAL B C   1 
ATOM   1132 O O   . VAL B 1 47  ? 8.009   -10.275 8.045   1.00 39.32  ? 48  VAL B O   1 
ATOM   1133 C CB  . VAL B 1 47  ? 11.078  -9.147  7.886   1.00 41.08  ? 48  VAL B CB  1 
ATOM   1134 C CG1 . VAL B 1 47  ? 12.384  -8.847  7.196   1.00 42.23  ? 48  VAL B CG1 1 
ATOM   1135 C CG2 . VAL B 1 47  ? 10.331  -7.845  8.166   1.00 42.55  ? 48  VAL B CG2 1 
ATOM   1136 N N   . LYS B 1 48  ? 9.670   -11.601 8.835   1.00 34.27  ? 49  LYS B N   1 
ATOM   1137 C CA  . LYS B 1 48  ? 8.932   -12.169 9.953   1.00 40.91  ? 49  LYS B CA  1 
ATOM   1138 C C   . LYS B 1 48  ? 9.929   -12.183 11.124  1.00 41.37  ? 49  LYS B C   1 
ATOM   1139 O O   . LYS B 1 48  ? 11.001  -12.849 11.057  1.00 39.85  ? 49  LYS B O   1 
ATOM   1140 C CB  . LYS B 1 48  ? 8.473   -13.554 9.591   1.00 40.25  ? 49  LYS B CB  1 
ATOM   1141 C CG  . LYS B 1 48  ? 7.490   -14.160 10.561  1.00 50.71  ? 49  LYS B CG  1 
ATOM   1142 C CD  . LYS B 1 48  ? 6.950   -15.480 10.003  1.00 51.96  ? 49  LYS B CD  1 
ATOM   1143 C CE  . LYS B 1 48  ? 5.707   -15.938 10.730  1.00 55.69  ? 49  LYS B CE  1 
ATOM   1144 N NZ  . LYS B 1 48  ? 5.974   -16.213 12.179  1.00 63.29  ? 49  LYS B NZ  1 
ATOM   1145 N N   . SER B 1 49  ? 9.616   -11.383 12.148  1.00 40.25  ? 50  SER B N   1 
ATOM   1146 C CA  . SER B 1 49  ? 10.594  -11.034 13.204  1.00 44.41  ? 50  SER B CA  1 
ATOM   1147 C C   . SER B 1 49  ? 11.789  -10.540 12.451  1.00 40.67  ? 50  SER B C   1 
ATOM   1148 O O   . SER B 1 49  ? 11.621  -9.643  11.650  1.00 47.74  ? 50  SER B O   1 
ATOM   1149 C CB  . SER B 1 49  ? 10.903  -12.230 14.117  1.00 46.65  ? 50  SER B CB  1 
ATOM   1150 O OG  . SER B 1 49  ? 9.687   -12.778 14.595  1.00 50.55  ? 50  SER B OG  1 
ATOM   1151 N N   . ALA B 1 50  ? 12.972  -11.132 12.626  1.00 44.95  ? 51  ALA B N   1 
ATOM   1152 C CA  . ALA B 1 50  ? 14.177  -10.649 11.939  1.00 44.29  ? 51  ALA B CA  1 
ATOM   1153 C C   . ALA B 1 50  ? 14.535  -11.441 10.655  1.00 45.21  ? 51  ALA B C   1 
ATOM   1154 O O   . ALA B 1 50  ? 15.548  -11.140 9.997   1.00 44.55  ? 51  ALA B O   1 
ATOM   1155 C CB  . ALA B 1 50  ? 15.352  -10.686 12.915  1.00 47.85  ? 51  ALA B CB  1 
ATOM   1156 N N   . ASP B 1 51  ? 13.741  -12.451 10.308  1.00 43.29  ? 52  ASP B N   1 
ATOM   1157 C CA  . ASP B 1 51  ? 14.045  -13.288 9.128   1.00 44.32  ? 52  ASP B CA  1 
ATOM   1158 C C   . ASP B 1 51  ? 13.432  -12.743 7.855   1.00 38.44  ? 52  ASP B C   1 
ATOM   1159 O O   . ASP B 1 51  ? 12.229  -12.482 7.798   1.00 37.58  ? 52  ASP B O   1 
ATOM   1160 C CB  . ASP B 1 51  ? 13.535  -14.684 9.341   1.00 45.45  ? 52  ASP B CB  1 
ATOM   1161 C CG  . ASP B 1 51  ? 14.129  -15.309 10.563  1.00 55.08  ? 52  ASP B CG  1 
ATOM   1162 O OD1 . ASP B 1 51  ? 15.378  -15.162 10.731  1.00 53.09  ? 52  ASP B OD1 1 
ATOM   1163 O OD2 . ASP B 1 51  ? 13.353  -15.935 11.340  1.00 60.08  ? 52  ASP B OD2 1 
ATOM   1164 N N   . ILE B 1 52  ? 14.267  -12.561 6.850   1.00 34.86  ? 53  ILE B N   1 
ATOM   1165 C CA  . ILE B 1 52  ? 13.802  -12.186 5.539   1.00 33.27  ? 53  ILE B CA  1 
ATOM   1166 C C   . ILE B 1 52  ? 13.072  -13.343 4.910   1.00 34.18  ? 53  ILE B C   1 
ATOM   1167 O O   . ILE B 1 52  ? 13.593  -14.442 4.856   1.00 33.73  ? 53  ILE B O   1 
ATOM   1168 C CB  . ILE B 1 52  ? 14.971  -11.773 4.691   1.00 35.10  ? 53  ILE B CB  1 
ATOM   1169 C CG1 . ILE B 1 52  ? 15.492  -10.446 5.223   1.00 43.58  ? 53  ILE B CG1 1 
ATOM   1170 C CG2 . ILE B 1 52  ? 14.626  -11.619 3.224   1.00 35.81  ? 53  ILE B CG2 1 
ATOM   1171 C CD1 . ILE B 1 52  ? 16.911  -10.202 4.808   1.00 46.54  ? 53  ILE B CD1 1 
ATOM   1172 N N   . LYS B 1 53  ? 11.868  -13.077 4.416   1.00 36.63  ? 54  LYS B N   1 
ATOM   1173 C CA  . LYS B 1 53  ? 11.061  -14.060 3.683   1.00 36.14  ? 54  LYS B CA  1 
ATOM   1174 C C   . LYS B 1 53  ? 11.045  -13.913 2.191   1.00 37.45  ? 54  LYS B C   1 
ATOM   1175 O O   . LYS B 1 53  ? 10.953  -14.927 1.471   1.00 36.02  ? 54  LYS B O   1 
ATOM   1176 C CB  . LYS B 1 53  ? 9.643   -14.072 4.215   1.00 38.28  ? 54  LYS B CB  1 
ATOM   1177 C CG  . LYS B 1 53  ? 9.552   -14.518 5.653   1.00 39.95  ? 54  LYS B CG  1 
ATOM   1178 C CD  . LYS B 1 53  ? 10.336  -15.815 5.964   1.00 41.64  ? 54  LYS B CD  1 
ATOM   1179 C CE  . LYS B 1 53  ? 9.638   -16.607 7.063   1.00 51.17  ? 54  LYS B CE  1 
ATOM   1180 N NZ  . LYS B 1 53  ? 10.413  -17.766 7.594   1.00 60.09  ? 54  LYS B NZ  1 
ATOM   1181 N N   . GLU B 1 54  ? 11.136  -12.674 1.721   1.00 40.57  ? 55  GLU B N   1 
ATOM   1182 C CA  . GLU B 1 54  ? 11.361  -12.377 0.304   1.00 40.39  ? 55  GLU B CA  1 
ATOM   1183 C C   . GLU B 1 54  ? 12.043  -10.997 0.177   1.00 38.91  ? 55  GLU B C   1 
ATOM   1184 O O   . GLU B 1 54  ? 11.806  -10.121 0.971   1.00 43.48  ? 55  GLU B O   1 
ATOM   1185 C CB  . GLU B 1 54  ? 10.044  -12.472 -0.480  1.00 39.47  ? 55  GLU B CB  1 
ATOM   1186 C CG  . GLU B 1 54  ? 10.213  -12.723 -1.985  1.00 41.21  ? 55  GLU B CG  1 
ATOM   1187 C CD  . GLU B 1 54  ? 10.633  -11.450 -2.748  1.00 47.78  ? 55  GLU B CD  1 
ATOM   1188 O OE1 . GLU B 1 54  ? 10.165  -10.371 -2.333  1.00 44.54  ? 55  GLU B OE1 1 
ATOM   1189 O OE2 . GLU B 1 54  ? 11.402  -11.504 -3.767  1.00 44.21  ? 55  GLU B OE2 1 
ATOM   1190 N N   . ASN B 1 55  ? 12.953  -10.827 -0.769  1.00 38.72  ? 56  ASN B N   1 
ATOM   1191 C CA  . ASN B 1 55  ? 13.654  -9.532  -0.931  1.00 34.80  ? 56  ASN B CA  1 
ATOM   1192 C C   . ASN B 1 55  ? 13.797  -9.258  -2.404  1.00 34.48  ? 56  ASN B C   1 
ATOM   1193 O O   . ASN B 1 55  ? 14.432  -10.012 -3.089  1.00 37.82  ? 56  ASN B O   1 
ATOM   1194 C CB  . ASN B 1 55  ? 15.010  -9.580  -0.242  1.00 37.74  ? 56  ASN B CB  1 
ATOM   1195 C CG  . ASN B 1 55  ? 15.662  -8.196  -0.078  1.00 40.48  ? 56  ASN B CG  1 
ATOM   1196 O OD1 . ASN B 1 55  ? 15.176  -7.194  -0.612  1.00 40.80  ? 56  ASN B OD1 1 
ATOM   1197 N ND2 . ASN B 1 55  ? 16.759  -8.144  0.676   1.00 30.02  ? 56  ASN B ND2 1 
ATOM   1198 N N   . ASP B 1 56  ? 13.176  -8.198  -2.890  1.00 36.21  ? 57  ASP B N   1 
ATOM   1199 C CA  . ASP B 1 56  ? 13.349  -7.754  -4.279  1.00 41.06  ? 57  ASP B CA  1 
ATOM   1200 C C   . ASP B 1 56  ? 14.472  -6.698  -4.470  1.00 39.37  ? 57  ASP B C   1 
ATOM   1201 O O   . ASP B 1 56  ? 14.650  -6.209  -5.553  1.00 37.85  ? 57  ASP B O   1 
ATOM   1202 C CB  . ASP B 1 56  ? 12.021  -7.190  -4.815  1.00 44.00  ? 57  ASP B CB  1 
ATOM   1203 C CG  . ASP B 1 56  ? 11.056  -8.285  -5.431  1.00 46.56  ? 57  ASP B CG  1 
ATOM   1204 O OD1 . ASP B 1 56  ? 11.336  -9.498  -5.408  1.00 45.41  ? 57  ASP B OD1 1 
ATOM   1205 O OD2 . ASP B 1 56  ? 9.996   -7.896  -5.989  1.00 46.34  ? 57  ASP B OD2 1 
ATOM   1206 N N   . LEU B 1 57  ? 15.211  -6.350  -3.422  1.00 42.41  ? 58  LEU B N   1 
ATOM   1207 C CA  . LEU B 1 57  ? 16.222  -5.296  -3.484  1.00 45.97  ? 58  LEU B CA  1 
ATOM   1208 C C   . LEU B 1 57  ? 17.598  -5.778  -3.900  1.00 44.38  ? 58  LEU B C   1 
ATOM   1209 O O   . LEU B 1 57  ? 18.072  -6.804  -3.423  1.00 45.91  ? 58  LEU B O   1 
ATOM   1210 C CB  . LEU B 1 57  ? 16.356  -4.635  -2.108  1.00 48.01  ? 58  LEU B CB  1 
ATOM   1211 C CG  . LEU B 1 57  ? 15.036  -4.031  -1.631  1.00 47.71  ? 58  LEU B CG  1 
ATOM   1212 C CD1 . LEU B 1 57  ? 15.212  -3.183  -0.395  1.00 50.75  ? 58  LEU B CD1 1 
ATOM   1213 C CD2 . LEU B 1 57  ? 14.418  -3.195  -2.738  1.00 49.03  ? 58  LEU B CD2 1 
ATOM   1214 N N   . ASN B 1 58  ? 18.260  -4.998  -4.741  1.00 45.41  ? 59  ASN B N   1 
ATOM   1215 C CA  . ASN B 1 58  ? 19.675  -5.184  -4.968  1.00 44.47  ? 59  ASN B CA  1 
ATOM   1216 C C   . ASN B 1 58  ? 20.469  -4.818  -3.687  1.00 45.33  ? 59  ASN B C   1 
ATOM   1217 O O   . ASN B 1 58  ? 20.345  -3.728  -3.202  1.00 43.09  ? 59  ASN B O   1 
ATOM   1218 C CB  . ASN B 1 58  ? 20.132  -4.358  -6.139  1.00 47.32  ? 59  ASN B CB  1 
ATOM   1219 C CG  . ASN B 1 58  ? 21.512  -4.767  -6.597  1.00 56.57  ? 59  ASN B CG  1 
ATOM   1220 O OD1 . ASN B 1 58  ? 22.239  -5.448  -5.869  1.00 54.68  ? 59  ASN B OD1 1 
ATOM   1221 N ND2 . ASN B 1 58  ? 21.867  -4.384  -7.803  1.00 58.36  ? 59  ASN B ND2 1 
ATOM   1222 N N   . SER B 1 59  ? 21.185  -5.793  -3.135  1.00 43.81  ? 60  SER B N   1 
ATOM   1223 C CA  . SER B 1 59  ? 22.181  -5.617  -2.078  1.00 53.85  ? 60  SER B CA  1 
ATOM   1224 C C   . SER B 1 59  ? 23.243  -4.519  -2.301  1.00 52.87  ? 60  SER B C   1 
ATOM   1225 O O   . SER B 1 59  ? 23.696  -3.892  -1.359  1.00 50.37  ? 60  SER B O   1 
ATOM   1226 C CB  . SER B 1 59  ? 22.935  -6.940  -1.847  1.00 50.55  ? 60  SER B CB  1 
ATOM   1227 O OG  . SER B 1 59  ? 22.368  -7.603  -0.734  1.00 58.08  ? 60  SER B OG  1 
ATOM   1228 N N   . GLU B 1 60  ? 23.661  -4.327  -3.538  1.00 55.31  ? 61  GLU B N   1 
ATOM   1229 C CA  . GLU B 1 60  ? 24.564  -3.212  -3.850  1.00 59.35  ? 61  GLU B CA  1 
ATOM   1230 C C   . GLU B 1 60  ? 24.004  -1.884  -3.289  1.00 54.19  ? 61  GLU B C   1 
ATOM   1231 O O   . GLU B 1 60  ? 24.740  -1.166  -2.671  1.00 56.67  ? 61  GLU B O   1 
ATOM   1232 C CB  . GLU B 1 60  ? 24.795  -3.050  -5.376  1.00 65.95  ? 61  GLU B CB  1 
ATOM   1233 C CG  . GLU B 1 60  ? 25.273  -4.267  -6.197  1.00 81.50  ? 61  GLU B CG  1 
ATOM   1234 C CD  . GLU B 1 60  ? 26.522  -4.989  -5.661  1.00 93.90  ? 61  GLU B CD  1 
ATOM   1235 O OE1 . GLU B 1 60  ? 27.586  -4.916  -6.334  1.00 88.24  ? 61  GLU B OE1 1 
ATOM   1236 O OE2 . GLU B 1 60  ? 26.436  -5.652  -4.591  1.00 84.23  ? 61  GLU B OE2 1 
ATOM   1237 N N   . HIS B 1 61  ? 22.707  -1.589  -3.496  1.00 48.73  ? 62  HIS B N   1 
ATOM   1238 C CA  . HIS B 1 61  ? 22.098  -0.272  -3.236  1.00 48.27  ? 62  HIS B CA  1 
ATOM   1239 C C   . HIS B 1 61  ? 21.255  -0.182  -1.962  1.00 46.28  ? 62  HIS B C   1 
ATOM   1240 O O   . HIS B 1 61  ? 20.945  0.929   -1.486  1.00 44.56  ? 62  HIS B O   1 
ATOM   1241 C CB  . HIS B 1 61  ? 21.255  0.192   -4.447  1.00 53.19  ? 62  HIS B CB  1 
ATOM   1242 C CG  . HIS B 1 61  ? 21.918  -0.025  -5.775  1.00 69.71  ? 62  HIS B CG  1 
ATOM   1243 N ND1 . HIS B 1 61  ? 23.144  0.528   -6.098  1.00 75.46  ? 62  HIS B ND1 1 
ATOM   1244 C CD2 . HIS B 1 61  ? 21.529  -0.743  -6.861  1.00 69.29  ? 62  HIS B CD2 1 
ATOM   1245 C CE1 . HIS B 1 61  ? 23.486  0.147   -7.317  1.00 74.16  ? 62  HIS B CE1 1 
ATOM   1246 N NE2 . HIS B 1 61  ? 22.524  -0.625  -7.801  1.00 73.15  ? 62  HIS B NE2 1 
ATOM   1247 N N   . TYR B 1 62  ? 20.853  -1.328  -1.411  1.00 42.71  ? 63  TYR B N   1 
ATOM   1248 C CA  . TYR B 1 62  ? 19.906  -1.328  -0.302  1.00 42.12  ? 63  TYR B CA  1 
ATOM   1249 C C   . TYR B 1 62  ? 20.223  -2.453  0.658   1.00 43.53  ? 63  TYR B C   1 
ATOM   1250 O O   . TYR B 1 62  ? 20.489  -3.557  0.213   1.00 43.76  ? 63  TYR B O   1 
ATOM   1251 C CB  . TYR B 1 62  ? 18.485  -1.547  -0.806  1.00 39.51  ? 63  TYR B CB  1 
ATOM   1252 C CG  . TYR B 1 62  ? 17.999  -0.548  -1.809  1.00 38.62  ? 63  TYR B CG  1 
ATOM   1253 C CD1 . TYR B 1 62  ? 17.394  0.634   -1.406  1.00 41.36  ? 63  TYR B CD1 1 
ATOM   1254 C CD2 . TYR B 1 62  ? 18.059  -0.813  -3.180  1.00 44.21  ? 63  TYR B CD2 1 
ATOM   1255 C CE1 . TYR B 1 62  ? 16.923  1.547   -2.330  1.00 42.12  ? 63  TYR B CE1 1 
ATOM   1256 C CE2 . TYR B 1 62  ? 17.569  0.090   -4.105  1.00 42.74  ? 63  TYR B CE2 1 
ATOM   1257 C CZ  . TYR B 1 62  ? 17.024  1.282   -3.669  1.00 44.27  ? 63  TYR B CZ  1 
ATOM   1258 O OH  . TYR B 1 62  ? 16.575  2.212   -4.592  1.00 51.11  ? 63  TYR B OH  1 
ATOM   1259 N N   . THR B 1 63  ? 20.142  -2.173  1.960   1.00 40.75  ? 64  THR B N   1 
ATOM   1260 C CA  . THR B 1 63  ? 20.436  -3.151  2.995   1.00 39.56  ? 64  THR B CA  1 
ATOM   1261 C C   . THR B 1 63  ? 19.216  -3.278  3.934   1.00 43.86  ? 64  THR B C   1 
ATOM   1262 O O   . THR B 1 63  ? 18.626  -2.261  4.352   1.00 41.93  ? 64  THR B O   1 
ATOM   1263 C CB  . THR B 1 63  ? 21.690  -2.736  3.822   1.00 40.53  ? 64  THR B CB  1 
ATOM   1264 O OG1 . THR B 1 63  ? 22.827  -2.655  2.941   1.00 51.43  ? 64  THR B OG1 1 
ATOM   1265 C CG2 . THR B 1 63  ? 22.028  -3.787  4.910   1.00 42.78  ? 64  THR B CG2 1 
ATOM   1266 N N   . VAL B 1 64  ? 18.847  -4.513  4.302   1.00 42.18  ? 65  VAL B N   1 
ATOM   1267 C CA  . VAL B 1 64  ? 17.809  -4.686  5.306   1.00 43.94  ? 65  VAL B CA  1 
ATOM   1268 C C   . VAL B 1 64  ? 18.555  -4.936  6.578   1.00 46.90  ? 65  VAL B C   1 
ATOM   1269 O O   . VAL B 1 64  ? 19.061  -6.014  6.807   1.00 42.33  ? 65  VAL B O   1 
ATOM   1270 C CB  . VAL B 1 64  ? 16.846  -5.851  5.021   1.00 42.23  ? 65  VAL B CB  1 
ATOM   1271 C CG1 . VAL B 1 64  ? 15.791  -5.923  6.085   1.00 45.61  ? 65  VAL B CG1 1 
ATOM   1272 C CG2 . VAL B 1 64  ? 16.151  -5.633  3.701   1.00 48.84  ? 65  VAL B CG2 1 
ATOM   1273 N N   . ASN B 1 65  ? 18.565  -3.947  7.441   1.00 55.62  ? 66  ASN B N   1 
ATOM   1274 C CA  . ASN B 1 65  ? 19.361  -3.999  8.655   1.00 55.09  ? 66  ASN B CA  1 
ATOM   1275 C C   . ASN B 1 65  ? 18.419  -4.527  9.719   1.00 47.68  ? 66  ASN B C   1 
ATOM   1276 O O   . ASN B 1 65  ? 17.335  -3.995  9.916   1.00 52.84  ? 66  ASN B O   1 
ATOM   1277 C CB  . ASN B 1 65  ? 19.779  -2.563  8.941   1.00 63.22  ? 66  ASN B CB  1 
ATOM   1278 C CG  . ASN B 1 65  ? 20.892  -2.418  9.967   1.00 62.07  ? 66  ASN B CG  1 
ATOM   1279 O OD1 . ASN B 1 65  ? 21.116  -3.265  10.839  1.00 51.52  ? 66  ASN B OD1 1 
ATOM   1280 N ND2 . ASN B 1 65  ? 21.557  -1.255  9.894   1.00 59.18  ? 66  ASN B ND2 1 
ATOM   1281 N N   . THR B 1 66  ? 18.826  -5.573  10.405  1.00 59.97  ? 67  THR B N   1 
ATOM   1282 C CA  . THR B 1 66  ? 18.067  -6.162  11.522  1.00 64.31  ? 67  THR B CA  1 
ATOM   1283 C C   . THR B 1 66  ? 18.812  -6.040  12.851  1.00 66.26  ? 67  THR B C   1 
ATOM   1284 O O   . THR B 1 66  ? 18.417  -6.655  13.833  1.00 77.10  ? 67  THR B O   1 
ATOM   1285 C CB  . THR B 1 66  ? 17.798  -7.639  11.240  1.00 62.06  ? 67  THR B CB  1 
ATOM   1286 O OG1 . THR B 1 66  ? 19.059  -8.323  11.130  1.00 63.74  ? 67  THR B OG1 1 
ATOM   1287 C CG2 . THR B 1 66  ? 17.018  -7.782  9.924   1.00 59.39  ? 67  THR B CG2 1 
ATOM   1288 N N   . ASN B 1 67  ? 19.865  -5.224  12.892  1.00 74.96  ? 68  ASN B N   1 
ATOM   1289 C CA  . ASN B 1 67  ? 20.556  -4.921  14.167  1.00 88.63  ? 68  ASN B CA  1 
ATOM   1290 C C   . ASN B 1 67  ? 19.619  -4.159  15.127  1.00 96.01  ? 68  ASN B C   1 
ATOM   1291 O O   . ASN B 1 67  ? 18.575  -3.610  14.712  1.00 92.37  ? 68  ASN B O   1 
ATOM   1292 C CB  . ASN B 1 67  ? 21.872  -4.131  13.944  1.00 84.06  ? 68  ASN B CB  1 
ATOM   1293 C CG  . ASN B 1 67  ? 22.889  -4.901  13.093  1.00 88.55  ? 68  ASN B CG  1 
ATOM   1294 O OD1 . ASN B 1 67  ? 22.930  -6.144  13.115  1.00 75.08  ? 68  ASN B OD1 1 
ATOM   1295 N ND2 . ASN B 1 67  ? 23.713  -4.163  12.323  1.00 74.89  ? 68  ASN B ND2 1 
ATOM   1296 N N   . SER B 1 68  ? 19.987  -4.170  16.410  1.00 94.66  ? 69  SER B N   1 
ATOM   1297 C CA  . SER B 1 68  ? 19.239  -3.464  17.455  1.00 95.63  ? 69  SER B CA  1 
ATOM   1298 C C   . SER B 1 68  ? 17.794  -3.960  17.700  1.00 86.69  ? 69  SER B C   1 
ATOM   1299 O O   . SER B 1 68  ? 16.948  -3.173  18.120  1.00 88.38  ? 69  SER B O   1 
ATOM   1300 C CB  . SER B 1 68  ? 19.225  -1.956  17.155  1.00 96.65  ? 69  SER B CB  1 
ATOM   1301 O OG  . SER B 1 68  ? 20.453  -1.549  16.579  1.00 102.97 ? 69  SER B OG  1 
ATOM   1302 N N   . GLY B 1 69  ? 17.511  -5.240  17.437  1.00 84.46  ? 70  GLY B N   1 
ATOM   1303 C CA  . GLY B 1 69  ? 16.207  -5.844  17.774  1.00 74.85  ? 70  GLY B CA  1 
ATOM   1304 C C   . GLY B 1 69  ? 14.986  -5.345  17.001  1.00 79.03  ? 70  GLY B C   1 
ATOM   1305 O O   . GLY B 1 69  ? 13.854  -5.657  17.379  1.00 70.86  ? 70  GLY B O   1 
ATOM   1306 N N   . LYS B 1 70  ? 15.206  -4.563  15.937  1.00 79.40  ? 71  LYS B N   1 
ATOM   1307 C CA  . LYS B 1 70  ? 14.138  -4.072  15.054  1.00 76.81  ? 71  LYS B CA  1 
ATOM   1308 C C   . LYS B 1 70  ? 14.613  -4.143  13.601  1.00 64.72  ? 71  LYS B C   1 
ATOM   1309 O O   . LYS B 1 70  ? 15.776  -4.495  13.339  1.00 75.97  ? 71  LYS B O   1 
ATOM   1310 C CB  . LYS B 1 70  ? 13.756  -2.634  15.413  1.00 83.79  ? 71  LYS B CB  1 
ATOM   1311 C CG  . LYS B 1 70  ? 14.857  -1.587  15.192  1.00 90.99  ? 71  LYS B CG  1 
ATOM   1312 C CD  . LYS B 1 70  ? 14.276  -0.171  15.260  1.00 96.84  ? 71  LYS B CD  1 
ATOM   1313 C CE  . LYS B 1 70  ? 15.345  0.902   15.392  1.00 97.04  ? 71  LYS B CE  1 
ATOM   1314 N NZ  . LYS B 1 70  ? 16.166  1.050   14.161  1.00 102.82 ? 71  LYS B NZ  1 
ATOM   1315 N N   . VAL B 1 71  ? 13.741  -3.761  12.671  1.00 58.90  ? 72  VAL B N   1 
ATOM   1316 C CA  . VAL B 1 71  ? 14.035  -3.847  11.236  1.00 48.42  ? 72  VAL B CA  1 
ATOM   1317 C C   . VAL B 1 71  ? 13.990  -2.480  10.578  1.00 41.25  ? 72  VAL B C   1 
ATOM   1318 O O   . VAL B 1 71  ? 13.057  -1.677  10.778  1.00 41.91  ? 72  VAL B O   1 
ATOM   1319 C CB  . VAL B 1 71  ? 13.103  -4.874  10.520  1.00 48.59  ? 72  VAL B CB  1 
ATOM   1320 C CG1 . VAL B 1 71  ? 13.425  -4.981  9.005   1.00 48.35  ? 72  VAL B CG1 1 
ATOM   1321 C CG2 . VAL B 1 71  ? 13.235  -6.248  11.175  1.00 46.09  ? 72  VAL B CG2 1 
ATOM   1322 N N   . GLN B 1 72  ? 15.014  -2.210  9.775   1.00 42.08  ? 73  GLN B N   1 
ATOM   1323 C CA  . GLN B 1 72  ? 15.054  -0.993  8.994   1.00 42.47  ? 73  GLN B CA  1 
ATOM   1324 C C   . GLN B 1 72  ? 15.670  -1.159  7.618   1.00 38.75  ? 73  GLN B C   1 
ATOM   1325 O O   . GLN B 1 72  ? 16.572  -1.982  7.392   1.00 40.67  ? 73  GLN B O   1 
ATOM   1326 C CB  . GLN B 1 72  ? 15.741  0.125   9.798   1.00 50.58  ? 73  GLN B CB  1 
ATOM   1327 C CG  . GLN B 1 72  ? 17.155  -0.150  10.222  1.00 66.32  ? 73  GLN B CG  1 
ATOM   1328 C CD  . GLN B 1 72  ? 17.890  1.130   10.652  1.00 76.06  ? 73  GLN B CD  1 
ATOM   1329 O OE1 . GLN B 1 72  ? 17.382  1.924   11.464  1.00 79.18  ? 73  GLN B OE1 1 
ATOM   1330 N NE2 . GLN B 1 72  ? 19.072  1.354   10.069  1.00 74.91  ? 73  GLN B NE2 1 
ATOM   1331 N N   . LEU B 1 73  ? 15.160  -0.344  6.689   1.00 36.88  ? 74  LEU B N   1 
ATOM   1332 C CA  . LEU B 1 73  ? 15.666  -0.246  5.352   1.00 34.52  ? 74  LEU B CA  1 
ATOM   1333 C C   . LEU B 1 73  ? 16.713  0.868   5.262   1.00 38.77  ? 74  LEU B C   1 
ATOM   1334 O O   . LEU B 1 73  ? 16.401  2.046   5.549   1.00 35.50  ? 74  LEU B O   1 
ATOM   1335 C CB  . LEU B 1 73  ? 14.551  0.133   4.410   1.00 33.47  ? 74  LEU B CB  1 
ATOM   1336 C CG  . LEU B 1 73  ? 14.878  0.238   2.934   1.00 39.07  ? 74  LEU B CG  1 
ATOM   1337 C CD1 . LEU B 1 73  ? 15.540  -1.002  2.384   1.00 40.20  ? 74  LEU B CD1 1 
ATOM   1338 C CD2 . LEU B 1 73  ? 13.617  0.555   2.184   1.00 41.89  ? 74  LEU B CD2 1 
ATOM   1339 N N   . ASP B 1 74  ? 17.917  0.489   4.800   1.00 36.02  ? 75  ASP B N   1 
ATOM   1340 C CA  . ASP B 1 74  ? 19.026  1.426   4.570   1.00 34.43  ? 75  ASP B CA  1 
ATOM   1341 C C   . ASP B 1 74  ? 19.223  1.647   3.122   1.00 33.11  ? 75  ASP B C   1 
ATOM   1342 O O   . ASP B 1 74  ? 19.545  0.722   2.427   1.00 37.75  ? 75  ASP B O   1 
ATOM   1343 C CB  . ASP B 1 74  ? 20.320  0.887   5.183   1.00 35.12  ? 75  ASP B CB  1 
ATOM   1344 C CG  . ASP B 1 74  ? 20.317  0.991   6.743   1.00 43.79  ? 75  ASP B CG  1 
ATOM   1345 O OD1 . ASP B 1 74  ? 19.506  1.766   7.333   1.00 43.55  ? 75  ASP B OD1 1 
ATOM   1346 O OD2 . ASP B 1 74  ? 21.126  0.291   7.383   1.00 52.54  ? 75  ASP B OD2 1 
ATOM   1347 N N   . ILE B 1 75  ? 19.039  2.883   2.677   1.00 35.40  ? 76  ILE B N   1 
ATOM   1348 C CA  . ILE B 1 75  ? 19.357  3.259   1.311   1.00 42.19  ? 76  ILE B CA  1 
ATOM   1349 C C   . ILE B 1 75  ? 20.780  3.832   1.349   1.00 45.23  ? 76  ILE B C   1 
ATOM   1350 O O   . ILE B 1 75  ? 21.059  4.737   2.140   1.00 42.97  ? 76  ILE B O   1 
ATOM   1351 C CB  . ILE B 1 75  ? 18.332  4.255   0.718   1.00 38.69  ? 76  ILE B CB  1 
ATOM   1352 C CG1 . ILE B 1 75  ? 16.888  3.733   0.904   1.00 40.99  ? 76  ILE B CG1 1 
ATOM   1353 C CG2 . ILE B 1 75  ? 18.659  4.483   -0.749  1.00 44.57  ? 76  ILE B CG2 1 
ATOM   1354 C CD1 . ILE B 1 75  ? 15.778  4.730   0.664   1.00 42.39  ? 76  ILE B CD1 1 
ATOM   1355 N N   . LYS B 1 76  ? 21.666  3.277   0.520   1.00 48.45  ? 77  LYS B N   1 
ATOM   1356 C CA  . LYS B 1 76  ? 23.098  3.600   0.593   1.00 47.79  ? 77  LYS B CA  1 
ATOM   1357 C C   . LYS B 1 76  ? 23.381  4.882   -0.105  1.00 49.61  ? 77  LYS B C   1 
ATOM   1358 O O   . LYS B 1 76  ? 24.207  5.629   0.350   1.00 48.63  ? 77  LYS B O   1 
ATOM   1359 C CB  . LYS B 1 76  ? 23.959  2.548   -0.046  1.00 49.18  ? 77  LYS B CB  1 
ATOM   1360 C CG  . LYS B 1 76  ? 24.138  1.368   0.854   1.00 55.13  ? 77  LYS B CG  1 
ATOM   1361 C CD  . LYS B 1 76  ? 24.608  0.190   0.049   1.00 56.00  ? 77  LYS B CD  1 
ATOM   1362 C CE  . LYS B 1 76  ? 25.243  -0.841  0.952   1.00 58.28  ? 77  LYS B CE  1 
ATOM   1363 N NZ  . LYS B 1 76  ? 25.701  -2.002  0.126   1.00 58.58  ? 77  LYS B NZ  1 
ATOM   1364 N N   . SER B 1 77  ? 22.675  5.149   -1.205  1.00 47.75  ? 78  SER B N   1 
ATOM   1365 C CA  . SER B 1 77  ? 22.954  6.329   -1.989  1.00 45.97  ? 78  SER B CA  1 
ATOM   1366 C C   . SER B 1 77  ? 21.652  6.882   -2.581  1.00 44.70  ? 78  SER B C   1 
ATOM   1367 O O   . SER B 1 77  ? 21.232  6.497   -3.666  1.00 44.57  ? 78  SER B O   1 
ATOM   1368 C CB  . SER B 1 77  ? 24.034  5.981   -3.051  1.00 44.74  ? 78  SER B CB  1 
ATOM   1369 O OG  . SER B 1 77  ? 24.429  7.142   -3.786  1.00 48.80  ? 78  SER B OG  1 
ATOM   1370 N N   . PHE B 1 78  ? 21.002  7.799   -1.871  1.00 44.91  ? 79  PHE B N   1 
ATOM   1371 C CA  . PHE B 1 78  ? 19.717  8.327   -2.337  1.00 44.96  ? 79  PHE B CA  1 
ATOM   1372 C C   . PHE B 1 78  ? 19.790  8.786   -3.790  1.00 56.55  ? 79  PHE B C   1 
ATOM   1373 O O   . PHE B 1 78  ? 20.763  9.480   -4.183  1.00 54.53  ? 79  PHE B O   1 
ATOM   1374 C CB  . PHE B 1 78  ? 19.266  9.486   -1.488  1.00 44.07  ? 79  PHE B CB  1 
ATOM   1375 C CG  . PHE B 1 78  ? 17.882  9.962   -1.790  1.00 46.03  ? 79  PHE B CG  1 
ATOM   1376 C CD1 . PHE B 1 78  ? 16.754  9.272   -1.294  1.00 49.19  ? 79  PHE B CD1 1 
ATOM   1377 C CD2 . PHE B 1 78  ? 17.675  11.137  -2.490  1.00 50.58  ? 79  PHE B CD2 1 
ATOM   1378 C CE1 . PHE B 1 78  ? 15.444  9.726   -1.568  1.00 47.72  ? 79  PHE B CE1 1 
ATOM   1379 C CE2 . PHE B 1 78  ? 16.374  11.590  -2.772  1.00 51.16  ? 79  PHE B CE2 1 
ATOM   1380 C CZ  . PHE B 1 78  ? 15.257  10.883  -2.304  1.00 48.34  ? 79  PHE B CZ  1 
ATOM   1381 N N   . LYS B 1 79  ? 18.757  8.418   -4.569  1.00 52.67  ? 80  LYS B N   1 
ATOM   1382 C CA  . LYS B 1 79  ? 18.483  9.004   -5.903  1.00 53.99  ? 80  LYS B CA  1 
ATOM   1383 C C   . LYS B 1 79  ? 17.015  9.376   -5.974  1.00 53.81  ? 80  LYS B C   1 
ATOM   1384 O O   . LYS B 1 79  ? 16.171  8.483   -5.959  1.00 56.14  ? 80  LYS B O   1 
ATOM   1385 C CB  . LYS B 1 79  ? 18.793  8.026   -7.069  1.00 55.39  ? 80  LYS B CB  1 
ATOM   1386 C CG  . LYS B 1 79  ? 20.212  7.493   -7.132  1.00 61.79  ? 80  LYS B CG  1 
ATOM   1387 C CD  . LYS B 1 79  ? 21.240  8.607   -7.456  1.00 70.14  ? 80  LYS B CD  1 
ATOM   1388 C CE  . LYS B 1 79  ? 22.546  8.562   -6.611  1.00 75.79  ? 80  LYS B CE  1 
ATOM   1389 N NZ  . LYS B 1 79  ? 23.106  7.207   -6.304  1.00 70.12  ? 80  LYS B NZ  1 
ATOM   1390 N N   . LYS B 1 80  ? 16.741  10.682  -5.999  1.00 58.11  ? 81  LYS B N   1 
ATOM   1391 C CA  . LYS B 1 80  ? 15.418  11.309  -6.257  1.00 67.44  ? 81  LYS B CA  1 
ATOM   1392 C C   . LYS B 1 80  ? 14.475  10.554  -7.242  1.00 62.67  ? 81  LYS B C   1 
ATOM   1393 O O   . LYS B 1 80  ? 13.361  10.235  -6.883  1.00 55.67  ? 81  LYS B O   1 
ATOM   1394 C CB  . LYS B 1 80  ? 15.623  12.762  -6.735  1.00 73.51  ? 81  LYS B CB  1 
ATOM   1395 C CG  . LYS B 1 80  ? 14.366  13.631  -6.764  1.00 92.60  ? 81  LYS B CG  1 
ATOM   1396 C CD  . LYS B 1 80  ? 14.677  15.126  -6.860  1.00 94.69  ? 81  LYS B CD  1 
ATOM   1397 C CE  . LYS B 1 80  ? 15.093  15.570  -8.255  1.00 102.17 ? 81  LYS B CE  1 
ATOM   1398 N NZ  . LYS B 1 80  ? 15.450  17.020  -8.265  1.00 105.96 ? 81  LYS B NZ  1 
ATOM   1399 N N   . LYS B 1 81  ? 14.941  10.285  -8.458  1.00 59.54  ? 82  LYS B N   1 
ATOM   1400 C CA  . LYS B 1 81  ? 14.172  9.563   -9.479  1.00 72.95  ? 82  LYS B CA  1 
ATOM   1401 C C   . LYS B 1 81  ? 13.576  8.270   -8.901  1.00 71.07  ? 82  LYS B C   1 
ATOM   1402 O O   . LYS B 1 81  ? 12.422  7.989   -9.112  1.00 77.67  ? 82  LYS B O   1 
ATOM   1403 C CB  . LYS B 1 81  ? 15.019  9.200   -10.747 1.00 77.60  ? 82  LYS B CB  1 
ATOM   1404 C CG  . LYS B 1 81  ? 15.611  10.332  -11.599 1.00 80.69  ? 82  LYS B CG  1 
ATOM   1405 C CD  . LYS B 1 81  ? 14.605  11.400  -12.024 1.00 92.41  ? 82  LYS B CD  1 
ATOM   1406 C CE  . LYS B 1 81  ? 15.153  12.315  -13.127 1.00 99.40  ? 82  LYS B CE  1 
ATOM   1407 N NZ  . LYS B 1 81  ? 14.097  13.115  -13.833 1.00 93.14  ? 82  LYS B NZ  1 
ATOM   1408 N N   . THR B 1 82  ? 14.362  7.526   -8.137  1.00 68.87  ? 83  THR B N   1 
ATOM   1409 C CA  . THR B 1 82  ? 14.038  6.163   -7.763  1.00 65.46  ? 83  THR B CA  1 
ATOM   1410 C C   . THR B 1 82  ? 13.441  5.999   -6.384  1.00 56.07  ? 83  THR B C   1 
ATOM   1411 O O   . THR B 1 82  ? 12.574  5.175   -6.219  1.00 60.16  ? 83  THR B O   1 
ATOM   1412 C CB  . THR B 1 82  ? 15.302  5.289   -7.812  1.00 65.19  ? 83  THR B CB  1 
ATOM   1413 O OG1 . THR B 1 82  ? 15.915  5.456   -9.080  1.00 69.69  ? 83  THR B OG1 1 
ATOM   1414 C CG2 . THR B 1 82  ? 14.988  3.806   -7.606  1.00 67.67  ? 83  THR B CG2 1 
ATOM   1415 N N   . ASP B 1 83  ? 13.951  6.714   -5.397  1.00 52.30  ? 84  ASP B N   1 
ATOM   1416 C CA  . ASP B 1 83  ? 13.685  6.410   -3.990  1.00 48.68  ? 84  ASP B CA  1 
ATOM   1417 C C   . ASP B 1 83  ? 12.680  7.323   -3.353  1.00 45.52  ? 84  ASP B C   1 
ATOM   1418 O O   . ASP B 1 83  ? 12.323  7.111   -2.183  1.00 48.14  ? 84  ASP B O   1 
ATOM   1419 C CB  . ASP B 1 83  ? 14.991  6.485   -3.153  1.00 52.70  ? 84  ASP B CB  1 
ATOM   1420 C CG  . ASP B 1 83  ? 16.036  5.482   -3.594  1.00 56.42  ? 84  ASP B CG  1 
ATOM   1421 O OD1 . ASP B 1 83  ? 15.656  4.338   -3.872  1.00 56.13  ? 84  ASP B OD1 1 
ATOM   1422 O OD2 . ASP B 1 83  ? 17.253  5.818   -3.649  1.00 65.11  ? 84  ASP B OD2 1 
ATOM   1423 N N   . SER B 1 84  ? 12.263  8.361   -4.073  1.00 40.40  ? 85  SER B N   1 
ATOM   1424 C CA  . SER B 1 84  ? 11.285  9.323   -3.570  1.00 49.52  ? 85  SER B CA  1 
ATOM   1425 C C   . SER B 1 84  ? 9.885   8.634   -3.439  1.00 45.03  ? 85  SER B C   1 
ATOM   1426 O O   . SER B 1 84  ? 9.511   7.903   -4.316  1.00 42.90  ? 85  SER B O   1 
ATOM   1427 C CB  . SER B 1 84  ? 11.145  10.523  -4.542  1.00 46.26  ? 85  SER B CB  1 
ATOM   1428 O OG  . SER B 1 84  ? 12.319  11.238  -4.715  1.00 56.83  ? 85  SER B OG  1 
ATOM   1429 N N   . GLY B 1 85  ? 9.162   8.876   -2.346  1.00 47.62  ? 86  GLY B N   1 
ATOM   1430 C CA  . GLY B 1 85  ? 7.766   8.488   -2.251  1.00 46.92  ? 86  GLY B CA  1 
ATOM   1431 C C   . GLY B 1 85  ? 7.304   8.241   -0.851  1.00 45.34  ? 86  GLY B C   1 
ATOM   1432 O O   . GLY B 1 85  ? 7.863   8.801   0.113   1.00 42.31  ? 86  GLY B O   1 
ATOM   1433 N N   . VAL B 1 86  ? 6.247   7.423   -0.739  1.00 38.97  ? 87  VAL B N   1 
ATOM   1434 C CA  . VAL B 1 86  ? 5.681   7.057   0.539   1.00 37.38  ? 87  VAL B CA  1 
ATOM   1435 C C   . VAL B 1 86  ? 6.083   5.624   0.811   1.00 37.35  ? 87  VAL B C   1 
ATOM   1436 O O   . VAL B 1 86  ? 5.922   4.766   -0.108  1.00 37.85  ? 87  VAL B O   1 
ATOM   1437 C CB  . VAL B 1 86  ? 4.158   7.168   0.517   1.00 45.63  ? 87  VAL B CB  1 
ATOM   1438 C CG1 . VAL B 1 86  ? 3.584   6.832   1.894   1.00 44.97  ? 87  VAL B CG1 1 
ATOM   1439 C CG2 . VAL B 1 86  ? 3.781   8.590   0.158   1.00 54.79  ? 87  VAL B CG2 1 
ATOM   1440 N N   . TYR B 1 87  ? 6.620   5.368   2.028   1.00 34.07  ? 88  TYR B N   1 
ATOM   1441 C CA  . TYR B 1 87  ? 7.102   4.053   2.435   1.00 34.71  ? 88  TYR B CA  1 
ATOM   1442 C C   . TYR B 1 87  ? 6.118   3.542   3.459   1.00 36.17  ? 88  TYR B C   1 
ATOM   1443 O O   . TYR B 1 87  ? 5.742   4.260   4.361   1.00 36.43  ? 88  TYR B O   1 
ATOM   1444 C CB  . TYR B 1 87  ? 8.549   4.052   3.003   1.00 34.06  ? 88  TYR B CB  1 
ATOM   1445 C CG  . TYR B 1 87  ? 9.622   4.266   1.936   1.00 35.17  ? 88  TYR B CG  1 
ATOM   1446 C CD1 . TYR B 1 87  ? 9.748   5.474   1.280   1.00 37.41  ? 88  TYR B CD1 1 
ATOM   1447 C CD2 . TYR B 1 87  ? 10.436  3.253   1.538   1.00 34.33  ? 88  TYR B CD2 1 
ATOM   1448 C CE1 . TYR B 1 87  ? 10.665  5.641   0.264   1.00 34.95  ? 88  TYR B CE1 1 
ATOM   1449 C CE2 . TYR B 1 87  ? 11.333  3.403   0.523   1.00 36.08  ? 88  TYR B CE2 1 
ATOM   1450 C CZ  . TYR B 1 87  ? 11.473  4.604   -0.090  1.00 38.10  ? 88  TYR B CZ  1 
ATOM   1451 O OH  . TYR B 1 87  ? 12.417  4.733   -1.089  1.00 38.73  ? 88  TYR B OH  1 
ATOM   1452 N N   . VAL B 1 88  ? 5.754   2.271   3.311   1.00 35.55  ? 89  VAL B N   1 
ATOM   1453 C CA  . VAL B 1 88  ? 4.707   1.617   4.078   1.00 36.89  ? 89  VAL B CA  1 
ATOM   1454 C C   . VAL B 1 88  ? 5.131   0.236   4.528   1.00 32.68  ? 89  VAL B C   1 
ATOM   1455 O O   . VAL B 1 88  ? 5.747   -0.516  3.723   1.00 32.56  ? 89  VAL B O   1 
ATOM   1456 C CB  . VAL B 1 88  ? 3.431   1.416   3.211   1.00 37.39  ? 89  VAL B CB  1 
ATOM   1457 C CG1 . VAL B 1 88  ? 2.242   1.129   4.109   1.00 38.75  ? 89  VAL B CG1 1 
ATOM   1458 C CG2 . VAL B 1 88  ? 3.141   2.652   2.379   1.00 41.78  ? 89  VAL B CG2 1 
ATOM   1459 N N   . CYS B 1 89  ? 4.773   -0.097  5.766   1.00 33.00  ? 90  CYS B N   1 
ATOM   1460 C CA  . CYS B 1 89  ? 4.908   -1.450  6.277   1.00 41.08  ? 90  CYS B CA  1 
ATOM   1461 C C   . CYS B 1 89  ? 3.530   -1.951  6.723   1.00 39.84  ? 90  CYS B C   1 
ATOM   1462 O O   . CYS B 1 89  ? 2.731   -1.198  7.298   1.00 35.99  ? 90  CYS B O   1 
ATOM   1463 C CB  A CYS B 1 89  ? 5.979   -1.561  7.383   0.50 46.41  ? 90  CYS B CB  1 
ATOM   1464 C CB  B CYS B 1 89  ? 5.979   -1.561  7.383   0.50 46.42  ? 90  CYS B CB  1 
ATOM   1465 S SG  A CYS B 1 89  ? 5.700   -0.533  8.844   0.50 59.04  ? 90  CYS B SG  1 
ATOM   1466 S SG  B CYS B 1 89  ? 5.700   -0.533  8.844   0.50 59.05  ? 90  CYS B SG  1 
ATOM   1467 N N   . ALA B 1 90  ? 3.258   -3.217  6.432   1.00 35.55  ? 91  ALA B N   1 
ATOM   1468 C CA  . ALA B 1 90  ? 1.946   -3.778  6.662   1.00 37.55  ? 91  ALA B CA  1 
ATOM   1469 C C   . ALA B 1 90  ? 2.042   -5.175  7.228   1.00 34.25  ? 91  ALA B C   1 
ATOM   1470 O O   . ALA B 1 90  ? 2.529   -6.045  6.566   1.00 31.49  ? 91  ALA B O   1 
ATOM   1471 C CB  . ALA B 1 90  ? 1.205   -3.858  5.352   1.00 41.47  ? 91  ALA B CB  1 
ATOM   1472 N N   . ALA B 1 91  ? 1.505   -5.387  8.424   1.00 34.02  ? 92  ALA B N   1 
ATOM   1473 C CA  . ALA B 1 91  ? 1.543   -6.676  9.056   1.00 36.68  ? 92  ALA B CA  1 
ATOM   1474 C C   . ALA B 1 91  ? 0.279   -7.386  8.660   1.00 36.01  ? 92  ALA B C   1 
ATOM   1475 O O   . ALA B 1 91  ? -0.758  -6.825  8.667   1.00 39.19  ? 92  ALA B O   1 
ATOM   1476 C CB  . ALA B 1 91  ? 1.615   -6.529  10.581  1.00 32.56  ? 92  ALA B CB  1 
ATOM   1477 N N   . MET B 1 92  ? 0.354   -8.638  8.332   1.00 40.82  ? 93  MET B N   1 
ATOM   1478 C CA  . MET B 1 92  ? -0.835  -9.370  7.924   1.00 38.55  ? 93  MET B CA  1 
ATOM   1479 C C   . MET B 1 92  ? -1.323  -10.237 9.048   1.00 35.62  ? 93  MET B C   1 
ATOM   1480 O O   . MET B 1 92  ? -0.585  -11.039 9.587   1.00 36.90  ? 93  MET B O   1 
ATOM   1481 C CB  . MET B 1 92  ? -0.491  -10.264 6.744   1.00 43.07  ? 93  MET B CB  1 
ATOM   1482 C CG  . MET B 1 92  ? -1.621  -11.200 6.270   1.00 47.02  ? 93  MET B CG  1 
ATOM   1483 S SD  . MET B 1 92  ? -0.861  -12.124 4.924   1.00 63.95  ? 93  MET B SD  1 
ATOM   1484 C CE  . MET B 1 92  ? -0.008  -13.455 5.774   1.00 61.31  ? 93  MET B CE  1 
ATOM   1485 N N   . ASN B 1 93  ? -2.596  -10.194 9.328   1.00 37.66  ? 94  ASN B N   1 
ATOM   1486 C CA  . ASN B 1 93  ? -3.163  -11.131 10.280  1.00 40.18  ? 94  ASN B CA  1 
ATOM   1487 C C   . ASN B 1 93  ? -4.631  -11.109 10.031  1.00 33.96  ? 94  ASN B C   1 
ATOM   1488 O O   . ASN B 1 93  ? -5.130  -10.072 9.615   1.00 34.81  ? 94  ASN B O   1 
ATOM   1489 C CB  . ASN B 1 93  ? -2.871  -10.588 11.723  1.00 51.26  ? 94  ASN B CB  1 
ATOM   1490 C CG  . ASN B 1 93  ? -3.511  -11.435 12.792  1.00 63.78  ? 94  ASN B CG  1 
ATOM   1491 O OD1 . ASN B 1 93  ? -3.155  -12.603 12.947  1.00 66.70  ? 94  ASN B OD1 1 
ATOM   1492 N ND2 . ASN B 1 93  ? -4.506  -10.875 13.500  1.00 75.02  ? 94  ASN B ND2 1 
ATOM   1493 N N   . SER B 1 94  ? -5.357  -12.188 10.297  1.00 38.40  ? 95  SER B N   1 
ATOM   1494 C CA  . SER B 1 94  ? -6.835  -12.157 10.207  1.00 40.74  ? 95  SER B CA  1 
ATOM   1495 C C   . SER B 1 94  ? -7.388  -11.769 8.823   1.00 36.80  ? 95  SER B C   1 
ATOM   1496 O O   . SER B 1 94  ? -8.435  -11.133 8.729   1.00 35.29  ? 95  SER B O   1 
ATOM   1497 C CB  . SER B 1 94  ? -7.406  -11.178 11.246  1.00 42.31  ? 95  SER B CB  1 
ATOM   1498 O OG  . SER B 1 94  ? -7.179  -11.705 12.532  1.00 56.17  ? 95  SER B OG  1 
ATOM   1499 N N   . ASN B 1 95  ? -6.658  -12.142 7.781   1.00 35.92  ? 96  ASN B N   1 
ATOM   1500 C CA  . ASN B 1 95  ? -6.985  -11.815 6.383   1.00 39.35  ? 96  ASN B CA  1 
ATOM   1501 C C   . ASN B 1 95  ? -6.999  -10.297 6.096   1.00 41.52  ? 96  ASN B C   1 
ATOM   1502 O O   . ASN B 1 95  ? -7.764  -9.828  5.251   1.00 42.07  ? 96  ASN B O   1 
ATOM   1503 C CB  . ASN B 1 95  ? -8.349  -12.435 5.964   1.00 41.95  ? 96  ASN B CB  1 
ATOM   1504 C CG  . ASN B 1 95  ? -8.376  -13.941 6.087   1.00 44.20  ? 96  ASN B CG  1 
ATOM   1505 O OD1 . ASN B 1 95  ? -7.449  -14.614 5.672   1.00 40.97  ? 96  ASN B OD1 1 
ATOM   1506 N ND2 . ASN B 1 95  ? -9.450  -14.477 6.670   1.00 46.63  ? 96  ASN B ND2 1 
ATOM   1507 N N   . LYS B 1 96  ? -6.170  -9.535  6.802   1.00 37.17  ? 97  LYS B N   1 
ATOM   1508 C CA  . LYS B 1 96  ? -6.086  -8.107  6.601   1.00 35.26  ? 97  LYS B CA  1 
ATOM   1509 C C   . LYS B 1 96  ? -4.692  -7.562  6.956   1.00 35.92  ? 97  LYS B C   1 
ATOM   1510 O O   . LYS B 1 96  ? -3.849  -8.277  7.448   1.00 31.99  ? 97  LYS B O   1 
ATOM   1511 C CB  . LYS B 1 96  ? -7.154  -7.345  7.378   1.00 31.23  ? 97  LYS B CB  1 
ATOM   1512 C CG  . LYS B 1 96  ? -7.186  -7.554  8.858   1.00 36.91  ? 97  LYS B CG  1 
ATOM   1513 C CD  . LYS B 1 96  ? -8.062  -6.503  9.572   1.00 37.09  ? 97  LYS B CD  1 
ATOM   1514 C CE  . LYS B 1 96  ? -7.400  -5.123  9.574   1.00 40.92  ? 97  LYS B CE  1 
ATOM   1515 N NZ  . LYS B 1 96  ? -8.235  -4.083  10.278  1.00 44.49  ? 97  LYS B NZ  1 
ATOM   1516 N N   . LEU B 1 97  ? -4.485  -6.319  6.579   1.00 32.85  ? 98  LEU B N   1 
ATOM   1517 C CA  . LEU B 1 97  ? -3.314  -5.607  6.832   1.00 36.13  ? 98  LEU B CA  1 
ATOM   1518 C C   . LEU B 1 97  ? -3.520  -4.532  7.949   1.00 36.78  ? 98  LEU B C   1 
ATOM   1519 O O   . LEU B 1 97  ? -4.565  -3.847  8.037   1.00 32.58  ? 98  LEU B O   1 
ATOM   1520 C CB  . LEU B 1 97  ? -2.867  -4.994  5.529   1.00 34.27  ? 98  LEU B CB  1 
ATOM   1521 C CG  . LEU B 1 97  ? -2.698  -5.982  4.351   1.00 35.10  ? 98  LEU B CG  1 
ATOM   1522 C CD1 . LEU B 1 97  ? -2.144  -5.312  3.092   1.00 35.58  ? 98  LEU B CD1 1 
ATOM   1523 C CD2 . LEU B 1 97  ? -1.803  -7.080  4.759   1.00 34.28  ? 98  LEU B CD2 1 
ATOM   1524 N N   . PHE B 1 98  ? -2.450  -4.403  8.729   1.00 31.16  ? 99  PHE B N   1 
ATOM   1525 C CA  . PHE B 1 98  ? -2.252  -3.448  9.809   1.00 35.70  ? 99  PHE B CA  1 
ATOM   1526 C C   . PHE B 1 98  ? -1.068  -2.634  9.396   1.00 34.56  ? 99  PHE B C   1 
ATOM   1527 O O   . PHE B 1 98  ? -0.030  -3.187  9.102   1.00 38.35  ? 99  PHE B O   1 
ATOM   1528 C CB  . PHE B 1 98  ? -1.950  -4.195  11.089  1.00 35.58  ? 99  PHE B CB  1 
ATOM   1529 C CG  . PHE B 1 98  ? -3.138  -4.962  11.582  1.00 35.60  ? 99  PHE B CG  1 
ATOM   1530 C CD1 . PHE B 1 98  ? -3.354  -6.296  11.162  1.00 38.32  ? 99  PHE B CD1 1 
ATOM   1531 C CD2 . PHE B 1 98  ? -4.119  -4.307  12.353  1.00 35.28  ? 99  PHE B CD2 1 
ATOM   1532 C CE1 . PHE B 1 98  ? -4.498  -6.988  11.548  1.00 36.68  ? 99  PHE B CE1 1 
ATOM   1533 C CE2 . PHE B 1 98  ? -5.270  -4.992  12.780  1.00 36.86  ? 99  PHE B CE2 1 
ATOM   1534 C CZ  . PHE B 1 98  ? -5.447  -6.345  12.392  1.00 37.67  ? 99  PHE B CZ  1 
ATOM   1535 N N   . PHE B 1 99  ? -1.258  -1.336  9.284   1.00 35.96  ? 100 PHE B N   1 
ATOM   1536 C CA  . PHE B 1 99  ? -0.278  -0.477  8.729   1.00 34.03  ? 100 PHE B CA  1 
ATOM   1537 C C   . PHE B 1 99  ? 0.457   0.290   9.815   1.00 39.69  ? 100 PHE B C   1 
ATOM   1538 O O   . PHE B 1 99  ? -0.134  0.622   10.861  1.00 37.20  ? 100 PHE B O   1 
ATOM   1539 C CB  . PHE B 1 99  ? -0.918  0.499   7.762   1.00 32.90  ? 100 PHE B CB  1 
ATOM   1540 C CG  . PHE B 1 99  ? -1.502  -0.149  6.535   1.00 36.72  ? 100 PHE B CG  1 
ATOM   1541 C CD1 . PHE B 1 99  ? -0.698  -0.527  5.495   1.00 37.80  ? 100 PHE B CD1 1 
ATOM   1542 C CD2 . PHE B 1 99  ? -2.875  -0.329  6.409   1.00 37.22  ? 100 PHE B CD2 1 
ATOM   1543 C CE1 . PHE B 1 99  ? -1.229  -1.110  4.370   1.00 39.63  ? 100 PHE B CE1 1 
ATOM   1544 C CE2 . PHE B 1 99  ? -3.405  -0.930  5.309   1.00 34.22  ? 100 PHE B CE2 1 
ATOM   1545 C CZ  . PHE B 1 99  ? -2.596  -1.314  4.283   1.00 38.49  ? 100 PHE B CZ  1 
ATOM   1546 N N   . GLY B 1 100 ? 1.752   0.548   9.553   1.00 37.13  ? 101 GLY B N   1 
ATOM   1547 C CA  . GLY B 1 100 ? 2.536   1.455   10.372  1.00 39.57  ? 101 GLY B CA  1 
ATOM   1548 C C   . GLY B 1 100 ? 2.343   2.879   9.913   1.00 42.04  ? 101 GLY B C   1 
ATOM   1549 O O   . GLY B 1 100 ? 1.642   3.138   8.938   1.00 41.84  ? 101 GLY B O   1 
ATOM   1550 N N   . GLY B 1 101 ? 2.992   3.807   10.614  1.00 42.24  ? 102 GLY B N   1 
ATOM   1551 C CA  . GLY B 1 101 ? 3.021   5.206   10.213  1.00 40.59  ? 102 GLY B CA  1 
ATOM   1552 C C   . GLY B 1 101 ? 3.732   5.319   8.873   1.00 42.74  ? 102 GLY B C   1 
ATOM   1553 O O   . GLY B 1 101 ? 4.656   4.601   8.602   1.00 44.07  ? 102 GLY B O   1 
ATOM   1554 N N   . LEU B 1 102 ? 3.305   6.233   8.024   1.00 46.17  ? 103 LEU B N   1 
ATOM   1555 C CA  . LEU B 1 102 ? 3.946   6.388   6.731   1.00 46.12  ? 103 LEU B CA  1 
ATOM   1556 C C   . LEU B 1 102 ? 5.259   7.200   6.908   1.00 51.68  ? 103 LEU B C   1 
ATOM   1557 O O   . LEU B 1 102 ? 5.346   8.051   7.777   1.00 48.46  ? 103 LEU B O   1 
ATOM   1558 C CB  . LEU B 1 102 ? 2.998   7.110   5.794   1.00 46.69  ? 103 LEU B CB  1 
ATOM   1559 C CG  . LEU B 1 102 ? 1.543   6.606   5.736   1.00 51.98  ? 103 LEU B CG  1 
ATOM   1560 C CD1 . LEU B 1 102 ? 0.777   7.305   4.618   1.00 55.26  ? 103 LEU B CD1 1 
ATOM   1561 C CD2 . LEU B 1 102 ? 1.492   5.100   5.581   1.00 48.49  ? 103 LEU B CD2 1 
ATOM   1562 N N   . THR B 1 103 ? 6.247   6.923   6.080   1.00 47.65  ? 104 THR B N   1 
ATOM   1563 C CA  . THR B 1 103 ? 7.413   7.764   5.952   1.00 49.12  ? 104 THR B CA  1 
ATOM   1564 C C   . THR B 1 103 ? 7.435   8.279   4.511   1.00 46.30  ? 104 THR B C   1 
ATOM   1565 O O   . THR B 1 103 ? 7.481   7.497   3.584   1.00 48.40  ? 104 THR B O   1 
ATOM   1566 C CB  . THR B 1 103 ? 8.727   7.006   6.208   1.00 44.92  ? 104 THR B CB  1 
ATOM   1567 O OG1 . THR B 1 103 ? 8.723   6.424   7.500   1.00 43.89  ? 104 THR B OG1 1 
ATOM   1568 C CG2 . THR B 1 103 ? 9.931   7.945   6.076   1.00 46.39  ? 104 THR B CG2 1 
ATOM   1569 N N   . ARG B 1 104 ? 7.442   9.599   4.359   1.00 49.31  ? 105 ARG B N   1 
ATOM   1570 C CA  . ARG B 1 104 ? 7.458   10.264  3.101   1.00 54.76  ? 105 ARG B CA  1 
ATOM   1571 C C   . ARG B 1 104 ? 8.871   10.867  2.942   1.00 49.60  ? 105 ARG B C   1 
ATOM   1572 O O   . ARG B 1 104 ? 9.365   11.493  3.869   1.00 46.98  ? 105 ARG B O   1 
ATOM   1573 C CB  . ARG B 1 104 ? 6.318   11.307  3.107   1.00 74.60  ? 105 ARG B CB  1 
ATOM   1574 C CG  . ARG B 1 104 ? 5.785   11.670  1.714   1.00 98.96  ? 105 ARG B CG  1 
ATOM   1575 C CD  . ARG B 1 104 ? 4.651   12.704  1.720   1.00 115.45 ? 105 ARG B CD  1 
ATOM   1576 N NE  . ARG B 1 104 ? 4.899   13.779  0.734   1.00 129.10 ? 105 ARG B NE  1 
ATOM   1577 C CZ  . ARG B 1 104 ? 4.382   15.019  0.761   1.00 129.47 ? 105 ARG B CZ  1 
ATOM   1578 N NH1 . ARG B 1 104 ? 4.727   15.886  -0.191  1.00 126.52 ? 105 ARG B NH1 1 
ATOM   1579 N NH2 . ARG B 1 104 ? 3.535   15.419  1.715   1.00 124.79 ? 105 ARG B NH2 1 
ATOM   1580 N N   . ILE B 1 105 ? 9.541   10.605  1.814   1.00 46.11  ? 106 ILE B N   1 
ATOM   1581 C CA  . ILE B 1 105 ? 10.891  11.141  1.515   1.00 48.93  ? 106 ILE B CA  1 
ATOM   1582 C C   . ILE B 1 105 ? 10.947  11.685  0.094   1.00 51.17  ? 106 ILE B C   1 
ATOM   1583 O O   . ILE B 1 105 ? 10.368  11.081  -0.833  1.00 56.39  ? 106 ILE B O   1 
ATOM   1584 C CB  . ILE B 1 105 ? 12.068  10.128  1.751   1.00 49.37  ? 106 ILE B CB  1 
ATOM   1585 C CG1 . ILE B 1 105 ? 12.090  8.999   0.709   1.00 54.69  ? 106 ILE B CG1 1 
ATOM   1586 C CG2 . ILE B 1 105 ? 11.981  9.510   3.131   1.00 50.36  ? 106 ILE B CG2 1 
ATOM   1587 C CD1 . ILE B 1 105 ? 13.139  7.936   0.947   1.00 52.47  ? 106 ILE B CD1 1 
ATOM   1588 N N   . GLU B 1 106 ? 11.638  12.822  -0.068  1.00 55.40  ? 107 GLU B N   1 
ATOM   1589 C CA  . GLU B 1 106 ? 11.740  13.557  -1.342  1.00 59.12  ? 107 GLU B CA  1 
ATOM   1590 C C   . GLU B 1 106 ? 13.167  14.062  -1.521  1.00 57.30  ? 107 GLU B C   1 
ATOM   1591 O O   . GLU B 1 106 ? 13.926  14.076  -0.558  1.00 50.12  ? 107 GLU B O   1 
ATOM   1592 C CB  . GLU B 1 106 ? 10.743  14.743  -1.415  1.00 72.50  ? 107 GLU B CB  1 
ATOM   1593 C CG  . GLU B 1 106 ? 9.269   14.463  -1.026  1.00 86.64  ? 107 GLU B CG  1 
ATOM   1594 C CD  . GLU B 1 106 ? 8.514   13.480  -1.963  1.00 103.31 ? 107 GLU B CD  1 
ATOM   1595 O OE1 . GLU B 1 106 ? 8.683   13.559  -3.211  1.00 101.78 ? 107 GLU B OE1 1 
ATOM   1596 O OE2 . GLU B 1 106 ? 7.721   12.628  -1.456  1.00 98.54  ? 107 GLU B OE2 1 
ATOM   1597 N N   . GLY B 1 107 ? 13.518  14.431  -2.764  1.00 67.08  ? 108 GLY B N   1 
ATOM   1598 C CA  . GLY B 1 107 ? 14.802  15.067  -3.130  1.00 68.64  ? 108 GLY B CA  1 
ATOM   1599 C C   . GLY B 1 107 ? 14.901  16.615  -3.040  1.00 78.39  ? 108 GLY B C   1 
ATOM   1600 O O   . GLY B 1 107 ? 14.024  17.254  -2.465  1.00 70.89  ? 108 GLY B O   1 
ATOM   1601 N N   . GLU B 1 108 ? 15.975  17.191  -3.630  1.00 83.10  ? 109 GLU B N   1 
ATOM   1602 C CA  . GLU B 1 108 ? 16.400  18.615  -3.497  1.00 83.60  ? 109 GLU B CA  1 
ATOM   1603 C C   . GLU B 1 108 ? 16.592  19.108  -2.057  1.00 86.71  ? 109 GLU B C   1 
ATOM   1604 O O   . GLU B 1 108 ? 17.651  19.630  -1.689  1.00 81.30  ? 109 GLU B O   1 
ATOM   1605 C CB  . GLU B 1 108 ? 15.451  19.564  -4.226  1.00 86.58  ? 109 GLU B CB  1 
ATOM   1606 C CG  . GLU B 1 108 ? 15.437  19.338  -5.723  1.00 93.50  ? 109 GLU B CG  1 
ATOM   1607 C CD  . GLU B 1 108 ? 15.104  20.594  -6.491  1.00 94.43  ? 109 GLU B CD  1 
ATOM   1608 O OE1 . GLU B 1 108 ? 14.219  21.344  -6.022  1.00 88.93  ? 109 GLU B OE1 1 
ATOM   1609 O OE2 . GLU B 1 108 ? 15.730  20.819  -7.555  1.00 86.87  ? 109 GLU B OE2 1 
HETATM 1610 O O   . HOH C 2 .   ? -18.613 8.062   1.303   1.00 46.95  ? 201 HOH A O   1 
HETATM 1611 O O   . HOH C 2 .   ? -20.466 6.229   0.429   1.00 46.28  ? 202 HOH A O   1 
HETATM 1612 O O   . HOH C 2 .   ? -16.212 -15.749 2.400   1.00 38.61  ? 203 HOH A O   1 
HETATM 1613 O O   . HOH C 2 .   ? -3.260  -1.114  -7.065  1.00 49.42  ? 204 HOH A O   1 
HETATM 1614 O O   . HOH C 2 .   ? -8.595  -13.357 -5.863  1.00 41.74  ? 205 HOH A O   1 
HETATM 1615 O O   . HOH C 2 .   ? 3.568   -5.260  -8.278  1.00 44.61  ? 206 HOH A O   1 
HETATM 1616 O O   . HOH C 2 .   ? -10.493 -11.276 -6.213  1.00 39.80  ? 207 HOH A O   1 
HETATM 1617 O O   . HOH C 2 .   ? -10.775 -20.212 0.627   1.00 47.93  ? 208 HOH A O   1 
HETATM 1618 O O   . HOH C 2 .   ? -18.285 -13.201 -0.149  1.00 43.76  ? 209 HOH A O   1 
HETATM 1619 O O   . HOH C 2 .   ? -10.179 2.027   -10.675 1.00 48.44  ? 210 HOH A O   1 
HETATM 1620 O O   . HOH C 2 .   ? -5.600  6.963   -11.184 1.00 52.80  ? 211 HOH A O   1 
HETATM 1621 O O   . HOH C 2 .   ? -9.608  -8.324  -5.990  1.00 41.56  ? 212 HOH A O   1 
HETATM 1622 O O   . HOH C 2 .   ? -3.955  -16.753 -1.214  1.00 50.44  ? 213 HOH A O   1 
HETATM 1623 O O   . HOH C 2 .   ? -18.200 -15.901 0.471   1.00 50.50  ? 214 HOH A O   1 
HETATM 1624 O O   . HOH D 2 .   ? 19.257  4.659   -4.326  1.00 53.39  ? 201 HOH B O   1 
HETATM 1625 O O   . HOH D 2 .   ? -1.757  -0.461  12.365  1.00 50.41  ? 202 HOH B O   1 
HETATM 1626 O O   . HOH D 2 .   ? 7.444   -9.716  12.203  1.00 38.71  ? 203 HOH B O   1 
HETATM 1627 O O   . HOH D 2 .   ? -5.614  -2.047  9.560   1.00 35.94  ? 204 HOH B O   1 
HETATM 1628 O O   . HOH D 2 .   ? -6.590  -14.205 12.916  1.00 51.06  ? 205 HOH B O   1 
HETATM 1629 O O   . HOH D 2 .   ? 21.285  3.115   -2.867  1.00 46.84  ? 206 HOH B O   1 
HETATM 1630 O O   . HOH D 2 .   ? 9.320   -5.462  -6.646  1.00 39.89  ? 207 HOH B O   1 
HETATM 1631 O O   . HOH D 2 .   ? 1.487   -1.268  15.728  1.00 41.78  ? 208 HOH B O   1 
HETATM 1632 O O   . HOH D 2 .   ? 5.205   -6.340  12.264  1.00 40.52  ? 209 HOH B O   1 
HETATM 1633 O O   . HOH D 2 .   ? 6.930   2.907   -8.907  1.00 58.03  ? 210 HOH B O   1 
HETATM 1634 O O   . HOH D 2 .   ? 2.148   5.536   14.017  1.00 56.39  ? 211 HOH B O   1 
HETATM 1635 O O   . HOH D 2 .   ? 17.373  8.797   7.309   1.00 44.88  ? 212 HOH B O   1 
HETATM 1636 O O   . HOH D 2 .   ? 3.122   -5.985  13.626  1.00 39.06  ? 213 HOH B O   1 
HETATM 1637 O O   . HOH D 2 .   ? -3.684  -0.381  10.488  1.00 45.98  ? 214 HOH B O   1 
HETATM 1638 O O   . HOH D 2 .   ? 23.348  2.803   -4.310  1.00 50.42  ? 215 HOH B O   1 
HETATM 1639 O O   . HOH D 2 .   ? -0.764  4.725   8.603   1.00 49.71  ? 216 HOH B O   1 
HETATM 1640 O O   . HOH D 2 .   ? 6.718   -4.317  -7.226  1.00 40.04  ? 217 HOH B O   1 
HETATM 1641 O O   . HOH D 2 .   ? 20.038  -6.883  3.056   1.00 39.88  ? 218 HOH B O   1 
HETATM 1642 O O   . HOH D 2 .   ? 16.741  -9.619  -4.871  1.00 44.93  ? 219 HOH B O   1 
HETATM 1643 O O   . HOH D 2 .   ? 8.961   -5.253  9.665   1.00 41.65  ? 220 HOH B O   1 
HETATM 1644 O O   . HOH D 2 .   ? 12.006  -3.081  -5.914  1.00 71.12  ? 221 HOH B O   1 
HETATM 1645 O O   . HOH D 2 .   ? 10.292  -16.320 11.356  1.00 47.51  ? 222 HOH B O   1 
HETATM 1646 O O   . HOH D 2 .   ? -3.769  -13.211 7.570   1.00 45.78  ? 223 HOH B O   1 
HETATM 1647 O O   . HOH D 2 .   ? 13.854  -14.160 14.173  1.00 52.45  ? 224 HOH B O   1 
# 
